data_3GR4
#
_entry.id   3GR4
#
_cell.length_a   81.275
_cell.length_b   153.206
_cell.length_c   93.138
_cell.angle_alpha   90.000
_cell.angle_beta   102.910
_cell.angle_gamma   90.000
#
_symmetry.space_group_name_H-M   'P 1 21 1'
#
loop_
_entity.id
_entity.type
_entity.pdbx_description
1 polymer 'Pyruvate kinase isozymes M1/M2'
2 non-polymer 1,6-di-O-phosphono-beta-D-fructofuranose
3 non-polymer 'L(+)-TARTARIC ACID'
4 non-polymer 1-[(2,6-difluorophenyl)sulfonyl]-4-(2,3-dihydro-1,4-benzodioxin-6-ylsulfonyl)piperazine
5 non-polymer 'UNKNOWN ATOM OR ION'
6 non-polymer "ADENOSINE-5'-DIPHOSPHATE"
7 water water
#
_entity_poly.entity_id   1
_entity_poly.type   'polypeptide(L)'
_entity_poly.pdbx_seq_one_letter_code
;MGSSHHHHHHSSGLVPRGSMSKPHSEAGTAFIQTQQLHAAMADTFLEHMCRLDIDSPPITARNTGIICTIGPASRSVETL
KEMIKSGMNVARLNFSHGTHEYHAETIKNVRTATESFASDPILYRPVAVALDTKGPEIRTGLIKGSGTAEVELKKGATLK
ITLDNAYMEKCDENILWLDYKNICKVVEVGSKIYVDDGLISLQVKQKGADFLVTEVENGGSLGSKKGVNLPGAAVDLPAV
SEKDIQDLKFGVEQDVDMVFASFIRKASDVHEVRKVLGEKGKNIKIISKIENHEGVRRFDEILEASDGIMVARGDLGIEI
PAEKVFLAQKMMIGRCNRAGKPVICATQMLESMIKKPRPTRAEGSDVANAVLDGADCIMLSGETAKGDYPLEAVRMQHLI
AREAEAAIYHLQLFEELRRLAPITSDPTEATAVGAVEASFKCCSGAIIVLTKSGRSAHQVARYRPRAPIIAVTRNPQTAR
QAHLYRGIFPVLCKDPVQEAWAEDVDLRVNFAMNVGKARGFFKKGDVVIVLTGWRPGSGFTNTMRVVPVP
;
_entity_poly.pdbx_strand_id   A,B,C,D
#
loop_
_chem_comp.id
_chem_comp.type
_chem_comp.name
_chem_comp.formula
ADP non-polymer ADENOSINE-5'-DIPHOSPHATE 'C10 H15 N5 O10 P2'
DYY non-polymer 1-[(2,6-difluorophenyl)sulfonyl]-4-(2,3-dihydro-1,4-benzodioxin-6-ylsulfonyl)piperazine 'C18 H18 F2 N2 O6 S2'
FBP D-saccharide, beta linking 1,6-di-O-phosphono-beta-D-fructofuranose 'C6 H14 O12 P2'
TLA non-polymer 'L(+)-TARTARIC ACID' 'C4 H6 O6'
UNX non-polymer 'UNKNOWN ATOM OR ION' ?
#
# COMPACT_ATOMS: atom_id res chain seq x y z
N ILE A 32 -16.80 17.37 1.07
CA ILE A 32 -16.68 16.14 1.93
C ILE A 32 -18.05 15.47 2.19
N GLN A 33 -19.06 16.28 2.51
CA GLN A 33 -20.40 15.77 2.88
C GLN A 33 -21.28 15.35 1.68
N THR A 34 -20.76 15.43 0.46
CA THR A 34 -21.46 14.94 -0.74
C THR A 34 -20.55 13.97 -1.48
N GLN A 35 -21.14 13.17 -2.38
CA GLN A 35 -20.39 12.28 -3.28
C GLN A 35 -19.49 11.27 -2.56
N GLN A 36 -19.81 10.94 -1.30
CA GLN A 36 -18.99 10.02 -0.50
C GLN A 36 -17.51 10.46 -0.44
N LEU A 37 -17.26 11.77 -0.42
CA LEU A 37 -15.88 12.26 -0.44
C LEU A 37 -15.12 12.01 0.88
N HIS A 38 -15.84 11.89 1.98
CA HIS A 38 -15.22 11.48 3.25
C HIS A 38 -14.70 10.04 3.14
N ALA A 39 -15.56 9.13 2.67
CA ALA A 39 -15.10 7.78 2.42
C ALA A 39 -13.99 7.75 1.36
N ALA A 40 -14.01 8.70 0.41
CA ALA A 40 -13.05 8.71 -0.69
C ALA A 40 -11.62 8.90 -0.17
N MET A 41 -11.50 9.62 0.95
CA MET A 41 -10.21 9.99 1.52
C MET A 41 -9.63 8.95 2.51
N ALA A 42 -10.35 7.86 2.76
CA ALA A 42 -9.88 6.78 3.67
C ALA A 42 -8.56 6.21 3.19
N ASP A 43 -7.68 5.88 4.13
CA ASP A 43 -6.39 5.27 3.80
C ASP A 43 -6.43 3.75 3.64
N THR A 44 -7.55 3.12 4.03
CA THR A 44 -7.76 1.71 3.85
C THR A 44 -9.16 1.49 3.24
N PHE A 45 -9.34 0.34 2.63
CA PHE A 45 -10.64 -0.06 2.09
C PHE A 45 -11.63 -0.32 3.21
N LEU A 46 -11.17 -0.94 4.28
CA LEU A 46 -12.05 -1.12 5.43
C LEU A 46 -12.59 0.19 5.97
N GLU A 47 -11.73 1.20 6.13
CA GLU A 47 -12.19 2.49 6.62
C GLU A 47 -13.08 3.21 5.58
N HIS A 48 -12.77 3.01 4.30
CA HIS A 48 -13.63 3.48 3.21
C HIS A 48 -15.06 2.95 3.42
N MET A 49 -15.18 1.65 3.64
CA MET A 49 -16.50 1.01 3.87
C MET A 49 -17.15 1.66 5.09
N CYS A 50 -16.38 1.77 6.18
CA CYS A 50 -16.90 2.36 7.44
C CYS A 50 -17.46 3.77 7.32
N ARG A 51 -17.00 4.53 6.33
CA ARG A 51 -17.35 5.94 6.12
C ARG A 51 -18.47 6.17 5.08
N LEU A 52 -18.93 5.09 4.46
CA LEU A 52 -20.05 5.20 3.51
C LEU A 52 -21.26 5.77 4.23
N ASP A 53 -21.85 6.80 3.63
CA ASP A 53 -22.80 7.68 4.30
C ASP A 53 -24.09 7.85 3.50
N ILE A 54 -25.19 7.32 4.03
CA ILE A 54 -26.53 7.42 3.37
C ILE A 54 -27.06 8.85 3.30
N ASP A 55 -26.43 9.75 4.05
CA ASP A 55 -26.76 11.18 4.02
C ASP A 55 -25.72 11.99 3.20
N SER A 56 -24.87 11.29 2.43
CA SER A 56 -23.96 11.96 1.52
C SER A 56 -24.49 11.82 0.08
N PRO A 57 -25.19 12.85 -0.43
CA PRO A 57 -25.84 12.68 -1.74
C PRO A 57 -24.88 12.71 -2.93
N PRO A 58 -25.19 11.94 -3.98
CA PRO A 58 -24.36 11.84 -5.17
C PRO A 58 -24.43 13.08 -6.07
N ILE A 59 -23.48 13.20 -7.00
CA ILE A 59 -23.53 14.20 -8.08
C ILE A 59 -24.72 13.92 -9.02
N THR A 60 -24.95 14.81 -10.00
CA THR A 60 -26.01 14.61 -10.98
C THR A 60 -25.69 13.53 -12.01
N ALA A 61 -24.45 13.51 -12.48
CA ALA A 61 -24.07 12.66 -13.59
C ALA A 61 -24.08 11.19 -13.17
N ARG A 62 -24.63 10.33 -14.02
CA ARG A 62 -24.61 8.90 -13.81
C ARG A 62 -23.77 8.32 -14.93
N ASN A 63 -22.71 7.59 -14.58
CA ASN A 63 -21.64 7.15 -15.51
C ASN A 63 -21.87 5.78 -16.19
N THR A 64 -22.56 4.88 -15.51
CA THR A 64 -22.80 3.52 -15.99
C THR A 64 -23.97 3.49 -16.99
N GLY A 65 -23.67 3.04 -18.20
CA GLY A 65 -24.67 2.96 -19.26
C GLY A 65 -25.76 1.94 -18.94
N ILE A 66 -26.99 2.28 -19.33
CA ILE A 66 -28.17 1.44 -19.09
C ILE A 66 -28.66 0.95 -20.44
N ILE A 67 -28.65 -0.37 -20.60
CA ILE A 67 -29.11 -1.08 -21.83
C ILE A 67 -30.49 -1.65 -21.52
N CYS A 68 -31.48 -1.27 -22.34
CA CYS A 68 -32.83 -1.72 -22.14
C CYS A 68 -33.32 -2.56 -23.30
N THR A 69 -33.84 -3.73 -22.99
CA THR A 69 -34.42 -4.58 -24.00
C THR A 69 -35.82 -4.04 -24.34
N ILE A 70 -36.08 -3.85 -25.62
CA ILE A 70 -37.37 -3.27 -26.05
C ILE A 70 -38.29 -4.37 -26.57
N GLY A 71 -39.56 -4.30 -26.18
CA GLY A 71 -40.55 -5.31 -26.55
C GLY A 71 -41.92 -4.70 -26.35
N PRO A 72 -42.96 -5.54 -26.18
CA PRO A 72 -44.31 -5.01 -26.12
C PRO A 72 -44.57 -3.93 -25.09
N ALA A 73 -43.89 -4.00 -23.94
CA ALA A 73 -44.11 -3.03 -22.88
C ALA A 73 -43.43 -1.67 -23.12
N SER A 74 -42.53 -1.60 -24.09
CA SER A 74 -41.65 -0.44 -24.24
C SER A 74 -41.37 0.02 -25.66
N ARG A 75 -42.15 -0.51 -26.58
CA ARG A 75 -41.92 -0.38 -28.01
C ARG A 75 -42.62 0.85 -28.64
N SER A 76 -43.60 1.42 -27.96
CA SER A 76 -44.27 2.62 -28.49
C SER A 76 -43.36 3.84 -28.51
N VAL A 77 -43.55 4.72 -29.49
CA VAL A 77 -42.83 6.00 -29.47
C VAL A 77 -43.03 6.74 -28.15
N GLU A 78 -44.28 6.77 -27.66
CA GLU A 78 -44.60 7.49 -26.43
C GLU A 78 -43.77 6.98 -25.24
N THR A 79 -43.79 5.67 -25.07
CA THR A 79 -43.03 5.02 -23.98
C THR A 79 -41.54 5.17 -24.19
N LEU A 80 -41.05 4.99 -25.41
CA LEU A 80 -39.61 5.19 -25.70
C LEU A 80 -39.11 6.60 -25.35
N LYS A 81 -39.91 7.65 -25.58
CA LYS A 81 -39.49 8.97 -25.19
C LYS A 81 -39.26 8.98 -23.65
N GLU A 82 -40.15 8.32 -22.92
CA GLU A 82 -40.05 8.32 -21.47
C GLU A 82 -38.87 7.48 -21.00
N MET A 83 -38.54 6.44 -21.77
CA MET A 83 -37.41 5.55 -21.46
C MET A 83 -36.10 6.36 -21.59
N ILE A 84 -36.01 7.17 -22.65
CA ILE A 84 -34.88 8.07 -22.84
C ILE A 84 -34.77 9.08 -21.69
N LYS A 85 -35.88 9.72 -21.34
CA LYS A 85 -35.88 10.67 -20.24
C LYS A 85 -35.52 10.00 -18.90
N SER A 86 -35.83 8.71 -18.76
CA SER A 86 -35.57 7.97 -17.50
C SER A 86 -34.12 7.45 -17.41
N GLY A 87 -33.44 7.37 -18.56
CA GLY A 87 -32.00 7.10 -18.59
C GLY A 87 -31.51 6.04 -19.57
N MET A 88 -32.41 5.49 -20.40
CA MET A 88 -31.98 4.52 -21.41
C MET A 88 -30.92 5.06 -22.35
N ASN A 89 -29.80 4.33 -22.46
CA ASN A 89 -28.72 4.70 -23.38
C ASN A 89 -28.61 3.81 -24.62
N VAL A 90 -29.02 2.55 -24.49
CA VAL A 90 -28.95 1.60 -25.60
C VAL A 90 -30.26 0.79 -25.62
N ALA A 91 -30.87 0.67 -26.80
CA ALA A 91 -32.01 -0.19 -27.02
C ALA A 91 -31.53 -1.51 -27.56
N ARG A 92 -31.80 -2.58 -26.84
CA ARG A 92 -31.43 -3.93 -27.24
C ARG A 92 -32.62 -4.66 -27.84
N LEU A 93 -32.42 -5.24 -29.02
CA LEU A 93 -33.40 -6.10 -29.68
C LEU A 93 -32.98 -7.54 -29.66
N ASN A 94 -33.81 -8.38 -29.08
CA ASN A 94 -33.49 -9.76 -28.91
C ASN A 94 -34.07 -10.58 -30.04
N PHE A 95 -33.20 -11.07 -30.90
CA PHE A 95 -33.66 -11.79 -32.10
C PHE A 95 -34.00 -13.26 -31.87
N SER A 96 -33.97 -13.73 -30.61
CA SER A 96 -34.55 -15.01 -30.26
C SER A 96 -36.08 -14.99 -30.46
N HIS A 97 -36.67 -13.79 -30.49
CA HIS A 97 -38.13 -13.61 -30.71
C HIS A 97 -38.36 -12.60 -31.79
N GLY A 98 -39.52 -12.64 -32.45
CA GLY A 98 -39.92 -11.55 -33.35
C GLY A 98 -39.43 -11.72 -34.79
N THR A 99 -40.20 -11.21 -35.73
CA THR A 99 -39.82 -11.19 -37.15
C THR A 99 -39.04 -9.89 -37.47
N HIS A 100 -38.39 -9.85 -38.63
CA HIS A 100 -37.71 -8.65 -39.09
C HIS A 100 -38.67 -7.46 -39.22
N GLU A 101 -39.89 -7.70 -39.71
CA GLU A 101 -40.90 -6.63 -39.75
C GLU A 101 -41.09 -5.99 -38.37
N TYR A 102 -41.23 -6.84 -37.36
CA TYR A 102 -41.46 -6.38 -35.98
C TYR A 102 -40.27 -5.57 -35.49
N HIS A 103 -39.07 -6.11 -35.67
CA HIS A 103 -37.87 -5.41 -35.20
C HIS A 103 -37.61 -4.13 -35.96
N ALA A 104 -37.91 -4.12 -37.26
CA ALA A 104 -37.75 -2.90 -38.02
C ALA A 104 -38.62 -1.79 -37.51
N GLU A 105 -39.87 -2.14 -37.15
CA GLU A 105 -40.78 -1.17 -36.60
C GLU A 105 -40.31 -0.65 -35.20
N THR A 106 -39.83 -1.57 -34.37
CA THR A 106 -39.25 -1.18 -33.06
C THR A 106 -38.13 -0.17 -33.28
N ILE A 107 -37.22 -0.50 -34.22
CA ILE A 107 -36.09 0.38 -34.57
C ILE A 107 -36.56 1.75 -35.06
N LYS A 108 -37.58 1.76 -35.92
CA LYS A 108 -38.14 3.01 -36.39
C LYS A 108 -38.68 3.84 -35.24
N ASN A 109 -39.37 3.19 -34.31
CA ASN A 109 -39.93 3.88 -33.15
C ASN A 109 -38.84 4.43 -32.21
N VAL A 110 -37.78 3.67 -32.03
CA VAL A 110 -36.60 4.15 -31.23
C VAL A 110 -36.05 5.44 -31.82
N ARG A 111 -35.87 5.44 -33.14
CA ARG A 111 -35.33 6.62 -33.82
C ARG A 111 -36.31 7.78 -33.83
N THR A 112 -37.61 7.52 -34.02
CA THR A 112 -38.59 8.62 -33.90
C THR A 112 -38.54 9.26 -32.49
N ALA A 113 -38.52 8.43 -31.45
CA ALA A 113 -38.46 8.92 -30.07
C ALA A 113 -37.17 9.74 -29.81
N THR A 114 -36.06 9.16 -30.24
CA THR A 114 -34.73 9.76 -30.05
C THR A 114 -34.61 11.09 -30.80
N GLU A 115 -34.99 11.12 -32.07
CA GLU A 115 -34.92 12.36 -32.84
C GLU A 115 -35.98 13.41 -32.48
N SER A 116 -37.00 13.04 -31.68
CA SER A 116 -37.94 14.08 -31.16
C SER A 116 -37.25 15.15 -30.31
N PHE A 117 -36.08 14.82 -29.77
CA PHE A 117 -35.29 15.76 -28.94
C PHE A 117 -34.15 16.44 -29.70
N ALA A 118 -34.03 16.18 -31.00
CA ALA A 118 -32.89 16.64 -31.82
C ALA A 118 -32.84 18.15 -32.09
N SER A 119 -33.98 18.83 -31.96
CA SER A 119 -34.04 20.27 -32.29
C SER A 119 -33.07 21.11 -31.45
N ASP A 120 -32.81 20.71 -30.20
CA ASP A 120 -31.79 21.36 -29.38
C ASP A 120 -30.61 20.42 -29.10
N PRO A 121 -29.50 20.57 -29.85
CA PRO A 121 -28.36 19.66 -29.69
C PRO A 121 -27.73 19.65 -28.31
N ILE A 122 -27.88 20.76 -27.57
CA ILE A 122 -27.38 20.87 -26.21
C ILE A 122 -28.04 19.84 -25.26
N LEU A 123 -29.30 19.55 -25.50
CA LEU A 123 -30.06 18.62 -24.65
C LEU A 123 -30.26 17.23 -25.24
N TYR A 124 -30.00 17.07 -26.54
CA TYR A 124 -30.17 15.81 -27.25
C TYR A 124 -29.29 14.71 -26.66
N ARG A 125 -29.90 13.55 -26.42
CA ARG A 125 -29.22 12.37 -25.88
C ARG A 125 -29.14 11.31 -26.98
N PRO A 126 -27.92 10.98 -27.46
CA PRO A 126 -27.79 9.87 -28.39
C PRO A 126 -28.28 8.56 -27.79
N VAL A 127 -28.87 7.70 -28.62
CA VAL A 127 -29.37 6.37 -28.21
C VAL A 127 -28.87 5.34 -29.18
N ALA A 128 -28.13 4.35 -28.67
CA ALA A 128 -27.57 3.30 -29.50
C ALA A 128 -28.60 2.20 -29.75
N VAL A 129 -28.44 1.47 -30.85
CA VAL A 129 -29.28 0.31 -31.16
C VAL A 129 -28.43 -0.94 -31.22
N ALA A 130 -28.82 -1.95 -30.44
CA ALA A 130 -28.09 -3.21 -30.32
C ALA A 130 -28.87 -4.41 -30.81
N LEU A 131 -28.27 -5.20 -31.69
CA LEU A 131 -28.85 -6.45 -32.15
C LEU A 131 -28.29 -7.63 -31.38
N ASP A 132 -29.16 -8.33 -30.64
CA ASP A 132 -28.75 -9.49 -29.86
C ASP A 132 -29.18 -10.77 -30.58
N THR A 133 -28.18 -11.54 -31.01
CA THR A 133 -28.44 -12.71 -31.84
C THR A 133 -29.14 -13.87 -31.13
N LYS A 134 -29.89 -14.66 -31.89
CA LYS A 134 -30.42 -15.92 -31.37
C LYS A 134 -29.25 -16.86 -31.04
N GLY A 135 -28.37 -17.10 -32.01
CA GLY A 135 -27.24 -17.99 -31.84
C GLY A 135 -27.66 -19.44 -31.68
N PRO A 136 -26.73 -20.27 -31.20
CA PRO A 136 -27.05 -21.69 -31.12
C PRO A 136 -27.89 -22.05 -29.88
N GLU A 137 -29.17 -21.71 -29.97
CA GLU A 137 -30.17 -22.01 -28.95
C GLU A 137 -30.87 -23.30 -29.20
N ILE A 138 -31.31 -23.94 -28.12
CA ILE A 138 -32.28 -25.01 -28.19
C ILE A 138 -33.60 -24.52 -27.58
N ARG A 139 -34.71 -24.72 -28.31
CA ARG A 139 -36.04 -24.34 -27.83
C ARG A 139 -37.08 -25.41 -28.02
N THR A 140 -38.06 -25.43 -27.13
CA THR A 140 -39.16 -26.36 -27.23
C THR A 140 -40.21 -25.84 -28.24
N GLY A 141 -41.24 -26.66 -28.47
CA GLY A 141 -42.35 -26.32 -29.36
C GLY A 141 -43.52 -25.63 -28.68
N LEU A 142 -44.64 -25.57 -29.39
CA LEU A 142 -45.87 -24.95 -28.90
C LEU A 142 -46.67 -25.90 -28.04
N ILE A 143 -47.00 -25.45 -26.83
CA ILE A 143 -47.95 -26.15 -25.96
C ILE A 143 -49.37 -26.10 -26.54
N LYS A 144 -49.85 -27.27 -26.96
CA LYS A 144 -51.19 -27.43 -27.51
C LYS A 144 -51.54 -26.40 -28.58
N GLY A 145 -50.57 -26.14 -29.46
CA GLY A 145 -50.81 -25.32 -30.67
C GLY A 145 -50.83 -23.83 -30.49
N SER A 146 -50.60 -23.36 -29.26
CA SER A 146 -50.66 -21.94 -28.95
C SER A 146 -49.40 -21.43 -28.28
N GLY A 147 -49.01 -20.21 -28.66
CA GLY A 147 -47.80 -19.59 -28.14
C GLY A 147 -47.87 -19.25 -26.67
N THR A 148 -49.08 -19.14 -26.13
CA THR A 148 -49.27 -18.70 -24.75
C THR A 148 -49.92 -19.76 -23.85
N ALA A 149 -50.15 -20.95 -24.40
CA ALA A 149 -50.75 -22.02 -23.63
C ALA A 149 -49.71 -22.58 -22.67
N GLU A 150 -50.18 -23.22 -21.60
CA GLU A 150 -49.31 -23.82 -20.61
C GLU A 150 -49.91 -25.11 -20.09
N VAL A 151 -49.05 -26.03 -19.65
CA VAL A 151 -49.45 -27.24 -18.92
C VAL A 151 -48.59 -27.31 -17.65
N GLU A 152 -49.17 -27.79 -16.55
CA GLU A 152 -48.45 -27.90 -15.28
C GLU A 152 -47.81 -29.30 -15.15
N LEU A 153 -46.47 -29.35 -15.19
CA LEU A 153 -45.73 -30.61 -15.04
C LEU A 153 -45.54 -30.96 -13.55
N LYS A 154 -46.26 -31.99 -13.08
CA LYS A 154 -46.12 -32.47 -11.70
C LYS A 154 -44.81 -33.28 -11.56
N LYS A 155 -44.14 -33.15 -10.40
CA LYS A 155 -42.89 -33.89 -10.13
C LYS A 155 -43.17 -35.38 -9.99
N GLY A 156 -42.19 -36.20 -10.37
CA GLY A 156 -42.33 -37.64 -10.34
C GLY A 156 -43.28 -38.13 -11.42
N ALA A 157 -43.33 -37.38 -12.53
CA ALA A 157 -44.09 -37.77 -13.70
C ALA A 157 -43.11 -38.18 -14.78
N THR A 158 -43.66 -38.66 -15.89
CA THR A 158 -42.86 -39.12 -17.01
C THR A 158 -43.15 -38.22 -18.21
N LEU A 159 -42.10 -37.85 -18.93
CA LEU A 159 -42.23 -36.95 -20.07
C LEU A 159 -41.34 -37.43 -21.19
N LYS A 160 -41.92 -37.59 -22.38
CA LYS A 160 -41.14 -37.96 -23.57
C LYS A 160 -40.73 -36.70 -24.37
N ILE A 161 -39.46 -36.59 -24.66
CA ILE A 161 -38.94 -35.58 -25.58
C ILE A 161 -38.87 -36.22 -26.98
N THR A 162 -39.35 -35.52 -28.02
CA THR A 162 -39.24 -36.01 -29.41
C THR A 162 -38.66 -34.97 -30.37
N LEU A 163 -38.08 -35.45 -31.46
CA LEU A 163 -37.63 -34.57 -32.55
C LEU A 163 -38.57 -34.67 -33.76
N ASP A 164 -39.56 -35.55 -33.66
CA ASP A 164 -40.59 -35.71 -34.70
C ASP A 164 -41.43 -34.43 -34.83
N ASN A 165 -41.25 -33.73 -35.95
CA ASN A 165 -41.91 -32.43 -36.17
C ASN A 165 -43.44 -32.50 -36.19
N ALA A 166 -43.99 -33.71 -36.28
CA ALA A 166 -45.42 -33.94 -36.12
C ALA A 166 -45.96 -33.34 -34.81
N TYR A 167 -45.09 -33.26 -33.79
CA TYR A 167 -45.46 -32.79 -32.45
C TYR A 167 -44.90 -31.40 -32.15
N MET A 168 -44.35 -30.72 -33.15
CA MET A 168 -43.68 -29.42 -32.94
C MET A 168 -44.66 -28.34 -32.47
N GLU A 169 -45.95 -28.59 -32.70
CA GLU A 169 -47.00 -27.69 -32.22
C GLU A 169 -48.04 -28.43 -31.38
N LYS A 170 -47.68 -29.59 -30.85
CA LYS A 170 -48.61 -30.40 -30.07
C LYS A 170 -47.95 -30.85 -28.77
N CYS A 171 -47.15 -29.96 -28.16
CA CYS A 171 -46.51 -30.25 -26.88
C CYS A 171 -47.56 -30.23 -25.78
N ASP A 172 -47.34 -31.02 -24.75
CA ASP A 172 -48.27 -31.09 -23.62
C ASP A 172 -47.65 -31.81 -22.42
N GLU A 173 -48.48 -32.24 -21.47
CA GLU A 173 -48.00 -32.90 -20.24
C GLU A 173 -47.14 -34.16 -20.49
N ASN A 174 -47.31 -34.79 -21.66
CA ASN A 174 -46.75 -36.12 -21.95
C ASN A 174 -45.65 -36.15 -23.01
N ILE A 175 -45.73 -35.26 -23.99
CA ILE A 175 -44.76 -35.23 -25.09
C ILE A 175 -44.25 -33.80 -25.30
N LEU A 176 -42.94 -33.66 -25.46
CA LEU A 176 -42.30 -32.36 -25.66
C LEU A 176 -41.32 -32.39 -26.85
N TRP A 177 -41.64 -31.67 -27.91
CA TRP A 177 -40.74 -31.52 -29.05
C TRP A 177 -39.75 -30.38 -28.77
N LEU A 178 -38.53 -30.54 -29.26
CA LEU A 178 -37.56 -29.46 -29.26
C LEU A 178 -36.79 -29.49 -30.56
N ASP A 179 -36.07 -28.41 -30.85
CA ASP A 179 -35.61 -28.14 -32.23
C ASP A 179 -34.15 -28.50 -32.51
N TYR A 180 -33.49 -29.15 -31.55
CA TYR A 180 -32.11 -29.57 -31.70
C TYR A 180 -32.13 -30.97 -32.29
N LYS A 181 -32.08 -31.03 -33.62
CA LYS A 181 -32.16 -32.29 -34.37
C LYS A 181 -31.13 -33.28 -33.85
N ASN A 182 -29.89 -32.82 -33.70
CA ASN A 182 -28.77 -33.72 -33.34
C ASN A 182 -28.62 -34.01 -31.82
N ILE A 183 -29.68 -33.76 -31.03
CA ILE A 183 -29.60 -33.86 -29.56
C ILE A 183 -29.19 -35.25 -29.07
N CYS A 184 -29.72 -36.28 -29.72
CA CYS A 184 -29.54 -37.65 -29.21
C CYS A 184 -28.07 -38.09 -29.19
N LYS A 185 -27.27 -37.61 -30.15
CA LYS A 185 -25.85 -37.97 -30.27
C LYS A 185 -24.99 -37.44 -29.11
N VAL A 186 -25.40 -36.32 -28.51
CA VAL A 186 -24.59 -35.60 -27.52
C VAL A 186 -25.04 -35.80 -26.04
N VAL A 187 -26.20 -36.45 -25.84
CA VAL A 187 -26.73 -36.79 -24.51
C VAL A 187 -26.60 -38.29 -24.23
N GLU A 188 -26.65 -38.66 -22.95
CA GLU A 188 -26.56 -40.06 -22.52
C GLU A 188 -27.60 -40.33 -21.45
N VAL A 189 -27.80 -41.60 -21.10
CA VAL A 189 -28.72 -41.93 -19.99
C VAL A 189 -28.17 -41.31 -18.71
N GLY A 190 -29.06 -40.85 -17.83
CA GLY A 190 -28.66 -40.10 -16.62
C GLY A 190 -28.36 -38.61 -16.85
N SER A 191 -28.09 -38.20 -18.09
CA SER A 191 -27.93 -36.79 -18.43
C SER A 191 -29.11 -36.00 -17.91
N LYS A 192 -28.85 -34.76 -17.50
CA LYS A 192 -29.89 -33.85 -17.02
C LYS A 192 -30.21 -32.82 -18.11
N ILE A 193 -31.50 -32.52 -18.26
CA ILE A 193 -31.99 -31.55 -19.25
C ILE A 193 -32.82 -30.51 -18.52
N TYR A 194 -32.51 -29.23 -18.76
CA TYR A 194 -33.14 -28.14 -18.06
C TYR A 194 -33.98 -27.34 -19.06
N VAL A 195 -35.17 -26.92 -18.62
CA VAL A 195 -36.10 -26.15 -19.44
C VAL A 195 -36.58 -24.89 -18.72
N ASP A 196 -36.69 -23.80 -19.48
CA ASP A 196 -37.17 -22.50 -19.00
C ASP A 196 -36.33 -21.90 -17.84
N ASP A 197 -35.22 -21.24 -18.21
CA ASP A 197 -34.33 -20.60 -17.24
C ASP A 197 -33.84 -21.60 -16.20
N GLY A 198 -33.65 -22.86 -16.61
CA GLY A 198 -33.10 -23.87 -15.74
C GLY A 198 -34.02 -24.28 -14.60
N LEU A 199 -35.28 -23.87 -14.65
CA LEU A 199 -36.22 -24.09 -13.54
C LEU A 199 -36.85 -25.48 -13.58
N ILE A 200 -37.22 -25.94 -14.77
CA ILE A 200 -37.71 -27.31 -14.94
C ILE A 200 -36.51 -28.20 -15.17
N SER A 201 -36.49 -29.35 -14.50
CA SER A 201 -35.34 -30.21 -14.49
C SER A 201 -35.79 -31.63 -14.93
N LEU A 202 -35.07 -32.24 -15.86
CA LEU A 202 -35.41 -33.60 -16.35
C LEU A 202 -34.20 -34.52 -16.35
N GLN A 203 -34.45 -35.80 -16.03
CA GLN A 203 -33.41 -36.83 -16.12
C GLN A 203 -33.66 -37.85 -17.23
N VAL A 204 -32.67 -38.03 -18.11
CA VAL A 204 -32.77 -38.98 -19.22
C VAL A 204 -32.72 -40.42 -18.69
N LYS A 205 -33.76 -41.19 -19.00
CA LYS A 205 -33.87 -42.58 -18.55
C LYS A 205 -33.53 -43.55 -19.71
N GLN A 206 -34.09 -43.31 -20.90
CA GLN A 206 -33.81 -44.10 -22.11
C GLN A 206 -33.60 -43.21 -23.35
N LYS A 207 -32.87 -43.73 -24.35
CA LYS A 207 -32.67 -43.06 -25.65
C LYS A 207 -33.30 -43.87 -26.81
N GLY A 208 -33.87 -43.18 -27.79
CA GLY A 208 -34.40 -43.81 -29.01
C GLY A 208 -33.84 -43.16 -30.27
N ALA A 209 -34.31 -43.60 -31.44
CA ALA A 209 -33.83 -43.06 -32.73
C ALA A 209 -33.97 -41.53 -32.78
N ASP A 210 -35.14 -41.03 -32.38
CA ASP A 210 -35.42 -39.58 -32.42
C ASP A 210 -36.25 -39.14 -31.19
N PHE A 211 -35.95 -39.73 -30.03
CA PHE A 211 -36.62 -39.37 -28.79
C PHE A 211 -35.77 -39.62 -27.53
N LEU A 212 -36.28 -39.14 -26.39
CA LEU A 212 -35.68 -39.36 -25.07
C LEU A 212 -36.82 -39.48 -24.06
N VAL A 213 -36.88 -40.58 -23.32
CA VAL A 213 -37.85 -40.73 -22.23
C VAL A 213 -37.24 -40.25 -20.92
N THR A 214 -37.94 -39.31 -20.26
CA THR A 214 -37.41 -38.64 -19.06
C THR A 214 -38.43 -38.59 -17.92
N GLU A 215 -37.90 -38.50 -16.69
CA GLU A 215 -38.71 -38.25 -15.50
C GLU A 215 -38.47 -36.81 -14.99
N VAL A 216 -39.57 -36.15 -14.61
CA VAL A 216 -39.54 -34.76 -14.15
C VAL A 216 -38.96 -34.68 -12.73
N GLU A 217 -37.74 -34.12 -12.64
CA GLU A 217 -37.01 -33.99 -11.38
C GLU A 217 -37.49 -32.75 -10.60
N ASN A 218 -37.65 -31.62 -11.30
CA ASN A 218 -38.32 -30.44 -10.76
C ASN A 218 -39.41 -30.00 -11.71
N GLY A 219 -40.62 -29.85 -11.19
CA GLY A 219 -41.78 -29.58 -12.02
C GLY A 219 -42.10 -28.11 -12.08
N GLY A 220 -43.33 -27.80 -12.46
CA GLY A 220 -43.77 -26.41 -12.59
C GLY A 220 -44.48 -26.26 -13.91
N SER A 221 -44.94 -25.04 -14.20
CA SER A 221 -45.66 -24.81 -15.44
C SER A 221 -44.68 -24.82 -16.63
N LEU A 222 -45.13 -25.43 -17.73
CA LEU A 222 -44.37 -25.57 -18.96
C LEU A 222 -45.09 -24.82 -20.05
N GLY A 223 -44.43 -23.80 -20.60
CA GLY A 223 -44.99 -23.02 -21.67
C GLY A 223 -44.36 -23.36 -23.01
N SER A 224 -44.67 -22.53 -24.00
CA SER A 224 -44.23 -22.72 -25.38
C SER A 224 -42.85 -22.09 -25.65
N LYS A 225 -42.08 -22.76 -26.49
CA LYS A 225 -40.82 -22.21 -27.04
C LYS A 225 -39.87 -21.72 -25.95
N LYS A 226 -39.64 -22.59 -24.98
CA LYS A 226 -38.77 -22.30 -23.86
C LYS A 226 -37.35 -22.80 -24.11
N GLY A 227 -36.39 -22.11 -23.48
CA GLY A 227 -34.99 -22.42 -23.63
C GLY A 227 -34.62 -23.71 -22.95
N VAL A 228 -33.81 -24.51 -23.63
CA VAL A 228 -33.35 -25.78 -23.10
C VAL A 228 -31.85 -25.80 -22.96
N ASN A 229 -31.36 -26.30 -21.82
CA ASN A 229 -29.91 -26.43 -21.58
C ASN A 229 -29.50 -27.86 -21.29
N LEU A 230 -28.33 -28.21 -21.80
CA LEU A 230 -27.70 -29.52 -21.62
C LEU A 230 -26.31 -29.30 -21.00
N PRO A 231 -26.26 -29.01 -19.67
CA PRO A 231 -24.97 -28.61 -19.11
C PRO A 231 -23.88 -29.66 -19.21
N GLY A 232 -24.24 -30.94 -19.14
CA GLY A 232 -23.27 -32.01 -19.32
C GLY A 232 -22.60 -32.03 -20.71
N ALA A 233 -23.34 -31.63 -21.73
CA ALA A 233 -23.07 -32.03 -23.12
C ALA A 233 -22.37 -30.99 -24.00
N ALA A 234 -21.66 -31.49 -25.01
CA ALA A 234 -21.05 -30.63 -26.02
C ALA A 234 -22.02 -30.42 -27.18
N VAL A 235 -22.79 -29.34 -27.10
CA VAL A 235 -23.77 -28.99 -28.11
C VAL A 235 -23.02 -28.54 -29.37
N ASP A 236 -23.41 -29.11 -30.52
CA ASP A 236 -22.63 -28.97 -31.76
C ASP A 236 -23.30 -28.09 -32.84
N LEU A 237 -24.15 -27.17 -32.41
CA LEU A 237 -24.84 -26.28 -33.32
C LEU A 237 -23.85 -25.26 -33.90
N PRO A 238 -24.21 -24.64 -35.04
CA PRO A 238 -23.32 -23.66 -35.65
C PRO A 238 -23.15 -22.42 -34.80
N ALA A 239 -21.94 -21.88 -34.78
CA ALA A 239 -21.70 -20.57 -34.15
C ALA A 239 -22.60 -19.50 -34.77
N VAL A 240 -22.78 -19.56 -36.08
CA VAL A 240 -23.59 -18.61 -36.82
C VAL A 240 -24.48 -19.39 -37.79
N SER A 241 -25.76 -19.52 -37.43
CA SER A 241 -26.75 -20.31 -38.21
C SER A 241 -27.26 -19.54 -39.39
N GLU A 242 -28.11 -20.18 -40.20
CA GLU A 242 -28.74 -19.47 -41.33
C GLU A 242 -29.55 -18.30 -40.81
N LYS A 243 -30.29 -18.54 -39.73
CA LYS A 243 -31.08 -17.47 -39.11
C LYS A 243 -30.19 -16.32 -38.68
N ASP A 244 -29.05 -16.62 -38.04
CA ASP A 244 -28.11 -15.57 -37.62
C ASP A 244 -27.55 -14.78 -38.81
N ILE A 245 -27.26 -15.48 -39.93
CA ILE A 245 -26.84 -14.79 -41.16
C ILE A 245 -27.89 -13.82 -41.63
N GLN A 246 -29.13 -14.26 -41.64
CA GLN A 246 -30.23 -13.34 -42.03
C GLN A 246 -30.34 -12.14 -41.13
N ASP A 247 -30.20 -12.38 -39.81
CA ASP A 247 -30.39 -11.33 -38.84
C ASP A 247 -29.25 -10.28 -38.86
N LEU A 248 -28.05 -10.76 -39.10
CA LEU A 248 -26.87 -9.91 -39.16
C LEU A 248 -26.91 -9.02 -40.40
N LYS A 249 -27.38 -9.58 -41.52
CA LYS A 249 -27.64 -8.81 -42.74
C LYS A 249 -28.62 -7.71 -42.47
N PHE A 250 -29.72 -8.08 -41.79
CA PHE A 250 -30.73 -7.12 -41.40
C PHE A 250 -30.08 -6.02 -40.53
N GLY A 251 -29.19 -6.43 -39.61
CA GLY A 251 -28.57 -5.46 -38.71
C GLY A 251 -27.76 -4.42 -39.47
N VAL A 252 -27.03 -4.91 -40.48
CA VAL A 252 -26.26 -4.00 -41.34
C VAL A 252 -27.20 -3.06 -42.11
N GLU A 253 -28.25 -3.64 -42.70
CA GLU A 253 -29.24 -2.85 -43.43
C GLU A 253 -29.89 -1.79 -42.56
N GLN A 254 -30.14 -2.13 -41.29
CA GLN A 254 -30.81 -1.23 -40.37
C GLN A 254 -29.86 -0.29 -39.60
N ASP A 255 -28.56 -0.34 -39.94
CA ASP A 255 -27.54 0.58 -39.38
C ASP A 255 -27.41 0.44 -37.84
N VAL A 256 -27.44 -0.79 -37.34
CA VAL A 256 -27.29 -1.03 -35.89
C VAL A 256 -25.87 -0.64 -35.46
N ASP A 257 -25.72 -0.30 -34.19
CA ASP A 257 -24.42 0.17 -33.66
C ASP A 257 -23.54 -0.95 -33.16
N MET A 258 -24.15 -2.04 -32.74
CA MET A 258 -23.44 -3.11 -32.11
C MET A 258 -24.22 -4.37 -32.20
N VAL A 259 -23.51 -5.49 -32.17
CA VAL A 259 -24.10 -6.84 -32.10
C VAL A 259 -23.69 -7.52 -30.79
N PHE A 260 -24.67 -8.05 -30.07
CA PHE A 260 -24.40 -8.83 -28.89
C PHE A 260 -24.48 -10.25 -29.37
N ALA A 261 -23.33 -10.91 -29.52
CA ALA A 261 -23.31 -12.27 -30.10
C ALA A 261 -23.43 -13.39 -29.09
N SER A 262 -24.55 -14.11 -29.15
CA SER A 262 -24.88 -15.18 -28.22
C SER A 262 -24.00 -16.42 -28.31
N PHE A 263 -23.66 -16.97 -27.13
CA PHE A 263 -23.01 -18.28 -26.98
C PHE A 263 -21.60 -18.37 -27.56
N ILE A 264 -20.85 -17.27 -27.51
CA ILE A 264 -19.49 -17.30 -28.02
C ILE A 264 -18.66 -18.24 -27.16
N ARG A 265 -18.04 -19.24 -27.81
CA ARG A 265 -17.26 -20.28 -27.12
C ARG A 265 -15.75 -20.12 -27.27
N LYS A 266 -15.30 -19.39 -28.29
CA LYS A 266 -13.87 -19.37 -28.66
C LYS A 266 -13.64 -18.26 -29.64
N ALA A 267 -12.38 -17.87 -29.89
CA ALA A 267 -12.11 -16.69 -30.71
C ALA A 267 -12.61 -16.88 -32.15
N SER A 268 -12.58 -18.12 -32.62
CA SER A 268 -12.99 -18.38 -34.00
C SER A 268 -14.49 -18.07 -34.21
N ASP A 269 -15.29 -18.20 -33.15
CA ASP A 269 -16.73 -17.81 -33.25
C ASP A 269 -16.85 -16.30 -33.47
N VAL A 270 -16.03 -15.52 -32.76
CA VAL A 270 -16.01 -14.08 -32.90
C VAL A 270 -15.58 -13.70 -34.31
N HIS A 271 -14.52 -14.33 -34.78
CA HIS A 271 -14.02 -14.08 -36.12
C HIS A 271 -15.07 -14.44 -37.16
N GLU A 272 -15.85 -15.49 -36.93
CA GLU A 272 -16.94 -15.83 -37.86
C GLU A 272 -17.98 -14.72 -37.98
N VAL A 273 -18.43 -14.20 -36.84
CA VAL A 273 -19.39 -13.10 -36.85
C VAL A 273 -18.80 -11.86 -37.52
N ARG A 274 -17.52 -11.58 -37.23
CA ARG A 274 -16.84 -10.45 -37.79
C ARG A 274 -16.80 -10.58 -39.33
N LYS A 275 -16.51 -11.78 -39.80
CA LYS A 275 -16.40 -12.04 -41.26
C LYS A 275 -17.73 -11.99 -41.96
N VAL A 276 -18.78 -12.45 -41.27
CA VAL A 276 -20.15 -12.36 -41.81
C VAL A 276 -20.60 -10.91 -41.93
N LEU A 277 -20.34 -10.10 -40.91
CA LEU A 277 -20.63 -8.67 -40.96
C LEU A 277 -19.82 -7.99 -42.10
N GLY A 278 -18.61 -8.48 -42.30
CA GLY A 278 -17.81 -8.09 -43.43
C GLY A 278 -17.51 -6.62 -43.49
N GLU A 279 -17.30 -6.15 -44.71
CA GLU A 279 -16.81 -4.81 -44.90
C GLU A 279 -17.92 -3.80 -44.65
N LYS A 280 -19.14 -4.11 -45.07
CA LYS A 280 -20.24 -3.18 -44.85
C LYS A 280 -20.52 -2.99 -43.31
N GLY A 281 -20.23 -4.03 -42.52
CA GLY A 281 -20.45 -3.98 -41.07
C GLY A 281 -19.18 -3.81 -40.25
N LYS A 282 -18.11 -3.34 -40.88
CA LYS A 282 -16.79 -3.27 -40.23
C LYS A 282 -16.74 -2.36 -39.00
N ASN A 283 -17.57 -1.32 -38.98
CA ASN A 283 -17.61 -0.39 -37.84
C ASN A 283 -18.63 -0.77 -36.77
N ILE A 284 -19.35 -1.86 -36.99
CA ILE A 284 -20.29 -2.34 -35.97
C ILE A 284 -19.52 -3.06 -34.86
N LYS A 285 -19.73 -2.65 -33.59
CA LYS A 285 -19.02 -3.31 -32.48
C LYS A 285 -19.57 -4.68 -32.14
N ILE A 286 -18.68 -5.64 -31.95
CA ILE A 286 -19.05 -7.00 -31.57
C ILE A 286 -18.80 -7.18 -30.06
N ILE A 287 -19.89 -7.36 -29.31
CA ILE A 287 -19.85 -7.70 -27.89
C ILE A 287 -20.13 -9.20 -27.75
N SER A 288 -19.14 -9.97 -27.28
CA SER A 288 -19.29 -11.40 -27.15
C SER A 288 -20.00 -11.75 -25.84
N LYS A 289 -21.05 -12.53 -25.94
CA LYS A 289 -21.81 -12.95 -24.75
C LYS A 289 -21.24 -14.25 -24.22
N ILE A 290 -20.85 -14.27 -22.94
CA ILE A 290 -20.28 -15.46 -22.32
C ILE A 290 -21.36 -16.12 -21.51
N GLU A 291 -21.76 -17.30 -21.94
CA GLU A 291 -22.94 -18.00 -21.40
C GLU A 291 -22.73 -19.46 -21.20
N ASN A 292 -21.50 -19.96 -21.30
CA ASN A 292 -21.26 -21.37 -21.07
C ASN A 292 -19.84 -21.58 -20.54
N HIS A 293 -19.54 -22.80 -20.14
CA HIS A 293 -18.27 -23.12 -19.50
C HIS A 293 -17.07 -22.87 -20.45
N GLU A 294 -17.19 -23.30 -21.71
CA GLU A 294 -16.13 -23.10 -22.70
C GLU A 294 -15.77 -21.62 -22.91
N GLY A 295 -16.78 -20.75 -22.96
CA GLY A 295 -16.54 -19.31 -23.09
C GLY A 295 -15.76 -18.71 -21.94
N VAL A 296 -16.00 -19.24 -20.73
CA VAL A 296 -15.25 -18.77 -19.56
C VAL A 296 -13.80 -19.27 -19.66
N ARG A 297 -13.66 -20.55 -20.01
CA ARG A 297 -12.33 -21.16 -20.18
C ARG A 297 -11.46 -20.45 -21.22
N ARG A 298 -12.05 -20.10 -22.36
CA ARG A 298 -11.35 -19.45 -23.47
C ARG A 298 -11.56 -17.94 -23.47
N PHE A 299 -11.83 -17.36 -22.29
CA PHE A 299 -12.19 -15.98 -22.20
C PHE A 299 -11.12 -15.02 -22.78
N ASP A 300 -9.85 -15.25 -22.46
CA ASP A 300 -8.82 -14.34 -22.91
C ASP A 300 -8.80 -14.19 -24.44
N GLU A 301 -8.92 -15.28 -25.16
CA GLU A 301 -8.86 -15.21 -26.65
C GLU A 301 -10.13 -14.57 -27.19
N ILE A 302 -11.25 -14.85 -26.52
CA ILE A 302 -12.51 -14.21 -26.89
C ILE A 302 -12.41 -12.69 -26.69
N LEU A 303 -11.90 -12.24 -25.54
CA LEU A 303 -11.75 -10.83 -25.27
C LEU A 303 -10.86 -10.12 -26.31
N GLU A 304 -9.76 -10.77 -26.65
CA GLU A 304 -8.81 -10.20 -27.58
C GLU A 304 -9.48 -9.92 -28.91
N ALA A 305 -10.33 -10.87 -29.32
CA ALA A 305 -10.99 -10.86 -30.65
C ALA A 305 -12.20 -9.92 -30.70
N SER A 306 -12.75 -9.59 -29.52
CA SER A 306 -14.01 -8.86 -29.39
C SER A 306 -13.83 -7.37 -29.12
N ASP A 307 -14.88 -6.59 -29.36
CA ASP A 307 -14.87 -5.18 -29.03
C ASP A 307 -15.28 -4.99 -27.56
N GLY A 308 -15.94 -5.99 -27.00
CA GLY A 308 -16.41 -5.97 -25.59
C GLY A 308 -17.06 -7.28 -25.23
N ILE A 309 -17.55 -7.39 -23.99
CA ILE A 309 -18.07 -8.62 -23.44
C ILE A 309 -19.39 -8.36 -22.68
N MET A 310 -20.32 -9.31 -22.78
CA MET A 310 -21.46 -9.40 -21.88
C MET A 310 -21.35 -10.65 -20.99
N VAL A 311 -21.48 -10.43 -19.69
CA VAL A 311 -21.63 -11.49 -18.76
C VAL A 311 -23.11 -11.89 -18.81
N ALA A 312 -23.38 -12.93 -19.57
CA ALA A 312 -24.77 -13.35 -19.83
C ALA A 312 -25.17 -14.35 -18.78
N ARG A 313 -25.50 -13.81 -17.61
CA ARG A 313 -25.65 -14.63 -16.41
C ARG A 313 -26.79 -15.63 -16.43
N GLY A 314 -27.84 -15.34 -17.21
CA GLY A 314 -28.99 -16.22 -17.31
C GLY A 314 -28.58 -17.64 -17.64
N ASP A 315 -28.07 -17.84 -18.86
CA ASP A 315 -27.60 -19.16 -19.27
C ASP A 315 -26.33 -19.61 -18.55
N LEU A 316 -25.44 -18.67 -18.26
CA LEU A 316 -24.18 -19.00 -17.56
C LEU A 316 -24.48 -19.77 -16.26
N GLY A 317 -25.47 -19.29 -15.52
CA GLY A 317 -25.87 -19.87 -14.24
C GLY A 317 -26.66 -21.17 -14.33
N ILE A 318 -26.94 -21.61 -15.57
CA ILE A 318 -27.48 -22.94 -15.83
C ILE A 318 -26.39 -23.88 -16.32
N GLU A 319 -25.51 -23.37 -17.16
CA GLU A 319 -24.41 -24.15 -17.73
C GLU A 319 -23.34 -24.51 -16.69
N ILE A 320 -23.09 -23.59 -15.77
CA ILE A 320 -22.19 -23.82 -14.63
C ILE A 320 -23.03 -23.65 -13.34
N PRO A 321 -22.55 -24.23 -12.21
CA PRO A 321 -23.29 -24.09 -10.95
C PRO A 321 -23.60 -22.63 -10.60
N ALA A 322 -24.83 -22.37 -10.20
CA ALA A 322 -25.28 -21.00 -9.97
C ALA A 322 -24.40 -20.30 -8.91
N GLU A 323 -23.85 -21.08 -7.98
CA GLU A 323 -22.99 -20.53 -6.90
C GLU A 323 -21.63 -20.04 -7.41
N LYS A 324 -21.28 -20.40 -8.64
CA LYS A 324 -20.00 -19.96 -9.22
C LYS A 324 -20.12 -18.74 -10.14
N VAL A 325 -21.34 -18.30 -10.45
CA VAL A 325 -21.51 -17.18 -11.38
C VAL A 325 -20.80 -15.90 -10.94
N PHE A 326 -20.83 -15.58 -9.64
CA PHE A 326 -20.20 -14.37 -9.18
C PHE A 326 -18.66 -14.36 -9.43
N LEU A 327 -18.05 -15.55 -9.42
CA LEU A 327 -16.63 -15.68 -9.70
C LEU A 327 -16.36 -15.35 -11.16
N ALA A 328 -17.16 -15.96 -12.04
CA ALA A 328 -17.06 -15.67 -13.47
C ALA A 328 -17.28 -14.20 -13.80
N GLN A 329 -18.31 -13.61 -13.17
CA GLN A 329 -18.66 -12.21 -13.32
C GLN A 329 -17.49 -11.33 -12.92
N LYS A 330 -16.98 -11.52 -11.70
CA LYS A 330 -15.88 -10.68 -11.26
C LYS A 330 -14.58 -10.89 -12.06
N MET A 331 -14.27 -12.12 -12.44
CA MET A 331 -13.12 -12.42 -13.32
C MET A 331 -13.24 -11.67 -14.64
N MET A 332 -14.41 -11.75 -15.27
CA MET A 332 -14.55 -11.09 -16.58
C MET A 332 -14.54 -9.58 -16.50
N ILE A 333 -15.19 -8.99 -15.48
CA ILE A 333 -15.21 -7.58 -15.32
C ILE A 333 -13.76 -7.11 -15.07
N GLY A 334 -13.06 -7.83 -14.19
CA GLY A 334 -11.66 -7.52 -13.91
C GLY A 334 -10.80 -7.47 -15.16
N ARG A 335 -10.90 -8.53 -15.94
CA ARG A 335 -10.09 -8.69 -17.10
C ARG A 335 -10.48 -7.70 -18.18
N CYS A 336 -11.76 -7.37 -18.28
CA CYS A 336 -12.15 -6.32 -19.20
C CYS A 336 -11.63 -4.93 -18.79
N ASN A 337 -11.68 -4.63 -17.47
CA ASN A 337 -11.14 -3.37 -16.96
C ASN A 337 -9.62 -3.25 -17.27
N ARG A 338 -8.91 -4.35 -17.14
CA ARG A 338 -7.47 -4.39 -17.40
C ARG A 338 -7.17 -4.15 -18.88
N ALA A 339 -8.05 -4.65 -19.73
CA ALA A 339 -7.89 -4.52 -21.18
C ALA A 339 -8.46 -3.22 -21.72
N GLY A 340 -9.20 -2.46 -20.92
CA GLY A 340 -9.86 -1.25 -21.40
C GLY A 340 -10.99 -1.52 -22.40
N LYS A 341 -11.60 -2.70 -22.31
CA LYS A 341 -12.71 -3.03 -23.22
C LYS A 341 -14.02 -3.07 -22.42
N PRO A 342 -15.12 -2.59 -23.01
CA PRO A 342 -16.40 -2.52 -22.35
C PRO A 342 -16.91 -3.88 -21.88
N VAL A 343 -17.47 -3.91 -20.65
CA VAL A 343 -18.13 -5.07 -20.12
C VAL A 343 -19.52 -4.74 -19.58
N ILE A 344 -20.49 -5.61 -19.93
CA ILE A 344 -21.90 -5.48 -19.56
C ILE A 344 -22.30 -6.59 -18.57
N CYS A 345 -22.91 -6.20 -17.45
CA CYS A 345 -23.54 -7.16 -16.54
C CYS A 345 -25.00 -7.29 -16.94
N ALA A 346 -25.44 -8.53 -17.16
CA ALA A 346 -26.75 -8.79 -17.69
C ALA A 346 -27.53 -9.82 -16.87
N THR A 347 -28.87 -9.65 -16.89
CA THR A 347 -29.87 -10.68 -16.62
C THR A 347 -30.29 -10.78 -15.13
N GLN A 348 -31.62 -10.61 -14.94
CA GLN A 348 -32.29 -10.69 -13.64
C GLN A 348 -31.83 -9.67 -12.61
N MET A 349 -31.27 -8.56 -13.07
CA MET A 349 -30.76 -7.55 -12.15
C MET A 349 -31.85 -6.92 -11.27
N LEU A 350 -33.03 -6.70 -11.87
CA LEU A 350 -34.24 -6.17 -11.14
C LEU A 350 -35.46 -7.03 -11.47
N GLU A 351 -35.27 -8.34 -11.51
CA GLU A 351 -36.26 -9.29 -12.06
C GLU A 351 -37.64 -9.15 -11.46
N SER A 352 -37.72 -8.99 -10.14
CA SER A 352 -39.02 -8.86 -9.47
C SER A 352 -39.83 -7.68 -10.00
N MET A 353 -39.17 -6.68 -10.63
CA MET A 353 -39.86 -5.50 -11.16
C MET A 353 -40.67 -5.77 -12.45
N ILE A 354 -40.57 -6.98 -12.99
CA ILE A 354 -41.51 -7.41 -14.04
C ILE A 354 -42.97 -7.32 -13.51
N LYS A 355 -43.16 -7.67 -12.24
CA LYS A 355 -44.51 -7.71 -11.64
C LYS A 355 -44.76 -6.68 -10.52
N LYS A 356 -43.69 -6.13 -9.95
CA LYS A 356 -43.78 -5.24 -8.78
C LYS A 356 -43.12 -3.89 -9.04
N PRO A 357 -43.65 -2.83 -8.42
CA PRO A 357 -43.16 -1.47 -8.66
C PRO A 357 -41.79 -1.13 -8.05
N ARG A 358 -41.33 -1.99 -7.15
CA ARG A 358 -40.13 -1.77 -6.37
C ARG A 358 -39.36 -3.11 -6.38
N PRO A 359 -38.02 -3.04 -6.30
CA PRO A 359 -37.21 -4.27 -6.41
C PRO A 359 -36.97 -4.87 -5.05
N THR A 360 -36.41 -6.09 -5.02
CA THR A 360 -35.99 -6.74 -3.79
C THR A 360 -34.66 -6.15 -3.34
N ARG A 361 -34.31 -6.46 -2.10
CA ARG A 361 -33.05 -5.96 -1.53
C ARG A 361 -31.86 -6.61 -2.17
N ALA A 362 -32.00 -7.85 -2.58
CA ALA A 362 -30.95 -8.56 -3.32
C ALA A 362 -30.71 -7.92 -4.67
N GLU A 363 -31.80 -7.48 -5.30
CA GLU A 363 -31.68 -6.79 -6.60
C GLU A 363 -30.98 -5.44 -6.52
N GLY A 364 -31.32 -4.63 -5.52
CA GLY A 364 -30.63 -3.35 -5.30
C GLY A 364 -29.16 -3.60 -5.07
N SER A 365 -28.86 -4.55 -4.24
CA SER A 365 -27.50 -5.01 -4.01
C SER A 365 -26.76 -5.41 -5.30
N ASP A 366 -27.40 -6.23 -6.11
CA ASP A 366 -26.78 -6.73 -7.36
C ASP A 366 -26.37 -5.59 -8.29
N VAL A 367 -27.29 -4.63 -8.47
CA VAL A 367 -26.97 -3.50 -9.35
C VAL A 367 -25.78 -2.73 -8.77
N ALA A 368 -25.82 -2.40 -7.48
CA ALA A 368 -24.72 -1.64 -6.88
C ALA A 368 -23.41 -2.37 -6.99
N ASN A 369 -23.41 -3.67 -6.74
CA ASN A 369 -22.20 -4.46 -6.76
C ASN A 369 -21.65 -4.65 -8.18
N ALA A 370 -22.53 -4.68 -9.19
CA ALA A 370 -22.04 -4.71 -10.56
C ALA A 370 -21.24 -3.44 -10.91
N VAL A 371 -21.71 -2.29 -10.44
CA VAL A 371 -21.03 -1.01 -10.64
C VAL A 371 -19.68 -1.02 -9.84
N LEU A 372 -19.75 -1.41 -8.58
CA LEU A 372 -18.52 -1.48 -7.78
C LEU A 372 -17.49 -2.48 -8.36
N ASP A 373 -17.94 -3.57 -8.97
CA ASP A 373 -17.05 -4.56 -9.59
C ASP A 373 -16.27 -3.89 -10.74
N GLY A 374 -16.91 -2.95 -11.43
CA GLY A 374 -16.30 -2.27 -12.57
C GLY A 374 -17.06 -2.35 -13.89
N ALA A 375 -18.31 -2.81 -13.86
CA ALA A 375 -19.05 -2.97 -15.12
C ALA A 375 -19.27 -1.61 -15.80
N ASP A 376 -19.00 -1.57 -17.09
CA ASP A 376 -19.25 -0.36 -17.84
C ASP A 376 -20.75 -0.06 -18.01
N CYS A 377 -21.50 -1.13 -18.24
CA CYS A 377 -22.96 -1.04 -18.42
C CYS A 377 -23.70 -2.06 -17.63
N ILE A 378 -24.96 -1.75 -17.37
CA ILE A 378 -25.86 -2.71 -16.74
C ILE A 378 -27.12 -2.85 -17.64
N MET A 379 -27.84 -3.94 -17.49
CA MET A 379 -28.87 -4.28 -18.49
C MET A 379 -30.19 -4.69 -17.84
N LEU A 380 -31.27 -4.45 -18.58
CA LEU A 380 -32.62 -4.85 -18.26
C LEU A 380 -33.15 -5.66 -19.42
N SER A 381 -33.83 -6.76 -19.11
CA SER A 381 -34.37 -7.65 -20.12
C SER A 381 -35.90 -7.65 -20.01
N GLY A 382 -36.47 -8.68 -19.40
CA GLY A 382 -37.94 -8.74 -19.25
C GLY A 382 -38.48 -7.52 -18.52
N GLU A 383 -37.66 -6.92 -17.63
CA GLU A 383 -38.09 -5.74 -16.85
C GLU A 383 -38.56 -4.55 -17.71
N THR A 384 -37.93 -4.38 -18.88
CA THR A 384 -38.32 -3.37 -19.84
C THR A 384 -39.06 -3.93 -21.06
N ALA A 385 -38.83 -5.19 -21.40
CA ALA A 385 -39.37 -5.74 -22.65
C ALA A 385 -40.84 -6.05 -22.50
N LYS A 386 -41.22 -6.62 -21.36
CA LYS A 386 -42.58 -7.17 -21.17
C LYS A 386 -43.24 -6.83 -19.86
N GLY A 387 -42.48 -6.31 -18.91
CA GLY A 387 -42.99 -6.17 -17.56
C GLY A 387 -43.97 -5.01 -17.37
N ASP A 388 -44.53 -4.95 -16.17
CA ASP A 388 -45.56 -3.94 -15.87
C ASP A 388 -45.02 -2.57 -15.49
N TYR A 389 -43.71 -2.47 -15.25
CA TYR A 389 -43.06 -1.24 -14.75
C TYR A 389 -41.72 -0.93 -15.44
N PRO A 390 -41.73 -0.83 -16.78
CA PRO A 390 -40.49 -0.56 -17.47
C PRO A 390 -39.81 0.72 -17.06
N LEU A 391 -40.56 1.81 -16.85
CA LEU A 391 -39.96 3.13 -16.59
C LEU A 391 -39.36 3.12 -15.19
N GLU A 392 -40.09 2.51 -14.27
CA GLU A 392 -39.61 2.38 -12.89
C GLU A 392 -38.31 1.55 -12.83
N ALA A 393 -38.21 0.51 -13.67
CA ALA A 393 -36.98 -0.32 -13.69
C ALA A 393 -35.77 0.50 -14.19
N VAL A 394 -35.95 1.26 -15.28
CA VAL A 394 -34.89 2.16 -15.76
C VAL A 394 -34.51 3.17 -14.68
N ARG A 395 -35.53 3.82 -14.07
CA ARG A 395 -35.28 4.86 -13.04
C ARG A 395 -34.50 4.29 -11.84
N MET A 396 -34.79 3.05 -11.47
CA MET A 396 -34.14 2.43 -10.33
C MET A 396 -32.68 2.09 -10.66
N GLN A 397 -32.43 1.54 -11.85
CA GLN A 397 -31.04 1.36 -12.26
C GLN A 397 -30.25 2.67 -12.25
N HIS A 398 -30.89 3.74 -12.72
CA HIS A 398 -30.25 5.05 -12.72
C HIS A 398 -29.89 5.47 -11.30
N LEU A 399 -30.84 5.37 -10.36
CA LEU A 399 -30.58 5.82 -8.97
C LEU A 399 -29.51 5.01 -8.28
N ILE A 400 -29.55 3.70 -8.46
CA ILE A 400 -28.57 2.83 -7.81
C ILE A 400 -27.16 3.05 -8.39
N ALA A 401 -27.03 3.08 -9.73
CA ALA A 401 -25.74 3.24 -10.37
C ALA A 401 -25.06 4.49 -9.86
N ARG A 402 -25.81 5.57 -9.75
CA ARG A 402 -25.25 6.85 -9.33
C ARG A 402 -24.77 6.79 -7.88
N GLU A 403 -25.57 6.18 -7.00
CA GLU A 403 -25.09 6.00 -5.60
C GLU A 403 -23.82 5.14 -5.55
N ALA A 404 -23.79 4.06 -6.33
CA ALA A 404 -22.65 3.13 -6.32
C ALA A 404 -21.39 3.78 -6.89
N GLU A 405 -21.54 4.61 -7.91
CA GLU A 405 -20.41 5.31 -8.52
C GLU A 405 -19.67 6.20 -7.51
N ALA A 406 -20.45 6.85 -6.63
CA ALA A 406 -19.87 7.72 -5.59
C ALA A 406 -19.11 6.86 -4.54
N ALA A 407 -19.57 5.62 -4.35
CA ALA A 407 -19.03 4.68 -3.33
C ALA A 407 -17.77 3.92 -3.77
N ILE A 408 -17.35 4.10 -5.02
CA ILE A 408 -16.16 3.47 -5.55
C ILE A 408 -14.93 3.99 -4.76
N TYR A 409 -13.97 3.11 -4.47
CA TYR A 409 -12.71 3.53 -3.79
C TYR A 409 -11.67 3.93 -4.85
N HIS A 410 -11.86 5.11 -5.42
CA HIS A 410 -11.05 5.58 -6.55
C HIS A 410 -9.55 5.58 -6.23
N LEU A 411 -9.23 5.90 -4.97
CA LEU A 411 -7.83 5.96 -4.53
C LEU A 411 -7.09 4.68 -4.94
N GLN A 412 -7.61 3.52 -4.52
CA GLN A 412 -6.96 2.28 -4.87
C GLN A 412 -7.19 1.86 -6.31
N LEU A 413 -8.41 2.03 -6.81
CA LEU A 413 -8.72 1.64 -8.18
C LEU A 413 -7.76 2.33 -9.17
N PHE A 414 -7.61 3.64 -9.06
CA PHE A 414 -6.73 4.41 -9.97
C PHE A 414 -5.28 3.99 -9.80
N GLU A 415 -4.84 3.79 -8.56
CA GLU A 415 -3.47 3.26 -8.32
C GLU A 415 -3.23 1.94 -9.03
N GLU A 416 -4.18 1.01 -8.95
CA GLU A 416 -4.01 -0.30 -9.55
C GLU A 416 -4.10 -0.28 -11.05
N LEU A 417 -4.97 0.58 -11.58
CA LEU A 417 -5.08 0.69 -13.05
C LEU A 417 -3.79 1.22 -13.66
N ARG A 418 -3.24 2.26 -13.05
CA ARG A 418 -1.90 2.79 -13.43
C ARG A 418 -0.83 1.72 -13.36
N ARG A 419 -0.73 1.04 -12.22
CA ARG A 419 0.28 -0.01 -12.02
C ARG A 419 0.19 -1.15 -13.03
N LEU A 420 -1.02 -1.56 -13.38
CA LEU A 420 -1.22 -2.74 -14.25
C LEU A 420 -1.24 -2.38 -15.74
N ALA A 421 -1.20 -1.09 -16.05
CA ALA A 421 -1.24 -0.61 -17.43
C ALA A 421 0.09 -0.89 -18.12
N PRO A 422 0.04 -1.40 -19.38
CA PRO A 422 1.29 -1.47 -20.17
C PRO A 422 1.96 -0.08 -20.25
N ILE A 423 3.29 -0.03 -20.04
CA ILE A 423 4.06 1.22 -20.20
C ILE A 423 4.29 1.44 -21.69
N THR A 424 3.88 2.59 -22.20
CA THR A 424 3.92 2.88 -23.64
C THR A 424 4.42 4.28 -23.91
N SER A 425 5.11 4.46 -25.04
CA SER A 425 5.51 5.79 -25.51
C SER A 425 4.39 6.49 -26.28
N ASP A 426 3.15 5.99 -26.15
CA ASP A 426 2.00 6.56 -26.82
C ASP A 426 1.57 7.87 -26.15
N PRO A 427 1.64 9.00 -26.90
CA PRO A 427 1.29 10.30 -26.32
C PRO A 427 -0.17 10.46 -25.91
N THR A 428 -1.07 9.80 -26.64
CA THR A 428 -2.49 9.84 -26.29
C THR A 428 -2.74 9.23 -24.90
N GLU A 429 -2.09 8.11 -24.61
CA GLU A 429 -2.24 7.44 -23.30
C GLU A 429 -1.71 8.31 -22.15
N ALA A 430 -0.58 8.99 -22.39
CA ALA A 430 0.00 9.88 -21.37
C ALA A 430 -0.91 11.08 -21.10
N THR A 431 -1.48 11.67 -22.15
CA THR A 431 -2.44 12.75 -21.99
C THR A 431 -3.68 12.29 -21.22
N ALA A 432 -4.19 11.09 -21.55
CA ALA A 432 -5.35 10.51 -20.86
C ALA A 432 -5.10 10.35 -19.35
N VAL A 433 -4.02 9.67 -18.99
CA VAL A 433 -3.70 9.45 -17.57
C VAL A 433 -3.42 10.77 -16.85
N GLY A 434 -2.76 11.72 -17.51
CA GLY A 434 -2.57 13.06 -16.93
C GLY A 434 -3.89 13.77 -16.64
N ALA A 435 -4.81 13.67 -17.60
CA ALA A 435 -6.11 14.29 -17.44
C ALA A 435 -6.86 13.71 -16.25
N VAL A 436 -6.80 12.38 -16.10
CA VAL A 436 -7.53 11.73 -15.00
C VAL A 436 -6.87 12.12 -13.67
N GLU A 437 -5.55 12.05 -13.61
CA GLU A 437 -4.82 12.56 -12.40
C GLU A 437 -5.22 13.98 -12.06
N ALA A 438 -5.21 14.87 -13.07
CA ALA A 438 -5.62 16.25 -12.85
C ALA A 438 -7.07 16.35 -12.33
N SER A 439 -7.97 15.51 -12.87
CA SER A 439 -9.41 15.57 -12.53
C SER A 439 -9.61 15.27 -11.06
N PHE A 440 -8.80 14.37 -10.51
CA PHE A 440 -8.89 14.05 -9.09
C PHE A 440 -8.36 15.21 -8.23
N LYS A 441 -7.27 15.83 -8.66
CA LYS A 441 -6.62 16.92 -7.93
C LYS A 441 -7.50 18.15 -7.74
N CYS A 442 -8.27 18.51 -8.76
CA CYS A 442 -9.13 19.68 -8.67
C CYS A 442 -10.59 19.32 -8.53
N CYS A 443 -10.89 18.03 -8.29
CA CYS A 443 -12.28 17.53 -8.20
C CYS A 443 -13.10 18.17 -9.32
N SER A 444 -12.69 17.93 -10.56
CA SER A 444 -13.26 18.65 -11.71
C SER A 444 -14.71 18.23 -11.97
N GLY A 445 -15.48 19.15 -12.56
CA GLY A 445 -16.90 18.88 -12.83
C GLY A 445 -17.08 17.96 -14.05
N ALA A 446 -16.03 17.83 -14.86
CA ALA A 446 -16.07 17.01 -16.08
C ALA A 446 -14.68 16.91 -16.70
N ILE A 447 -14.49 15.93 -17.59
CA ILE A 447 -13.37 15.90 -18.53
C ILE A 447 -14.00 16.01 -19.92
N ILE A 448 -13.77 17.13 -20.61
CA ILE A 448 -14.28 17.31 -22.00
C ILE A 448 -13.25 16.77 -22.98
N VAL A 449 -13.70 15.86 -23.86
CA VAL A 449 -12.81 15.25 -24.83
C VAL A 449 -13.39 15.39 -26.24
N LEU A 450 -12.62 16.00 -27.15
CA LEU A 450 -13.01 16.01 -28.58
C LEU A 450 -12.53 14.70 -29.20
N THR A 451 -13.43 13.99 -29.89
CA THR A 451 -13.05 12.71 -30.47
C THR A 451 -13.84 12.42 -31.73
N LYS A 452 -13.15 11.91 -32.74
CA LYS A 452 -13.74 11.53 -34.05
C LYS A 452 -14.27 10.11 -33.98
N SER A 453 -13.41 9.20 -33.53
CA SER A 453 -13.72 7.78 -33.48
C SER A 453 -14.20 7.28 -32.10
N GLY A 454 -13.96 8.09 -31.08
CA GLY A 454 -14.28 7.77 -29.70
C GLY A 454 -13.05 7.35 -28.90
N ARG A 455 -12.00 6.93 -29.59
CA ARG A 455 -10.83 6.30 -28.95
C ARG A 455 -10.24 7.14 -27.84
N SER A 456 -10.11 8.46 -28.07
CA SER A 456 -9.56 9.38 -27.05
C SER A 456 -10.37 9.32 -25.75
N ALA A 457 -11.70 9.27 -25.88
CA ALA A 457 -12.57 9.26 -24.70
C ALA A 457 -12.53 7.89 -24.04
N HIS A 458 -12.38 6.83 -24.84
CA HIS A 458 -12.25 5.46 -24.32
C HIS A 458 -10.98 5.35 -23.46
N GLN A 459 -9.90 5.99 -23.91
CA GLN A 459 -8.62 6.00 -23.19
C GLN A 459 -8.69 6.67 -21.82
N VAL A 460 -9.49 7.70 -21.71
CA VAL A 460 -9.77 8.38 -20.45
C VAL A 460 -10.63 7.47 -19.57
N ALA A 461 -11.66 6.85 -20.16
CA ALA A 461 -12.59 6.00 -19.41
C ALA A 461 -11.93 4.81 -18.74
N ARG A 462 -10.92 4.25 -19.40
CA ARG A 462 -10.16 3.10 -18.93
C ARG A 462 -9.51 3.34 -17.55
N TYR A 463 -9.23 4.60 -17.23
CA TYR A 463 -8.62 4.97 -15.93
C TYR A 463 -9.62 5.36 -14.86
N ARG A 464 -10.90 5.25 -15.17
CA ARG A 464 -11.97 5.37 -14.18
C ARG A 464 -11.99 6.68 -13.35
N PRO A 465 -12.00 7.84 -14.02
CA PRO A 465 -12.26 9.05 -13.26
C PRO A 465 -13.62 9.09 -12.56
N ARG A 466 -13.69 9.82 -11.47
CA ARG A 466 -14.95 10.15 -10.84
C ARG A 466 -15.75 11.10 -11.76
N ALA A 467 -15.05 12.08 -12.35
CA ALA A 467 -15.68 13.09 -13.18
C ALA A 467 -16.26 12.51 -14.47
N PRO A 468 -17.45 13.01 -14.87
CA PRO A 468 -18.06 12.57 -16.13
C PRO A 468 -17.20 12.99 -17.32
N ILE A 469 -17.15 12.15 -18.35
CA ILE A 469 -16.39 12.42 -19.55
C ILE A 469 -17.37 12.85 -20.63
N ILE A 470 -17.34 14.13 -20.99
CA ILE A 470 -18.20 14.65 -22.05
C ILE A 470 -17.45 14.47 -23.37
N ALA A 471 -17.89 13.53 -24.20
CA ALA A 471 -17.21 13.21 -25.44
C ALA A 471 -17.90 13.95 -26.58
N VAL A 472 -17.25 15.00 -27.08
CA VAL A 472 -17.82 15.80 -28.17
C VAL A 472 -17.35 15.24 -29.50
N THR A 473 -18.33 14.87 -30.34
CA THR A 473 -18.06 14.32 -31.66
C THR A 473 -19.09 14.83 -32.68
N ARG A 474 -18.68 14.88 -33.95
CA ARG A 474 -19.61 15.13 -35.04
C ARG A 474 -20.04 13.82 -35.71
N ASN A 475 -19.47 12.70 -35.27
CA ASN A 475 -19.81 11.40 -35.84
C ASN A 475 -20.99 10.78 -35.08
N PRO A 476 -22.17 10.70 -35.69
CA PRO A 476 -23.32 10.15 -34.96
C PRO A 476 -23.09 8.72 -34.44
N GLN A 477 -22.41 7.86 -35.21
CA GLN A 477 -22.19 6.48 -34.80
C GLN A 477 -21.25 6.43 -33.57
N THR A 478 -20.20 7.27 -33.59
CA THR A 478 -19.29 7.38 -32.43
C THR A 478 -20.08 7.76 -31.20
N ALA A 479 -21.02 8.71 -31.36
CA ALA A 479 -21.80 9.22 -30.25
C ALA A 479 -22.60 8.09 -29.63
N ARG A 480 -23.27 7.29 -30.46
CA ARG A 480 -24.06 6.14 -30.00
C ARG A 480 -23.24 5.04 -29.31
N GLN A 481 -22.12 4.68 -29.92
CA GLN A 481 -21.27 3.56 -29.50
C GLN A 481 -20.55 3.92 -28.19
N ALA A 482 -20.35 5.21 -27.96
CA ALA A 482 -19.58 5.66 -26.77
C ALA A 482 -20.29 5.28 -25.48
N HIS A 483 -21.61 5.10 -25.54
CA HIS A 483 -22.36 4.64 -24.36
C HIS A 483 -21.88 3.32 -23.75
N LEU A 484 -21.12 2.54 -24.48
CA LEU A 484 -20.59 1.31 -23.92
C LEU A 484 -19.56 1.49 -22.78
N TYR A 485 -19.04 2.71 -22.63
CA TYR A 485 -17.91 2.98 -21.70
C TYR A 485 -18.34 3.76 -20.50
N ARG A 486 -18.03 3.21 -19.30
CA ARG A 486 -18.27 3.90 -18.06
C ARG A 486 -17.79 5.33 -18.16
N GLY A 487 -18.67 6.25 -17.83
CA GLY A 487 -18.32 7.64 -17.69
C GLY A 487 -18.50 8.53 -18.88
N ILE A 488 -18.64 7.93 -20.06
CA ILE A 488 -18.77 8.73 -21.28
C ILE A 488 -20.18 9.21 -21.48
N PHE A 489 -20.31 10.53 -21.56
CA PHE A 489 -21.54 11.18 -21.87
CA PHE A 489 -21.58 11.17 -21.89
C PHE A 489 -21.39 11.75 -23.27
N PRO A 490 -21.85 11.01 -24.30
CA PRO A 490 -21.59 11.48 -25.64
C PRO A 490 -22.54 12.59 -26.09
N VAL A 491 -21.96 13.59 -26.75
CA VAL A 491 -22.75 14.71 -27.26
C VAL A 491 -22.39 14.92 -28.75
N LEU A 492 -23.42 15.17 -29.57
CA LEU A 492 -23.33 15.20 -31.02
C LEU A 492 -23.42 16.67 -31.49
N CYS A 493 -22.26 17.21 -31.82
CA CYS A 493 -22.13 18.55 -32.36
C CYS A 493 -22.64 18.60 -33.80
N LYS A 494 -23.57 19.51 -34.06
CA LYS A 494 -24.11 19.70 -35.40
C LYS A 494 -23.76 21.06 -36.00
N ASP A 495 -22.98 21.87 -35.30
CA ASP A 495 -22.47 23.12 -35.85
C ASP A 495 -21.59 22.83 -37.08
N PRO A 496 -21.71 23.64 -38.15
CA PRO A 496 -20.85 23.39 -39.32
C PRO A 496 -19.37 23.56 -38.98
N VAL A 497 -18.52 22.89 -39.74
CA VAL A 497 -17.07 22.98 -39.57
C VAL A 497 -16.58 24.40 -39.91
N GLN A 498 -15.81 25.00 -39.01
CA GLN A 498 -15.23 26.33 -39.22
C GLN A 498 -13.97 26.22 -40.09
N GLU A 499 -13.78 27.21 -40.98
CA GLU A 499 -12.58 27.33 -41.83
C GLU A 499 -11.31 27.20 -41.01
N ALA A 500 -11.21 28.02 -39.97
CA ALA A 500 -10.05 28.03 -39.10
C ALA A 500 -10.21 26.91 -38.07
N TRP A 501 -9.33 25.93 -38.16
CA TRP A 501 -9.45 24.71 -37.36
C TRP A 501 -9.44 24.98 -35.85
N ALA A 502 -8.49 25.81 -35.39
CA ALA A 502 -8.45 26.21 -33.96
C ALA A 502 -9.78 26.77 -33.45
N GLU A 503 -10.50 27.50 -34.30
CA GLU A 503 -11.80 28.06 -33.93
C GLU A 503 -12.92 27.00 -34.00
N ASP A 504 -12.74 26.00 -34.87
CA ASP A 504 -13.62 24.82 -34.85
C ASP A 504 -13.44 24.03 -33.54
N VAL A 505 -12.20 23.94 -33.08
CA VAL A 505 -11.92 23.26 -31.80
C VAL A 505 -12.60 24.01 -30.62
N ASP A 506 -12.48 25.34 -30.59
CA ASP A 506 -13.07 26.13 -29.50
C ASP A 506 -14.61 26.09 -29.51
N LEU A 507 -15.19 26.02 -30.70
CA LEU A 507 -16.63 25.90 -30.88
C LEU A 507 -17.16 24.63 -30.19
N ARG A 508 -16.49 23.51 -30.43
CA ARG A 508 -16.88 22.24 -29.81
C ARG A 508 -16.66 22.20 -28.29
N VAL A 509 -15.56 22.76 -27.82
CA VAL A 509 -15.32 22.88 -26.38
C VAL A 509 -16.44 23.71 -25.71
N ASN A 510 -16.83 24.82 -26.33
CA ASN A 510 -17.90 25.66 -25.78
C ASN A 510 -19.26 24.98 -25.78
N PHE A 511 -19.47 24.14 -26.81
CA PHE A 511 -20.66 23.28 -26.90
C PHE A 511 -20.74 22.38 -25.67
N ALA A 512 -19.61 21.73 -25.35
CA ALA A 512 -19.54 20.86 -24.17
C ALA A 512 -19.78 21.65 -22.89
N MET A 513 -19.30 22.88 -22.81
CA MET A 513 -19.57 23.72 -21.64
C MET A 513 -21.06 23.97 -21.52
N ASN A 514 -21.70 24.23 -22.65
CA ASN A 514 -23.14 24.50 -22.66
C ASN A 514 -23.93 23.26 -22.22
N VAL A 515 -23.51 22.10 -22.70
CA VAL A 515 -24.14 20.81 -22.30
C VAL A 515 -24.02 20.53 -20.78
N GLY A 516 -22.80 20.66 -20.24
CA GLY A 516 -22.57 20.39 -18.83
C GLY A 516 -23.39 21.31 -17.96
N LYS A 517 -23.44 22.58 -18.35
CA LYS A 517 -24.22 23.58 -17.62
C LYS A 517 -25.73 23.27 -17.67
N ALA A 518 -26.25 22.93 -18.86
CA ALA A 518 -27.67 22.68 -19.04
C ALA A 518 -28.12 21.44 -18.29
N ARG A 519 -27.22 20.47 -18.12
CA ARG A 519 -27.56 19.19 -17.50
CA ARG A 519 -27.57 19.20 -17.50
C ARG A 519 -27.16 19.18 -16.03
N GLY A 520 -26.66 20.30 -15.54
CA GLY A 520 -26.31 20.45 -14.14
C GLY A 520 -25.10 19.63 -13.67
N PHE A 521 -24.18 19.34 -14.60
CA PHE A 521 -22.88 18.75 -14.23
C PHE A 521 -21.94 19.76 -13.60
N PHE A 522 -22.02 21.02 -14.08
CA PHE A 522 -21.19 22.10 -13.53
C PHE A 522 -21.78 23.46 -13.84
N LYS A 523 -21.18 24.50 -13.27
CA LYS A 523 -21.66 25.87 -13.46
C LYS A 523 -20.49 26.82 -13.61
N LYS A 524 -20.79 28.03 -14.06
CA LYS A 524 -19.79 29.09 -14.22
C LYS A 524 -18.83 29.11 -13.03
N GLY A 525 -17.53 29.07 -13.32
CA GLY A 525 -16.51 29.17 -12.29
C GLY A 525 -15.95 27.86 -11.80
N ASP A 526 -16.69 26.76 -12.00
CA ASP A 526 -16.13 25.43 -11.72
C ASP A 526 -14.97 25.19 -12.67
N VAL A 527 -14.10 24.26 -12.29
CA VAL A 527 -12.97 23.88 -13.13
C VAL A 527 -13.27 22.56 -13.84
N VAL A 528 -12.87 22.47 -15.10
CA VAL A 528 -13.05 21.28 -15.91
C VAL A 528 -11.75 21.01 -16.66
N ILE A 529 -11.59 19.77 -17.10
CA ILE A 529 -10.42 19.36 -17.88
C ILE A 529 -10.86 19.28 -19.33
N VAL A 530 -10.00 19.68 -20.25
CA VAL A 530 -10.32 19.67 -21.71
C VAL A 530 -9.19 19.01 -22.50
N LEU A 531 -9.54 17.96 -23.23
CA LEU A 531 -8.61 17.23 -24.09
C LEU A 531 -8.86 17.54 -25.56
N THR A 532 -7.80 17.95 -26.24
CA THR A 532 -7.84 18.25 -27.68
C THR A 532 -6.55 17.73 -28.33
N GLY A 533 -6.47 17.83 -29.66
CA GLY A 533 -5.27 17.38 -30.38
C GLY A 533 -4.54 18.55 -31.02
N TRP A 534 -3.45 18.26 -31.71
CA TRP A 534 -2.59 19.30 -32.30
C TRP A 534 -2.87 19.52 -33.79
N ARG A 535 -3.63 18.61 -34.40
CA ARG A 535 -4.04 18.71 -35.80
C ARG A 535 -5.34 17.91 -36.02
N PRO A 536 -6.02 18.11 -37.19
CA PRO A 536 -7.25 17.37 -37.47
C PRO A 536 -6.99 15.89 -37.73
N GLY A 537 -8.05 15.09 -37.65
CA GLY A 537 -7.95 13.65 -37.85
C GLY A 537 -7.76 12.91 -36.54
N SER A 538 -8.04 11.61 -36.56
CA SER A 538 -7.88 10.73 -35.38
C SER A 538 -6.41 10.43 -35.08
N GLY A 539 -6.11 10.28 -33.78
CA GLY A 539 -4.82 9.79 -33.32
C GLY A 539 -3.83 10.84 -32.84
N PHE A 540 -4.26 12.10 -32.72
CA PHE A 540 -3.38 13.22 -32.39
C PHE A 540 -3.74 13.94 -31.08
N THR A 541 -4.57 13.33 -30.24
CA THR A 541 -4.89 13.92 -28.94
C THR A 541 -3.62 13.98 -28.11
N ASN A 542 -3.28 15.19 -27.67
CA ASN A 542 -2.02 15.41 -26.92
C ASN A 542 -2.05 16.67 -26.06
N THR A 543 -3.21 17.30 -25.92
CA THR A 543 -3.28 18.56 -25.24
C THR A 543 -4.29 18.45 -24.13
N MET A 544 -3.85 18.72 -22.91
CA MET A 544 -4.73 18.77 -21.77
C MET A 544 -4.74 20.15 -21.15
N ARG A 545 -5.93 20.71 -20.93
CA ARG A 545 -6.09 22.03 -20.32
C ARG A 545 -7.00 21.95 -19.13
N VAL A 546 -6.66 22.71 -18.08
CA VAL A 546 -7.49 22.82 -16.90
C VAL A 546 -8.10 24.19 -16.94
N VAL A 547 -9.40 24.26 -17.22
CA VAL A 547 -10.04 25.54 -17.51
C VAL A 547 -11.28 25.80 -16.66
N PRO A 548 -11.50 27.09 -16.31
CA PRO A 548 -12.72 27.44 -15.63
C PRO A 548 -13.91 27.45 -16.58
N VAL A 549 -15.07 27.11 -16.07
CA VAL A 549 -16.29 27.13 -16.87
C VAL A 549 -16.75 28.58 -17.10
N PRO A 550 -16.98 28.97 -18.37
CA PRO A 550 -17.47 30.31 -18.69
C PRO A 550 -18.88 30.58 -18.20
N ILE B 32 -1.60 -24.74 -6.82
CA ILE B 32 -2.48 -23.55 -6.53
C ILE B 32 -3.95 -23.78 -6.97
N GLN B 33 -4.23 -24.92 -7.61
CA GLN B 33 -5.51 -25.15 -8.30
C GLN B 33 -6.79 -25.24 -7.42
N THR B 34 -6.68 -25.19 -6.09
CA THR B 34 -7.89 -25.19 -5.22
C THR B 34 -8.01 -23.95 -4.35
N GLN B 35 -9.23 -23.72 -3.84
CA GLN B 35 -9.46 -22.70 -2.84
C GLN B 35 -9.11 -21.27 -3.28
N GLN B 36 -9.17 -21.01 -4.60
CA GLN B 36 -8.74 -19.71 -5.17
C GLN B 36 -7.35 -19.26 -4.70
N LEU B 37 -6.44 -20.22 -4.53
CA LEU B 37 -5.10 -19.91 -4.02
C LEU B 37 -4.26 -19.10 -5.01
N HIS B 38 -4.53 -19.24 -6.31
CA HIS B 38 -3.83 -18.42 -7.31
C HIS B 38 -4.21 -16.95 -7.15
N ALA B 39 -5.51 -16.69 -6.98
CA ALA B 39 -6.03 -15.34 -6.78
C ALA B 39 -5.54 -14.73 -5.45
N ALA B 40 -5.36 -15.62 -4.48
CA ALA B 40 -4.88 -15.28 -3.12
C ALA B 40 -3.51 -14.61 -3.13
N MET B 41 -2.67 -15.02 -4.10
CA MET B 41 -1.29 -14.58 -4.20
C MET B 41 -1.10 -13.30 -5.04
N ALA B 42 -2.18 -12.77 -5.61
CA ALA B 42 -2.10 -11.56 -6.41
C ALA B 42 -1.61 -10.40 -5.57
N ASP B 43 -0.77 -9.54 -6.16
CA ASP B 43 -0.28 -8.32 -5.49
C ASP B 43 -1.28 -7.16 -5.51
N THR B 44 -2.33 -7.24 -6.34
CA THR B 44 -3.33 -6.17 -6.39
C THR B 44 -4.73 -6.80 -6.33
N PHE B 45 -5.71 -6.02 -5.94
CA PHE B 45 -7.09 -6.51 -5.91
C PHE B 45 -7.62 -6.75 -7.34
N LEU B 46 -7.35 -5.83 -8.26
CA LEU B 46 -7.71 -6.08 -9.68
C LEU B 46 -7.16 -7.41 -10.20
N GLU B 47 -5.87 -7.71 -9.99
CA GLU B 47 -5.34 -8.99 -10.40
C GLU B 47 -5.99 -10.15 -9.65
N HIS B 48 -6.30 -9.95 -8.38
CA HIS B 48 -7.04 -10.94 -7.61
C HIS B 48 -8.35 -11.31 -8.34
N MET B 49 -9.14 -10.30 -8.66
CA MET B 49 -10.42 -10.49 -9.40
C MET B 49 -10.15 -11.24 -10.70
N CYS B 50 -9.13 -10.81 -11.45
CA CYS B 50 -8.80 -11.43 -12.72
C CYS B 50 -8.45 -12.91 -12.62
N ARG B 51 -7.96 -13.36 -11.46
CA ARG B 51 -7.60 -14.74 -11.26
C ARG B 51 -8.68 -15.64 -10.68
N LEU B 52 -9.88 -15.08 -10.36
CA LEU B 52 -10.94 -15.89 -9.79
C LEU B 52 -11.32 -16.94 -10.81
N ASP B 53 -11.43 -18.18 -10.34
CA ASP B 53 -11.46 -19.33 -11.19
C ASP B 53 -12.61 -20.26 -10.82
N ILE B 54 -13.64 -20.33 -11.69
CA ILE B 54 -14.76 -21.26 -11.47
C ILE B 54 -14.36 -22.75 -11.42
N ASP B 55 -13.15 -23.05 -11.88
CA ASP B 55 -12.60 -24.40 -11.89
C ASP B 55 -11.61 -24.66 -10.75
N SER B 56 -11.54 -23.73 -9.78
CA SER B 56 -10.73 -23.92 -8.57
C SER B 56 -11.68 -24.29 -7.42
N PRO B 57 -11.79 -25.59 -7.08
CA PRO B 57 -12.78 -26.04 -6.09
C PRO B 57 -12.50 -25.55 -4.65
N PRO B 58 -13.58 -25.19 -3.92
CA PRO B 58 -13.38 -24.85 -2.52
C PRO B 58 -13.04 -26.05 -1.64
N ILE B 59 -12.44 -25.78 -0.49
CA ILE B 59 -12.30 -26.77 0.60
C ILE B 59 -13.68 -27.16 1.16
N THR B 60 -13.71 -28.12 2.08
CA THR B 60 -14.97 -28.56 2.69
C THR B 60 -15.61 -27.50 3.58
N ALA B 61 -14.78 -26.78 4.34
CA ALA B 61 -15.27 -25.88 5.36
C ALA B 61 -16.06 -24.69 4.78
N ARG B 62 -17.17 -24.40 5.42
CA ARG B 62 -17.95 -23.21 5.15
C ARG B 62 -18.10 -22.48 6.50
N ASN B 63 -17.59 -21.25 6.53
CA ASN B 63 -17.31 -20.41 7.74
C ASN B 63 -18.48 -19.51 8.16
N THR B 64 -19.32 -19.16 7.20
CA THR B 64 -20.39 -18.17 7.40
C THR B 64 -21.62 -18.84 7.97
N GLY B 65 -22.09 -18.37 9.11
CA GLY B 65 -23.25 -18.98 9.74
C GLY B 65 -24.51 -18.71 8.92
N ILE B 66 -25.38 -19.70 8.90
CA ILE B 66 -26.65 -19.62 8.20
C ILE B 66 -27.80 -19.68 9.22
N ILE B 67 -28.61 -18.62 9.21
CA ILE B 67 -29.71 -18.44 10.14
C ILE B 67 -30.99 -18.65 9.33
N CYS B 68 -31.81 -19.61 9.77
CA CYS B 68 -33.02 -20.01 9.06
C CYS B 68 -34.22 -19.70 9.90
N THR B 69 -35.16 -18.98 9.31
CA THR B 69 -36.39 -18.69 9.98
C THR B 69 -37.29 -19.94 9.90
N ILE B 70 -37.82 -20.37 11.05
CA ILE B 70 -38.67 -21.55 11.13
C ILE B 70 -40.16 -21.18 11.08
N GLY B 71 -40.90 -22.00 10.34
CA GLY B 71 -42.33 -21.76 10.11
C GLY B 71 -42.95 -23.03 9.59
N PRO B 72 -44.17 -22.96 9.03
CA PRO B 72 -44.88 -24.20 8.62
C PRO B 72 -44.09 -25.09 7.66
N ALA B 73 -43.24 -24.50 6.81
CA ALA B 73 -42.48 -25.26 5.83
C ALA B 73 -41.32 -26.09 6.39
N SER B 74 -40.86 -25.76 7.62
CA SER B 74 -39.61 -26.24 8.16
C SER B 74 -39.66 -26.59 9.67
N ARG B 75 -40.88 -26.67 10.24
CA ARG B 75 -41.11 -26.80 11.68
C ARG B 75 -41.13 -28.25 12.20
N SER B 76 -41.36 -29.20 11.30
CA SER B 76 -41.40 -30.62 11.67
C SER B 76 -40.01 -31.16 12.06
N VAL B 77 -39.99 -32.10 12.99
CA VAL B 77 -38.75 -32.76 13.40
C VAL B 77 -38.01 -33.36 12.21
N GLU B 78 -38.74 -34.03 11.33
CA GLU B 78 -38.12 -34.68 10.17
C GLU B 78 -37.48 -33.62 9.23
N THR B 79 -38.17 -32.52 8.98
CA THR B 79 -37.60 -31.50 8.10
C THR B 79 -36.46 -30.77 8.78
N LEU B 80 -36.58 -30.54 10.08
CA LEU B 80 -35.50 -29.91 10.83
C LEU B 80 -34.20 -30.72 10.76
N LYS B 81 -34.28 -32.04 10.87
CA LYS B 81 -33.09 -32.87 10.72
C LYS B 81 -32.38 -32.60 9.36
N GLU B 82 -33.16 -32.53 8.28
CA GLU B 82 -32.64 -32.21 6.94
C GLU B 82 -32.11 -30.76 6.82
N MET B 83 -32.76 -29.81 7.50
CA MET B 83 -32.28 -28.42 7.59
C MET B 83 -30.87 -28.40 8.21
N ILE B 84 -30.69 -29.16 9.29
CA ILE B 84 -29.38 -29.27 9.93
C ILE B 84 -28.34 -29.85 8.98
N LYS B 85 -28.67 -30.97 8.33
CA LYS B 85 -27.78 -31.63 7.37
C LYS B 85 -27.42 -30.73 6.18
N SER B 86 -28.36 -29.87 5.81
CA SER B 86 -28.21 -28.97 4.66
C SER B 86 -27.40 -27.72 5.03
N GLY B 87 -27.25 -27.44 6.33
CA GLY B 87 -26.37 -26.38 6.79
C GLY B 87 -26.90 -25.34 7.75
N MET B 88 -28.14 -25.45 8.22
CA MET B 88 -28.65 -24.49 9.21
C MET B 88 -27.82 -24.51 10.51
N ASN B 89 -27.35 -23.33 10.94
CA ASN B 89 -26.67 -23.18 12.22
C ASN B 89 -27.50 -22.54 13.31
N VAL B 90 -28.46 -21.68 12.93
CA VAL B 90 -29.28 -20.95 13.86
C VAL B 90 -30.72 -21.06 13.38
N ALA B 91 -31.59 -21.53 14.28
CA ALA B 91 -33.04 -21.48 14.09
C ALA B 91 -33.64 -20.17 14.64
N ARG B 92 -34.22 -19.38 13.74
CA ARG B 92 -34.82 -18.11 14.09
C ARG B 92 -36.34 -18.27 14.26
N LEU B 93 -36.83 -17.90 15.44
CA LEU B 93 -38.28 -17.80 15.72
C LEU B 93 -38.74 -16.35 15.59
N ASN B 94 -39.66 -16.10 14.66
CA ASN B 94 -40.18 -14.74 14.48
C ASN B 94 -41.43 -14.53 15.36
N PHE B 95 -41.26 -13.79 16.45
CA PHE B 95 -42.35 -13.57 17.38
C PHE B 95 -43.36 -12.50 16.89
N SER B 96 -43.23 -12.01 15.66
CA SER B 96 -44.30 -11.14 15.14
C SER B 96 -45.65 -11.86 15.07
N HIS B 97 -45.64 -13.20 14.98
CA HIS B 97 -46.86 -14.01 15.01
C HIS B 97 -46.60 -15.33 15.73
N GLY B 98 -47.67 -16.01 16.09
CA GLY B 98 -47.59 -17.30 16.80
C GLY B 98 -47.70 -17.10 18.30
N THR B 99 -48.32 -18.08 18.96
CA THR B 99 -48.49 -18.09 20.40
C THR B 99 -47.22 -18.61 21.05
N HIS B 100 -47.08 -18.39 22.37
CA HIS B 100 -46.01 -19.04 23.15
C HIS B 100 -46.05 -20.55 23.04
N GLU B 101 -47.25 -21.11 23.03
CA GLU B 101 -47.43 -22.55 22.93
C GLU B 101 -46.87 -23.06 21.59
N TYR B 102 -47.16 -22.33 20.52
CA TYR B 102 -46.67 -22.63 19.17
C TYR B 102 -45.13 -22.60 19.14
N HIS B 103 -44.58 -21.50 19.62
CA HIS B 103 -43.11 -21.30 19.60
C HIS B 103 -42.40 -22.28 20.52
N ALA B 104 -43.01 -22.61 21.66
CA ALA B 104 -42.44 -23.62 22.53
C ALA B 104 -42.29 -24.96 21.83
N GLU B 105 -43.30 -25.34 21.05
CA GLU B 105 -43.27 -26.56 20.28
C GLU B 105 -42.21 -26.53 19.17
N THR B 106 -42.09 -25.39 18.50
CA THR B 106 -41.03 -25.25 17.50
C THR B 106 -39.67 -25.49 18.14
N ILE B 107 -39.42 -24.86 19.29
CA ILE B 107 -38.12 -25.00 20.02
C ILE B 107 -37.90 -26.45 20.44
N LYS B 108 -38.96 -27.09 20.96
CA LYS B 108 -38.87 -28.48 21.29
C LYS B 108 -38.48 -29.29 20.04
N ASN B 109 -39.09 -29.02 18.88
CA ASN B 109 -38.75 -29.80 17.69
C ASN B 109 -37.32 -29.55 17.21
N VAL B 110 -36.87 -28.29 17.31
CA VAL B 110 -35.47 -27.94 16.99
C VAL B 110 -34.50 -28.78 17.83
N ARG B 111 -34.80 -28.89 19.11
CA ARG B 111 -33.95 -29.62 20.03
C ARG B 111 -33.99 -31.14 19.79
N THR B 112 -35.18 -31.69 19.53
CA THR B 112 -35.30 -33.10 19.18
C THR B 112 -34.47 -33.41 17.95
N ALA B 113 -34.61 -32.61 16.90
CA ALA B 113 -33.81 -32.78 15.67
C ALA B 113 -32.31 -32.67 15.94
N THR B 114 -31.91 -31.63 16.64
CA THR B 114 -30.50 -31.38 16.94
C THR B 114 -29.88 -32.53 17.76
N GLU B 115 -30.62 -33.00 18.77
CA GLU B 115 -30.07 -34.03 19.66
C GLU B 115 -30.13 -35.40 19.05
N SER B 116 -30.86 -35.56 17.94
CA SER B 116 -30.87 -36.83 17.21
C SER B 116 -29.49 -37.19 16.63
N PHE B 117 -28.60 -36.20 16.59
CA PHE B 117 -27.23 -36.40 16.12
C PHE B 117 -26.22 -36.49 17.27
N ALA B 118 -26.67 -36.35 18.52
CA ALA B 118 -25.76 -36.24 19.68
C ALA B 118 -25.04 -37.52 20.08
N SER B 119 -25.42 -38.66 19.52
CA SER B 119 -24.79 -39.93 19.86
C SER B 119 -23.30 -39.96 19.45
N ASP B 120 -23.02 -39.43 18.24
CA ASP B 120 -21.64 -39.24 17.74
C ASP B 120 -21.16 -37.80 17.99
N PRO B 121 -20.44 -37.56 19.10
CA PRO B 121 -20.04 -36.20 19.46
C PRO B 121 -18.98 -35.59 18.52
N ILE B 122 -18.26 -36.44 17.80
CA ILE B 122 -17.29 -35.96 16.79
C ILE B 122 -18.02 -35.25 15.61
N LEU B 123 -19.18 -35.77 15.21
CA LEU B 123 -19.94 -35.23 14.07
C LEU B 123 -21.13 -34.34 14.45
N TYR B 124 -21.45 -34.31 15.74
CA TYR B 124 -22.53 -33.47 16.24
C TYR B 124 -22.31 -31.99 15.96
N ARG B 125 -23.31 -31.35 15.37
CA ARG B 125 -23.28 -29.93 15.09
C ARG B 125 -24.23 -29.18 16.04
N PRO B 126 -23.69 -28.29 16.90
CA PRO B 126 -24.56 -27.45 17.71
C PRO B 126 -25.50 -26.63 16.81
N VAL B 127 -26.72 -26.39 17.29
CA VAL B 127 -27.70 -25.53 16.61
C VAL B 127 -28.28 -24.53 17.60
N ALA B 128 -28.14 -23.23 17.29
CA ALA B 128 -28.62 -22.16 18.18
C ALA B 128 -30.09 -21.83 17.97
N VAL B 129 -30.69 -21.24 19.00
CA VAL B 129 -32.07 -20.80 18.96
C VAL B 129 -32.08 -19.30 19.19
N ALA B 130 -32.66 -18.58 18.22
CA ALA B 130 -32.79 -17.13 18.26
C ALA B 130 -34.25 -16.71 18.34
N LEU B 131 -34.55 -15.79 19.26
CA LEU B 131 -35.86 -15.15 19.41
C LEU B 131 -35.82 -13.74 18.78
N ASP B 132 -36.65 -13.54 17.76
CA ASP B 132 -36.72 -12.28 17.06
C ASP B 132 -38.01 -11.58 17.43
N THR B 133 -37.89 -10.41 18.05
CA THR B 133 -39.04 -9.77 18.71
C THR B 133 -40.01 -9.11 17.72
N LYS B 134 -41.28 -8.99 18.09
CA LYS B 134 -42.22 -8.24 17.26
C LYS B 134 -41.79 -6.77 17.26
N GLY B 135 -41.53 -6.24 18.45
CA GLY B 135 -40.98 -4.92 18.59
C GLY B 135 -42.04 -3.87 18.52
N PRO B 136 -41.65 -2.60 18.68
CA PRO B 136 -42.59 -1.51 18.58
C PRO B 136 -43.08 -1.30 17.15
N GLU B 137 -44.38 -1.08 17.02
CA GLU B 137 -45.04 -0.90 15.75
C GLU B 137 -46.05 0.24 15.80
N ILE B 138 -46.25 0.83 14.62
CA ILE B 138 -47.39 1.73 14.40
C ILE B 138 -48.37 0.99 13.48
N ARG B 139 -49.63 0.89 13.91
CA ARG B 139 -50.68 0.19 13.18
C ARG B 139 -51.89 1.09 12.91
N THR B 140 -52.49 0.92 11.73
CA THR B 140 -53.76 1.59 11.40
C THR B 140 -54.91 0.81 12.06
N GLY B 141 -56.14 1.32 11.90
CA GLY B 141 -57.34 0.71 12.51
C GLY B 141 -58.10 -0.17 11.55
N LEU B 142 -59.35 -0.52 11.91
CA LEU B 142 -60.20 -1.39 11.09
C LEU B 142 -60.99 -0.57 10.06
N ILE B 143 -60.99 -1.03 8.80
CA ILE B 143 -61.73 -0.36 7.73
C ILE B 143 -63.24 -0.55 7.92
N LYS B 144 -63.99 0.56 7.83
CA LYS B 144 -65.47 0.56 7.85
C LYS B 144 -66.07 -0.31 8.95
N GLU B 150 -61.59 -2.87 2.45
CA GLU B 150 -60.53 -2.06 1.87
C GLU B 150 -61.07 -0.81 1.16
N VAL B 151 -60.36 0.31 1.32
CA VAL B 151 -60.63 1.54 0.59
C VAL B 151 -59.50 1.75 -0.42
N GLU B 152 -59.79 2.40 -1.55
CA GLU B 152 -58.81 2.56 -2.62
C GLU B 152 -58.08 3.89 -2.53
N ALA B 157 -55.42 12.78 -4.15
CA ALA B 157 -56.52 12.81 -3.18
C ALA B 157 -56.07 13.37 -1.83
N THR B 158 -57.02 13.72 -0.97
CA THR B 158 -56.71 14.12 0.41
C THR B 158 -57.02 12.97 1.37
N LEU B 159 -56.40 13.00 2.54
CA LEU B 159 -56.60 11.94 3.56
C LEU B 159 -56.24 12.44 4.97
N LYS B 160 -57.24 12.47 5.85
CA LYS B 160 -57.03 12.90 7.23
C LYS B 160 -56.54 11.72 8.06
N ILE B 161 -55.45 11.93 8.79
CA ILE B 161 -54.99 10.97 9.80
C ILE B 161 -55.45 11.49 11.16
N THR B 162 -56.25 10.69 11.86
CA THR B 162 -56.81 11.07 13.16
C THR B 162 -56.33 10.11 14.25
N LEU B 163 -56.11 10.66 15.44
CA LEU B 163 -55.79 9.85 16.61
C LEU B 163 -57.05 9.65 17.48
N ASP B 164 -58.20 10.12 16.99
CA ASP B 164 -59.48 10.00 17.71
C ASP B 164 -59.94 8.55 17.76
N ASN B 165 -59.90 7.96 18.96
CA ASN B 165 -60.26 6.55 19.15
C ASN B 165 -61.69 6.24 18.73
N ALA B 166 -62.52 7.27 18.53
CA ALA B 166 -63.84 7.11 17.93
C ALA B 166 -63.75 6.66 16.46
N TYR B 167 -62.69 7.07 15.77
CA TYR B 167 -62.47 6.69 14.38
C TYR B 167 -61.70 5.36 14.22
N MET B 168 -61.40 4.68 15.34
CA MET B 168 -60.49 3.51 15.32
C MET B 168 -61.05 2.25 14.66
N GLU B 169 -62.35 2.21 14.41
CA GLU B 169 -62.95 1.15 13.60
C GLU B 169 -63.77 1.69 12.41
N LYS B 170 -63.73 3.01 12.21
CA LYS B 170 -64.41 3.65 11.08
C LYS B 170 -63.39 4.25 10.08
N CYS B 171 -62.36 3.46 9.75
CA CYS B 171 -61.32 3.88 8.79
C CYS B 171 -61.84 3.81 7.35
N ASP B 172 -61.56 4.85 6.55
CA ASP B 172 -61.98 4.88 5.14
C ASP B 172 -61.12 5.83 4.31
N GLU B 173 -61.51 6.05 3.04
CA GLU B 173 -60.75 6.91 2.11
C GLU B 173 -60.64 8.38 2.57
N ASN B 174 -61.47 8.81 3.50
CA ASN B 174 -61.43 10.18 4.03
C ASN B 174 -60.72 10.31 5.40
N ILE B 175 -60.92 9.30 6.27
CA ILE B 175 -60.34 9.30 7.63
C ILE B 175 -59.56 8.00 7.91
N LEU B 176 -58.31 8.16 8.41
CA LEU B 176 -57.45 7.00 8.80
C LEU B 176 -56.96 7.16 10.24
N TRP B 177 -57.35 6.22 11.10
CA TRP B 177 -56.90 6.18 12.49
C TRP B 177 -55.59 5.39 12.64
N LEU B 178 -54.70 5.88 13.51
CA LEU B 178 -53.43 5.21 13.87
C LEU B 178 -53.30 5.09 15.37
N ASP B 179 -52.55 4.09 15.82
CA ASP B 179 -52.42 3.81 17.26
C ASP B 179 -51.19 4.49 17.91
N TYR B 180 -50.47 5.31 17.16
CA TYR B 180 -49.31 6.03 17.70
C TYR B 180 -49.72 7.45 18.17
N LYS B 181 -50.03 7.56 19.46
CA LYS B 181 -50.59 8.81 20.05
C LYS B 181 -49.71 10.05 19.84
N ASN B 182 -48.40 9.83 19.80
CA ASN B 182 -47.42 10.93 19.72
C ASN B 182 -46.99 11.28 18.33
N ILE B 183 -47.64 10.70 17.32
CA ILE B 183 -47.23 10.89 15.92
C ILE B 183 -47.05 12.36 15.55
N CYS B 184 -47.91 13.22 16.08
CA CYS B 184 -47.89 14.64 15.69
C CYS B 184 -46.64 15.38 16.20
N LYS B 185 -46.03 14.87 17.25
CA LYS B 185 -44.77 15.40 17.77
C LYS B 185 -43.54 15.07 16.91
N VAL B 186 -43.61 13.96 16.15
CA VAL B 186 -42.44 13.47 15.39
C VAL B 186 -42.49 13.77 13.88
N VAL B 187 -43.67 14.14 13.37
CA VAL B 187 -43.83 14.51 11.97
C VAL B 187 -43.98 16.04 11.84
N GLU B 188 -43.62 16.55 10.67
CA GLU B 188 -43.75 17.98 10.34
C GLU B 188 -44.35 18.10 8.93
N VAL B 189 -44.86 19.28 8.58
CA VAL B 189 -45.41 19.51 7.23
C VAL B 189 -44.36 19.14 6.18
N GLY B 190 -44.73 18.27 5.25
CA GLY B 190 -43.80 17.78 4.22
C GLY B 190 -43.24 16.38 4.50
N SER B 191 -43.27 15.97 5.77
CA SER B 191 -42.83 14.62 6.19
C SER B 191 -43.65 13.51 5.51
N LYS B 192 -42.98 12.47 5.03
CA LYS B 192 -43.63 11.35 4.35
C LYS B 192 -44.11 10.30 5.35
N ILE B 193 -45.20 9.61 5.00
CA ILE B 193 -45.73 8.51 5.79
C ILE B 193 -46.05 7.33 4.89
N TYR B 194 -45.49 6.17 5.22
CA TYR B 194 -45.71 4.94 4.45
C TYR B 194 -46.67 4.02 5.21
N VAL B 195 -47.57 3.37 4.48
CA VAL B 195 -48.56 2.45 5.07
C VAL B 195 -48.56 1.10 4.36
N ASP B 196 -48.65 0.02 5.14
CA ASP B 196 -48.65 -1.36 4.62
C ASP B 196 -47.35 -1.67 3.87
N ASP B 197 -46.33 -2.08 4.65
CA ASP B 197 -45.01 -2.40 4.13
C ASP B 197 -44.60 -1.49 2.98
N GLY B 198 -44.81 -0.18 3.15
CA GLY B 198 -44.38 0.78 2.15
C GLY B 198 -45.19 0.88 0.85
N LEU B 199 -46.26 0.10 0.76
CA LEU B 199 -47.12 0.02 -0.44
C LEU B 199 -47.80 1.36 -0.75
N ILE B 200 -48.26 2.03 0.31
CA ILE B 200 -48.96 3.31 0.19
C ILE B 200 -48.09 4.40 0.78
N SER B 201 -48.06 5.55 0.12
CA SER B 201 -47.25 6.69 0.51
C SER B 201 -48.12 7.94 0.67
N LEU B 202 -47.77 8.81 1.62
CA LEU B 202 -48.50 10.06 1.88
C LEU B 202 -47.52 11.16 2.24
N GLN B 203 -47.81 12.40 1.86
CA GLN B 203 -47.11 13.57 2.39
C GLN B 203 -48.07 14.34 3.27
N VAL B 204 -47.62 14.75 4.46
CA VAL B 204 -48.42 15.52 5.40
C VAL B 204 -48.58 16.95 4.91
N ASP B 210 -53.74 17.15 17.27
CA ASP B 210 -54.15 15.76 17.33
C ASP B 210 -54.66 15.22 15.98
N PHE B 211 -54.29 15.89 14.88
CA PHE B 211 -54.75 15.54 13.53
C PHE B 211 -53.65 15.80 12.50
N LEU B 212 -53.70 15.09 11.36
CA LEU B 212 -52.79 15.33 10.23
C LEU B 212 -53.58 15.31 8.91
N VAL B 213 -53.32 16.29 8.03
CA VAL B 213 -53.94 16.34 6.70
C VAL B 213 -52.91 16.02 5.63
N THR B 214 -53.19 14.99 4.82
CA THR B 214 -52.20 14.42 3.89
C THR B 214 -52.70 14.28 2.46
N GLU B 215 -51.78 14.33 1.50
CA GLU B 215 -52.07 14.07 0.09
C GLU B 215 -51.42 12.75 -0.33
N VAL B 216 -52.24 11.77 -0.71
CA VAL B 216 -51.75 10.46 -1.16
C VAL B 216 -50.74 10.60 -2.31
N GLU B 217 -49.50 10.18 -2.08
CA GLU B 217 -48.45 10.22 -3.10
C GLU B 217 -48.47 8.99 -4.00
N ASN B 218 -48.54 7.81 -3.40
CA ASN B 218 -48.65 6.56 -4.15
C ASN B 218 -49.85 5.77 -3.65
N GLY B 219 -50.92 5.73 -4.43
CA GLY B 219 -52.17 5.12 -4.01
C GLY B 219 -52.17 3.60 -4.03
N GLY B 220 -53.24 3.01 -3.50
CA GLY B 220 -53.38 1.55 -3.49
C GLY B 220 -54.58 1.12 -2.65
N SER B 221 -54.77 -0.19 -2.54
CA SER B 221 -55.82 -0.74 -1.69
C SER B 221 -55.36 -0.70 -0.24
N LEU B 222 -56.17 -0.08 0.63
CA LEU B 222 -55.83 0.10 2.05
C LEU B 222 -56.69 -0.77 2.95
N GLY B 223 -56.09 -1.82 3.53
CA GLY B 223 -56.78 -2.72 4.44
C GLY B 223 -56.71 -2.27 5.90
N SER B 224 -56.96 -3.22 6.80
CA SER B 224 -57.03 -2.95 8.24
C SER B 224 -55.77 -3.40 8.98
N LYS B 225 -55.47 -2.71 10.08
CA LYS B 225 -54.36 -3.09 10.96
C LYS B 225 -53.03 -3.20 10.20
N LYS B 226 -52.73 -2.20 9.37
CA LYS B 226 -51.52 -2.20 8.53
C LYS B 226 -50.35 -1.46 9.18
N GLY B 227 -49.14 -1.92 8.89
CA GLY B 227 -47.92 -1.30 9.41
C GLY B 227 -47.60 0.06 8.80
N VAL B 228 -47.09 0.96 9.62
CA VAL B 228 -46.78 2.31 9.21
C VAL B 228 -45.29 2.62 9.47
N ASN B 229 -44.66 3.32 8.53
CA ASN B 229 -43.28 3.76 8.66
C ASN B 229 -43.19 5.28 8.49
N LEU B 230 -42.32 5.90 9.28
CA LEU B 230 -42.12 7.35 9.24
C LEU B 230 -40.68 7.70 8.90
N PRO B 231 -40.35 7.71 7.60
CA PRO B 231 -38.97 8.00 7.17
C PRO B 231 -38.41 9.26 7.77
N GLY B 232 -37.26 9.12 8.42
CA GLY B 232 -36.54 10.27 9.01
C GLY B 232 -37.02 10.70 10.39
N ALA B 233 -38.15 10.18 10.85
CA ALA B 233 -38.73 10.58 12.13
C ALA B 233 -38.08 9.86 13.30
N ALA B 234 -37.96 10.57 14.43
CA ALA B 234 -37.48 9.98 15.69
C ALA B 234 -38.67 9.40 16.43
N VAL B 235 -39.05 8.17 16.09
CA VAL B 235 -40.18 7.50 16.73
C VAL B 235 -39.80 7.22 18.18
N ASP B 236 -40.62 7.71 19.11
CA ASP B 236 -40.35 7.61 20.56
C ASP B 236 -41.12 6.49 21.24
N LEU B 237 -41.62 5.55 20.45
CA LEU B 237 -42.22 4.34 21.02
C LEU B 237 -41.21 3.69 21.98
N PRO B 238 -41.70 2.98 23.01
CA PRO B 238 -40.79 2.31 23.95
C PRO B 238 -39.85 1.32 23.22
N ALA B 239 -38.64 1.13 23.74
CA ALA B 239 -37.69 0.14 23.24
C ALA B 239 -38.30 -1.24 23.15
N VAL B 240 -39.11 -1.56 24.15
CA VAL B 240 -39.70 -2.86 24.34
C VAL B 240 -41.23 -2.70 24.56
N SER B 241 -42.04 -3.32 23.72
CA SER B 241 -43.50 -3.31 23.90
C SER B 241 -43.92 -4.25 25.03
N GLU B 242 -45.19 -4.13 25.47
CA GLU B 242 -45.74 -5.06 26.47
C GLU B 242 -45.64 -6.51 26.04
N LYS B 243 -45.97 -6.80 24.78
CA LYS B 243 -45.80 -8.14 24.22
C LYS B 243 -44.36 -8.61 24.27
N ASP B 244 -43.45 -7.72 23.87
CA ASP B 244 -42.00 -8.02 23.93
C ASP B 244 -41.56 -8.41 25.35
N ILE B 245 -42.07 -7.72 26.37
CA ILE B 245 -41.67 -8.02 27.78
C ILE B 245 -42.02 -9.46 28.12
N GLN B 246 -43.24 -9.87 27.73
CA GLN B 246 -43.69 -11.23 27.95
C GLN B 246 -42.91 -12.22 27.09
N ASP B 247 -42.58 -11.83 25.85
CA ASP B 247 -41.85 -12.72 24.93
C ASP B 247 -40.39 -12.93 25.37
N LEU B 248 -39.77 -11.87 25.88
CA LEU B 248 -38.39 -11.94 26.36
C LEU B 248 -38.29 -12.80 27.63
N LYS B 249 -39.29 -12.71 28.50
CA LYS B 249 -39.38 -13.62 29.65
C LYS B 249 -39.51 -15.07 29.21
N PHE B 250 -40.33 -15.30 28.20
CA PHE B 250 -40.49 -16.61 27.63
C PHE B 250 -39.14 -17.12 27.07
N GLY B 251 -38.38 -16.25 26.38
CA GLY B 251 -37.05 -16.61 25.85
C GLY B 251 -36.08 -17.08 26.92
N VAL B 252 -36.09 -16.38 28.04
CA VAL B 252 -35.25 -16.76 29.18
C VAL B 252 -35.68 -18.12 29.74
N GLU B 253 -37.00 -18.31 29.93
CA GLU B 253 -37.51 -19.61 30.38
C GLU B 253 -37.17 -20.74 29.43
N GLN B 254 -37.20 -20.45 28.12
CA GLN B 254 -36.94 -21.45 27.09
C GLN B 254 -35.44 -21.60 26.75
N ASP B 255 -34.60 -20.83 27.42
CA ASP B 255 -33.13 -21.00 27.33
C ASP B 255 -32.64 -20.66 25.93
N VAL B 256 -33.19 -19.60 25.34
CA VAL B 256 -32.74 -19.21 23.99
C VAL B 256 -31.32 -18.68 24.08
N ASP B 257 -30.63 -18.77 22.95
CA ASP B 257 -29.22 -18.35 22.83
C ASP B 257 -29.02 -16.89 22.58
N MET B 258 -29.99 -16.25 21.92
CA MET B 258 -29.82 -14.89 21.48
C MET B 258 -31.18 -14.28 21.12
N VAL B 259 -31.26 -12.97 21.28
CA VAL B 259 -32.43 -12.20 20.93
C VAL B 259 -32.08 -11.23 19.76
N PHE B 260 -32.88 -11.23 18.71
CA PHE B 260 -32.76 -10.24 17.67
C PHE B 260 -33.80 -9.20 18.00
N ALA B 261 -33.32 -8.05 18.47
CA ALA B 261 -34.20 -7.03 19.02
C ALA B 261 -34.60 -6.04 17.95
N SER B 262 -35.90 -6.01 17.66
CA SER B 262 -36.43 -5.18 16.58
C SER B 262 -36.36 -3.69 16.84
N PHE B 263 -36.16 -2.94 15.76
CA PHE B 263 -36.37 -1.50 15.70
C PHE B 263 -35.51 -0.76 16.73
N ILE B 264 -34.23 -1.11 16.80
CA ILE B 264 -33.32 -0.46 17.76
C ILE B 264 -32.85 0.85 17.15
N ARG B 265 -33.11 1.95 17.86
CA ARG B 265 -32.83 3.31 17.38
C ARG B 265 -31.69 4.03 18.08
N LYS B 266 -31.30 3.55 19.25
CA LYS B 266 -30.34 4.24 20.14
C LYS B 266 -29.85 3.29 21.23
N ALA B 267 -28.73 3.63 21.85
CA ALA B 267 -28.11 2.78 22.84
C ALA B 267 -29.07 2.45 23.97
N SER B 268 -29.86 3.44 24.38
CA SER B 268 -30.77 3.26 25.51
C SER B 268 -31.75 2.16 25.21
N ASP B 269 -32.11 1.96 23.94
CA ASP B 269 -33.05 0.86 23.61
C ASP B 269 -32.44 -0.50 23.92
N VAL B 270 -31.16 -0.66 23.58
CA VAL B 270 -30.41 -1.87 23.87
C VAL B 270 -30.35 -2.12 25.40
N HIS B 271 -30.03 -1.07 26.14
CA HIS B 271 -29.94 -1.15 27.61
C HIS B 271 -31.27 -1.64 28.18
N GLU B 272 -32.40 -1.19 27.63
CA GLU B 272 -33.71 -1.64 28.10
C GLU B 272 -33.96 -3.12 27.83
N VAL B 273 -33.61 -3.59 26.62
CA VAL B 273 -33.69 -5.01 26.33
C VAL B 273 -32.84 -5.83 27.32
N ARG B 274 -31.62 -5.37 27.54
CA ARG B 274 -30.68 -6.01 28.45
C ARG B 274 -31.27 -6.07 29.87
N LYS B 275 -31.89 -4.97 30.28
CA LYS B 275 -32.53 -4.90 31.59
C LYS B 275 -33.71 -5.89 31.70
N VAL B 276 -34.55 -5.98 30.67
CA VAL B 276 -35.67 -6.92 30.70
C VAL B 276 -35.17 -8.37 30.79
N LEU B 277 -34.13 -8.70 30.04
CA LEU B 277 -33.53 -10.04 30.10
C LEU B 277 -32.95 -10.35 31.50
N GLY B 278 -32.38 -9.33 32.12
CA GLY B 278 -31.98 -9.41 33.55
C GLY B 278 -30.84 -10.35 33.83
N GLU B 279 -30.57 -10.58 35.11
CA GLU B 279 -29.46 -11.44 35.52
C GLU B 279 -29.70 -12.86 35.03
N LYS B 280 -30.95 -13.33 35.06
CA LYS B 280 -31.25 -14.68 34.61
C LYS B 280 -30.90 -14.82 33.11
N GLY B 281 -31.08 -13.72 32.37
CA GLY B 281 -30.79 -13.70 30.94
C GLY B 281 -29.47 -13.08 30.53
N LYS B 282 -28.56 -12.88 31.48
CA LYS B 282 -27.33 -12.14 31.22
C LYS B 282 -26.40 -12.71 30.15
N ASN B 283 -26.45 -14.02 29.93
CA ASN B 283 -25.59 -14.67 28.93
C ASN B 283 -26.25 -14.79 27.56
N ILE B 284 -27.49 -14.30 27.44
CA ILE B 284 -28.22 -14.29 26.12
C ILE B 284 -27.66 -13.13 25.33
N LYS B 285 -27.22 -13.41 24.08
CA LYS B 285 -26.63 -12.37 23.24
C LYS B 285 -27.75 -11.48 22.69
N ILE B 286 -27.51 -10.18 22.67
CA ILE B 286 -28.43 -9.22 22.10
C ILE B 286 -27.86 -8.70 20.77
N ILE B 287 -28.57 -9.01 19.68
CA ILE B 287 -28.25 -8.54 18.34
C ILE B 287 -29.27 -7.43 18.00
N SER B 288 -28.81 -6.20 17.81
CA SER B 288 -29.70 -5.07 17.54
C SER B 288 -30.03 -5.03 16.05
N LYS B 289 -31.31 -4.99 15.74
CA LYS B 289 -31.79 -4.84 14.34
C LYS B 289 -31.86 -3.38 13.99
N ILE B 290 -31.09 -2.98 12.97
CA ILE B 290 -31.08 -1.60 12.49
C ILE B 290 -32.06 -1.53 11.33
N GLU B 291 -33.14 -0.79 11.52
CA GLU B 291 -34.30 -0.78 10.61
C GLU B 291 -34.69 0.59 10.11
N ASN B 292 -34.04 1.65 10.57
CA ASN B 292 -34.43 3.00 10.17
C ASN B 292 -33.28 4.01 10.18
N HIS B 293 -33.58 5.24 9.80
CA HIS B 293 -32.56 6.25 9.66
C HIS B 293 -31.87 6.59 11.00
N GLU B 294 -32.65 6.75 12.06
CA GLU B 294 -32.06 7.05 13.38
C GLU B 294 -31.08 5.98 13.81
N GLY B 295 -31.48 4.71 13.67
CA GLY B 295 -30.55 3.59 13.97
C GLY B 295 -29.24 3.63 13.18
N VAL B 296 -29.31 4.03 11.91
CA VAL B 296 -28.09 4.16 11.13
C VAL B 296 -27.22 5.33 11.63
N ARG B 297 -27.86 6.48 11.87
CA ARG B 297 -27.14 7.66 12.40
C ARG B 297 -26.49 7.39 13.77
N ARG B 298 -27.18 6.66 14.64
CA ARG B 298 -26.69 6.39 15.99
C ARG B 298 -26.06 5.00 16.10
N PHE B 299 -25.55 4.51 14.96
CA PHE B 299 -25.06 3.17 14.88
C PHE B 299 -23.93 2.88 15.86
N ASP B 300 -22.93 3.77 15.93
CA ASP B 300 -21.78 3.54 16.80
C ASP B 300 -22.17 3.27 18.25
N GLU B 301 -23.12 4.04 18.77
CA GLU B 301 -23.52 3.83 20.17
C GLU B 301 -24.35 2.55 20.33
N ILE B 302 -25.09 2.17 19.29
CA ILE B 302 -25.86 0.94 19.37
C ILE B 302 -24.90 -0.24 19.35
N LEU B 303 -23.90 -0.17 18.48
CA LEU B 303 -22.96 -1.26 18.35
C LEU B 303 -22.23 -1.49 19.69
N GLU B 304 -21.87 -0.40 20.33
CA GLU B 304 -21.09 -0.48 21.56
C GLU B 304 -21.90 -1.18 22.62
N ALA B 305 -23.20 -0.88 22.70
CA ALA B 305 -24.09 -1.48 23.71
C ALA B 305 -24.50 -2.92 23.40
N SER B 306 -24.30 -3.35 22.14
CA SER B 306 -24.84 -4.63 21.67
C SER B 306 -23.79 -5.73 21.58
N ASP B 307 -24.25 -6.97 21.51
CA ASP B 307 -23.39 -8.11 21.22
C ASP B 307 -23.14 -8.31 19.74
N GLY B 308 -24.01 -7.73 18.90
CA GLY B 308 -23.92 -7.88 17.44
C GLY B 308 -25.02 -7.07 16.80
N ILE B 309 -25.08 -7.12 15.45
CA ILE B 309 -25.99 -6.30 14.68
C ILE B 309 -26.66 -7.13 13.58
N MET B 310 -27.94 -6.82 13.30
CA MET B 310 -28.58 -7.32 12.07
C MET B 310 -28.89 -6.13 11.18
N VAL B 311 -28.48 -6.22 9.92
CA VAL B 311 -28.89 -5.27 8.91
C VAL B 311 -30.26 -5.71 8.39
N ALA B 312 -31.30 -5.09 8.91
CA ALA B 312 -32.66 -5.49 8.66
C ALA B 312 -33.12 -4.73 7.40
N ARG B 313 -32.73 -5.28 6.23
CA ARG B 313 -32.81 -4.51 4.99
C ARG B 313 -34.22 -4.23 4.49
N GLY B 314 -35.17 -5.09 4.82
CA GLY B 314 -36.58 -4.87 4.41
C GLY B 314 -37.13 -3.52 4.84
N ASP B 315 -37.25 -3.33 6.17
CA ASP B 315 -37.77 -2.09 6.73
C ASP B 315 -36.80 -0.94 6.45
N LEU B 316 -35.49 -1.21 6.45
CA LEU B 316 -34.52 -0.15 6.18
C LEU B 316 -34.80 0.53 4.82
N GLY B 317 -35.09 -0.26 3.79
CA GLY B 317 -35.37 0.27 2.45
C GLY B 317 -36.76 0.89 2.24
N ILE B 318 -37.58 0.91 3.30
CA ILE B 318 -38.79 1.75 3.35
C ILE B 318 -38.41 3.08 4.03
N GLU B 319 -37.70 2.97 5.15
CA GLU B 319 -37.31 4.15 5.94
C GLU B 319 -36.32 5.07 5.25
N ILE B 320 -35.42 4.50 4.42
CA ILE B 320 -34.52 5.28 3.59
C ILE B 320 -34.74 4.85 2.12
N PRO B 321 -34.30 5.69 1.18
CA PRO B 321 -34.41 5.27 -0.23
C PRO B 321 -33.77 3.93 -0.47
N ALA B 322 -34.48 3.06 -1.20
CA ALA B 322 -34.00 1.70 -1.43
C ALA B 322 -32.63 1.65 -2.10
N GLU B 323 -32.35 2.63 -2.98
CA GLU B 323 -31.03 2.72 -3.64
C GLU B 323 -29.86 2.97 -2.70
N LYS B 324 -30.13 3.37 -1.45
CA LYS B 324 -29.05 3.65 -0.49
C LYS B 324 -28.81 2.51 0.50
N VAL B 325 -29.66 1.49 0.49
CA VAL B 325 -29.52 0.38 1.43
C VAL B 325 -28.12 -0.26 1.38
N PHE B 326 -27.57 -0.46 0.19
CA PHE B 326 -26.26 -1.10 0.09
C PHE B 326 -25.15 -0.31 0.79
N LEU B 327 -25.32 1.01 0.86
CA LEU B 327 -24.40 1.90 1.59
C LEU B 327 -24.46 1.61 3.08
N ALA B 328 -25.67 1.52 3.59
CA ALA B 328 -25.87 1.25 5.02
C ALA B 328 -25.37 -0.18 5.35
N GLN B 329 -25.64 -1.14 4.48
CA GLN B 329 -25.14 -2.51 4.71
C GLN B 329 -23.61 -2.54 4.81
N LYS B 330 -22.95 -1.94 3.81
CA LYS B 330 -21.50 -2.00 3.72
C LYS B 330 -20.85 -1.20 4.88
N MET B 331 -21.45 -0.08 5.24
CA MET B 331 -20.97 0.70 6.43
C MET B 331 -21.07 -0.11 7.70
N MET B 332 -22.22 -0.70 7.95
CA MET B 332 -22.43 -1.44 9.19
C MET B 332 -21.55 -2.69 9.24
N ILE B 333 -21.42 -3.44 8.14
CA ILE B 333 -20.52 -4.60 8.11
C ILE B 333 -19.08 -4.17 8.39
N GLY B 334 -18.66 -3.07 7.77
CA GLY B 334 -17.35 -2.52 7.96
C GLY B 334 -17.09 -2.20 9.42
N ARG B 335 -18.02 -1.48 10.02
CA ARG B 335 -17.83 -1.05 11.46
C ARG B 335 -17.92 -2.24 12.40
N CYS B 336 -18.78 -3.22 12.09
CA CYS B 336 -18.80 -4.42 12.92
C CYS B 336 -17.49 -5.20 12.81
N ASN B 337 -16.94 -5.36 11.60
CA ASN B 337 -15.64 -6.01 11.38
C ASN B 337 -14.55 -5.25 12.18
N ARG B 338 -14.59 -3.93 12.10
CA ARG B 338 -13.62 -3.08 12.81
C ARG B 338 -13.70 -3.30 14.35
N ALA B 339 -14.92 -3.50 14.88
CA ALA B 339 -15.16 -3.73 16.32
C ALA B 339 -15.05 -5.21 16.71
N GLY B 340 -14.94 -6.11 15.75
CA GLY B 340 -14.95 -7.53 16.06
C GLY B 340 -16.26 -8.10 16.60
N LYS B 341 -17.39 -7.47 16.23
CA LYS B 341 -18.72 -7.91 16.71
C LYS B 341 -19.48 -8.49 15.51
N PRO B 342 -20.26 -9.54 15.73
CA PRO B 342 -20.96 -10.20 14.62
C PRO B 342 -21.99 -9.32 13.91
N VAL B 343 -22.08 -9.49 12.59
CA VAL B 343 -23.07 -8.76 11.83
C VAL B 343 -23.79 -9.79 10.91
N ILE B 344 -25.12 -9.67 10.86
CA ILE B 344 -25.97 -10.54 10.07
C ILE B 344 -26.54 -9.75 8.90
N CYS B 345 -26.45 -10.32 7.68
CA CYS B 345 -27.15 -9.74 6.53
C CYS B 345 -28.46 -10.49 6.39
N ALA B 346 -29.53 -9.71 6.27
CA ALA B 346 -30.91 -10.23 6.29
C ALA B 346 -31.79 -9.67 5.22
N THR B 347 -32.78 -10.50 4.82
CA THR B 347 -34.00 -10.10 4.10
C THR B 347 -33.89 -10.16 2.55
N GLN B 348 -34.69 -11.06 1.99
CA GLN B 348 -34.82 -11.25 0.52
C GLN B 348 -33.56 -11.73 -0.18
N MET B 349 -32.66 -12.38 0.55
CA MET B 349 -31.39 -12.81 -0.03
C MET B 349 -31.60 -13.80 -1.15
N LEU B 350 -32.53 -14.75 -0.95
CA LEU B 350 -32.90 -15.79 -1.96
C LEU B 350 -34.43 -15.78 -2.21
N GLU B 351 -35.01 -14.57 -2.28
CA GLU B 351 -36.49 -14.40 -2.17
C GLU B 351 -37.26 -15.24 -3.18
N SER B 352 -36.77 -15.30 -4.42
CA SER B 352 -37.47 -16.08 -5.47
C SER B 352 -37.60 -17.57 -5.20
N MET B 353 -36.76 -18.10 -4.29
CA MET B 353 -36.81 -19.51 -3.91
C MET B 353 -37.99 -19.90 -3.00
N ILE B 354 -38.79 -18.91 -2.61
CA ILE B 354 -40.07 -19.18 -1.95
C ILE B 354 -40.96 -19.95 -2.90
N LYS B 355 -40.86 -19.61 -4.18
CA LYS B 355 -41.70 -20.23 -5.22
C LYS B 355 -40.97 -21.14 -6.20
N LYS B 356 -39.65 -20.97 -6.36
CA LYS B 356 -38.86 -21.68 -7.39
C LYS B 356 -37.65 -22.41 -6.81
N PRO B 357 -37.21 -23.52 -7.47
CA PRO B 357 -36.13 -24.36 -6.91
C PRO B 357 -34.70 -23.83 -7.09
N ARG B 358 -34.55 -22.75 -7.86
CA ARG B 358 -33.27 -22.13 -8.14
C ARG B 358 -33.46 -20.61 -7.95
N PRO B 359 -32.43 -19.92 -7.45
CA PRO B 359 -32.56 -18.48 -7.25
C PRO B 359 -32.26 -17.69 -8.54
N THR B 360 -32.58 -16.40 -8.53
CA THR B 360 -32.20 -15.49 -9.60
C THR B 360 -30.70 -15.17 -9.56
N ARG B 361 -30.17 -14.60 -10.62
CA ARG B 361 -28.74 -14.28 -10.63
C ARG B 361 -28.40 -13.13 -9.67
N ALA B 362 -29.35 -12.22 -9.46
CA ALA B 362 -29.21 -11.12 -8.48
C ALA B 362 -29.11 -11.71 -7.08
N GLU B 363 -29.88 -12.76 -6.82
CA GLU B 363 -29.91 -13.36 -5.47
C GLU B 363 -28.56 -14.11 -5.19
N GLY B 364 -28.06 -14.84 -6.17
CA GLY B 364 -26.73 -15.49 -6.03
C GLY B 364 -25.64 -14.46 -5.75
N SER B 365 -25.70 -13.35 -6.45
CA SER B 365 -24.75 -12.29 -6.31
C SER B 365 -24.84 -11.64 -4.93
N ASP B 366 -26.08 -11.42 -4.46
CA ASP B 366 -26.31 -10.78 -3.17
C ASP B 366 -25.66 -11.59 -2.04
N VAL B 367 -25.86 -12.90 -2.05
CA VAL B 367 -25.34 -13.74 -1.01
C VAL B 367 -23.81 -13.68 -1.05
N ALA B 368 -23.24 -13.81 -2.24
CA ALA B 368 -21.78 -13.82 -2.37
C ALA B 368 -21.19 -12.52 -1.89
N ASN B 369 -21.81 -11.42 -2.31
CA ASN B 369 -21.33 -10.10 -1.95
C ASN B 369 -21.48 -9.80 -0.46
N ALA B 370 -22.51 -10.33 0.20
CA ALA B 370 -22.62 -10.20 1.68
C ALA B 370 -21.39 -10.79 2.36
N VAL B 371 -20.97 -11.94 1.88
CA VAL B 371 -19.81 -12.67 2.44
C VAL B 371 -18.53 -11.89 2.11
N LEU B 372 -18.37 -11.46 0.86
CA LEU B 372 -17.23 -10.64 0.53
C LEU B 372 -17.20 -9.30 1.29
N ASP B 373 -18.35 -8.69 1.59
CA ASP B 373 -18.44 -7.48 2.40
C ASP B 373 -17.82 -7.72 3.79
N GLY B 374 -17.98 -8.94 4.31
CA GLY B 374 -17.52 -9.30 5.67
C GLY B 374 -18.57 -9.77 6.64
N ALA B 375 -19.79 -10.05 6.16
CA ALA B 375 -20.88 -10.48 7.05
C ALA B 375 -20.53 -11.80 7.72
N ASP B 376 -20.73 -11.88 9.03
CA ASP B 376 -20.50 -13.11 9.78
C ASP B 376 -21.56 -14.16 9.50
N CYS B 377 -22.80 -13.71 9.37
CA CYS B 377 -23.92 -14.59 9.05
C CYS B 377 -24.80 -14.02 7.97
N ILE B 378 -25.49 -14.95 7.33
CA ILE B 378 -26.49 -14.65 6.29
C ILE B 378 -27.80 -15.31 6.73
N MET B 379 -28.93 -14.77 6.29
CA MET B 379 -30.21 -15.20 6.84
C MET B 379 -31.20 -15.53 5.73
N LEU B 380 -32.15 -16.39 6.10
CA LEU B 380 -33.29 -16.75 5.28
C LEU B 380 -34.53 -16.55 6.14
N SER B 381 -35.57 -15.96 5.51
CA SER B 381 -36.81 -15.66 6.18
C SER B 381 -37.93 -16.53 5.55
N GLY B 382 -38.77 -15.95 4.70
CA GLY B 382 -39.83 -16.72 4.01
C GLY B 382 -39.32 -17.91 3.22
N GLU B 383 -38.08 -17.82 2.72
CA GLU B 383 -37.46 -18.93 2.01
C GLU B 383 -37.47 -20.26 2.79
N THR B 384 -37.27 -20.17 4.11
CA THR B 384 -37.31 -21.36 4.95
C THR B 384 -38.57 -21.48 5.84
N ALA B 385 -39.21 -20.37 6.15
CA ALA B 385 -40.40 -20.39 7.03
C ALA B 385 -41.65 -20.97 6.33
N LYS B 386 -41.86 -20.54 5.08
CA LYS B 386 -43.15 -20.71 4.39
C LYS B 386 -43.01 -21.25 2.96
N GLY B 387 -41.83 -21.15 2.40
CA GLY B 387 -41.65 -21.47 0.99
C GLY B 387 -41.71 -22.93 0.61
N ASP B 388 -41.72 -23.16 -0.71
CA ASP B 388 -41.79 -24.51 -1.28
C ASP B 388 -40.48 -25.29 -1.36
N TYR B 389 -39.37 -24.60 -1.10
CA TYR B 389 -38.06 -25.16 -1.28
C TYR B 389 -37.10 -24.79 -0.15
N PRO B 390 -37.50 -25.06 1.11
CA PRO B 390 -36.66 -24.59 2.22
C PRO B 390 -35.25 -25.22 2.24
N LEU B 391 -35.15 -26.52 1.94
CA LEU B 391 -33.88 -27.22 1.99
C LEU B 391 -32.98 -26.71 0.85
N GLU B 392 -33.55 -26.51 -0.33
CA GLU B 392 -32.77 -26.00 -1.46
C GLU B 392 -32.22 -24.61 -1.14
N ALA B 393 -33.01 -23.78 -0.47
CA ALA B 393 -32.54 -22.43 -0.09
C ALA B 393 -31.35 -22.51 0.87
N VAL B 394 -31.44 -23.37 1.90
CA VAL B 394 -30.32 -23.56 2.85
C VAL B 394 -29.09 -24.06 2.11
N ARG B 395 -29.28 -25.02 1.22
CA ARG B 395 -28.18 -25.62 0.49
C ARG B 395 -27.49 -24.62 -0.42
N MET B 396 -28.27 -23.76 -1.05
CA MET B 396 -27.72 -22.72 -1.91
C MET B 396 -26.92 -21.66 -1.11
N GLN B 397 -27.42 -21.21 0.03
CA GLN B 397 -26.60 -20.29 0.83
C GLN B 397 -25.28 -20.94 1.23
N HIS B 398 -25.32 -22.22 1.66
CA HIS B 398 -24.09 -22.99 1.96
C HIS B 398 -23.11 -23.01 0.79
N LEU B 399 -23.59 -23.33 -0.41
CA LEU B 399 -22.74 -23.43 -1.59
C LEU B 399 -22.12 -22.09 -1.96
N ILE B 400 -22.94 -21.04 -1.97
CA ILE B 400 -22.44 -19.74 -2.33
C ILE B 400 -21.46 -19.23 -1.28
N ALA B 401 -21.82 -19.40 -0.01
CA ALA B 401 -20.92 -18.88 1.04
C ALA B 401 -19.56 -19.54 0.97
N ARG B 402 -19.53 -20.83 0.77
CA ARG B 402 -18.28 -21.53 0.70
C ARG B 402 -17.40 -21.06 -0.49
N GLU B 403 -18.01 -20.87 -1.66
CA GLU B 403 -17.28 -20.32 -2.81
C GLU B 403 -16.74 -18.92 -2.50
N ALA B 404 -17.59 -18.08 -1.91
CA ALA B 404 -17.23 -16.69 -1.60
C ALA B 404 -16.09 -16.57 -0.57
N GLU B 405 -16.11 -17.45 0.43
CA GLU B 405 -15.05 -17.42 1.44
C GLU B 405 -13.69 -17.70 0.81
N ALA B 406 -13.66 -18.58 -0.19
CA ALA B 406 -12.38 -18.87 -0.88
C ALA B 406 -11.88 -17.67 -1.71
N ALA B 407 -12.83 -16.85 -2.17
CA ALA B 407 -12.55 -15.70 -3.02
C ALA B 407 -12.16 -14.41 -2.28
N ILE B 408 -12.11 -14.46 -0.95
CA ILE B 408 -11.76 -13.32 -0.15
C ILE B 408 -10.29 -13.00 -0.42
N TYR B 409 -9.95 -11.73 -0.44
CA TYR B 409 -8.54 -11.29 -0.70
C TYR B 409 -7.89 -11.11 0.68
N HIS B 410 -7.54 -12.24 1.31
CA HIS B 410 -7.06 -12.21 2.71
C HIS B 410 -5.80 -11.35 2.86
N LEU B 411 -4.97 -11.30 1.83
CA LEU B 411 -3.70 -10.52 1.84
C LEU B 411 -3.95 -9.08 2.26
N GLN B 412 -4.84 -8.35 1.59
CA GLN B 412 -5.18 -6.99 2.02
C GLN B 412 -6.07 -6.95 3.26
N LEU B 413 -7.01 -7.87 3.37
CA LEU B 413 -7.94 -7.88 4.47
C LEU B 413 -7.17 -7.99 5.81
N PHE B 414 -6.28 -8.96 5.90
CA PHE B 414 -5.48 -9.16 7.11
C PHE B 414 -4.56 -7.98 7.35
N GLU B 415 -3.89 -7.50 6.31
CA GLU B 415 -3.07 -6.30 6.47
C GLU B 415 -3.85 -5.13 7.09
N GLU B 416 -5.11 -4.92 6.66
CA GLU B 416 -5.87 -3.77 7.10
C GLU B 416 -6.41 -3.96 8.54
N LEU B 417 -6.94 -5.14 8.83
CA LEU B 417 -7.44 -5.44 10.19
C LEU B 417 -6.38 -5.16 11.26
N ARG B 418 -5.15 -5.54 10.96
CA ARG B 418 -4.01 -5.25 11.84
C ARG B 418 -3.71 -3.77 11.98
N ARG B 419 -3.65 -3.05 10.86
CA ARG B 419 -3.35 -1.60 10.91
C ARG B 419 -4.37 -0.87 11.75
N LEU B 420 -5.63 -1.30 11.68
CA LEU B 420 -6.68 -0.68 12.45
C LEU B 420 -6.75 -1.35 13.86
N ALA B 421 -5.93 -2.38 14.10
CA ALA B 421 -5.90 -3.11 15.39
C ALA B 421 -5.15 -2.29 16.45
N PRO B 422 -5.85 -1.87 17.52
CA PRO B 422 -5.18 -1.14 18.60
C PRO B 422 -4.06 -1.92 19.26
N ILE B 423 -2.96 -1.22 19.55
CA ILE B 423 -1.89 -1.79 20.37
C ILE B 423 -2.39 -1.73 21.82
N THR B 424 -2.56 -2.88 22.44
CA THR B 424 -2.99 -2.96 23.84
C THR B 424 -2.11 -3.96 24.59
N SER B 425 -2.23 -3.94 25.90
CA SER B 425 -1.45 -4.84 26.76
C SER B 425 -2.11 -6.22 26.89
N ASP B 426 -3.32 -6.38 26.34
CA ASP B 426 -4.10 -7.61 26.49
C ASP B 426 -3.43 -8.85 25.85
N PRO B 427 -3.06 -9.85 26.68
CA PRO B 427 -2.37 -11.06 26.17
C PRO B 427 -3.16 -11.92 25.21
N THR B 428 -4.46 -12.08 25.46
CA THR B 428 -5.27 -12.91 24.62
CA THR B 428 -5.37 -12.85 24.63
C THR B 428 -5.39 -12.31 23.22
N GLU B 429 -5.48 -10.99 23.12
CA GLU B 429 -5.52 -10.34 21.79
C GLU B 429 -4.22 -10.55 21.02
N ALA B 430 -3.09 -10.44 21.71
CA ALA B 430 -1.78 -10.64 21.11
C ALA B 430 -1.63 -12.08 20.67
N THR B 431 -2.12 -13.02 21.49
CA THR B 431 -2.10 -14.44 21.13
C THR B 431 -2.95 -14.73 19.89
N ALA B 432 -4.15 -14.13 19.83
CA ALA B 432 -5.07 -14.33 18.72
C ALA B 432 -4.46 -13.84 17.40
N VAL B 433 -3.88 -12.64 17.40
CA VAL B 433 -3.30 -12.13 16.16
C VAL B 433 -2.06 -12.91 15.76
N GLY B 434 -1.26 -13.33 16.73
CA GLY B 434 -0.15 -14.23 16.45
C GLY B 434 -0.57 -15.55 15.86
N ALA B 435 -1.67 -16.12 16.36
CA ALA B 435 -2.20 -17.36 15.80
C ALA B 435 -2.63 -17.19 14.33
N VAL B 436 -3.31 -16.12 14.05
CA VAL B 436 -3.80 -15.89 12.68
C VAL B 436 -2.59 -15.69 11.74
N GLU B 437 -1.59 -14.90 12.15
CA GLU B 437 -0.41 -14.70 11.29
CA GLU B 437 -0.35 -14.72 11.35
C GLU B 437 0.28 -16.05 11.05
N ALA B 438 0.48 -16.84 12.09
CA ALA B 438 1.07 -18.15 11.93
C ALA B 438 0.25 -19.02 10.96
N SER B 439 -1.09 -18.98 11.04
CA SER B 439 -1.92 -19.81 10.19
C SER B 439 -1.75 -19.47 8.71
N PHE B 440 -1.50 -18.18 8.40
CA PHE B 440 -1.22 -17.79 7.03
C PHE B 440 0.17 -18.24 6.60
N LYS B 441 1.13 -18.12 7.51
CA LYS B 441 2.52 -18.47 7.19
C LYS B 441 2.72 -19.95 6.84
N CYS B 442 2.03 -20.86 7.56
CA CYS B 442 2.19 -22.30 7.33
C CYS B 442 0.96 -22.93 6.69
N CYS B 443 0.03 -22.11 6.20
CA CYS B 443 -1.18 -22.60 5.54
C CYS B 443 -1.86 -23.73 6.36
N SER B 444 -2.11 -23.44 7.64
CA SER B 444 -2.60 -24.44 8.58
C SER B 444 -4.01 -24.93 8.20
N GLY B 445 -4.32 -26.18 8.55
CA GLY B 445 -5.65 -26.74 8.26
C GLY B 445 -6.75 -26.23 9.17
N ALA B 446 -6.34 -25.63 10.29
CA ALA B 446 -7.25 -25.11 11.26
C ALA B 446 -6.50 -24.34 12.33
N ILE B 447 -7.24 -23.51 13.03
CA ILE B 447 -6.86 -22.95 14.34
C ILE B 447 -7.82 -23.57 15.36
N ILE B 448 -7.28 -24.35 16.27
CA ILE B 448 -8.05 -24.99 17.32
C ILE B 448 -7.96 -24.07 18.56
N VAL B 449 -9.09 -23.72 19.16
CA VAL B 449 -9.15 -22.83 20.32
C VAL B 449 -10.01 -23.45 21.43
N LEU B 450 -9.39 -23.68 22.57
CA LEU B 450 -10.15 -24.04 23.76
C LEU B 450 -10.76 -22.78 24.35
N THR B 451 -12.07 -22.84 24.61
CA THR B 451 -12.78 -21.66 25.11
C THR B 451 -13.98 -22.01 25.98
N LYS B 452 -14.12 -21.28 27.09
CA LYS B 452 -15.26 -21.48 27.99
C LYS B 452 -16.45 -20.63 27.56
N SER B 453 -16.20 -19.34 27.33
CA SER B 453 -17.24 -18.36 27.06
C SER B 453 -17.42 -18.09 25.56
N GLY B 454 -16.47 -18.62 24.79
CA GLY B 454 -16.31 -18.30 23.34
C GLY B 454 -15.35 -17.15 23.02
N ARG B 455 -15.03 -16.29 24.00
CA ARG B 455 -14.31 -15.04 23.77
C ARG B 455 -12.98 -15.26 23.04
N SER B 456 -12.23 -16.29 23.43
CA SER B 456 -10.90 -16.50 22.84
C SER B 456 -11.06 -16.79 21.34
N ALA B 457 -12.12 -17.52 21.00
CA ALA B 457 -12.36 -17.86 19.59
C ALA B 457 -12.88 -16.64 18.83
N HIS B 458 -13.72 -15.82 19.48
CA HIS B 458 -14.17 -14.55 18.86
C HIS B 458 -12.98 -13.67 18.48
N GLN B 459 -11.97 -13.63 19.36
CA GLN B 459 -10.77 -12.81 19.14
C GLN B 459 -9.96 -13.24 17.92
N VAL B 460 -9.88 -14.55 17.69
CA VAL B 460 -9.30 -15.08 16.48
C VAL B 460 -10.16 -14.72 15.26
N ALA B 461 -11.46 -15.00 15.34
CA ALA B 461 -12.41 -14.73 14.22
C ALA B 461 -12.31 -13.31 13.66
N ARG B 462 -12.11 -12.30 14.49
CA ARG B 462 -12.08 -10.91 14.04
C ARG B 462 -10.94 -10.61 13.08
N TYR B 463 -9.90 -11.47 13.06
CA TYR B 463 -8.77 -11.26 12.15
C TYR B 463 -8.90 -12.03 10.85
N ARG B 464 -10.00 -12.74 10.72
CA ARG B 464 -10.40 -13.34 9.47
C ARG B 464 -9.37 -14.29 8.84
N PRO B 465 -8.94 -15.32 9.58
CA PRO B 465 -8.10 -16.33 8.98
C PRO B 465 -8.83 -17.09 7.84
N ARG B 466 -8.05 -17.66 6.92
N ARG B 466 -8.06 -17.67 6.92
CA ARG B 466 -8.58 -18.60 5.94
CA ARG B 466 -8.61 -18.60 5.95
C ARG B 466 -8.94 -19.94 6.59
C ARG B 466 -8.95 -19.95 6.59
N ALA B 467 -8.12 -20.37 7.53
CA ALA B 467 -8.26 -21.64 8.19
C ALA B 467 -9.51 -21.61 9.09
N PRO B 468 -10.29 -22.73 9.14
CA PRO B 468 -11.40 -22.82 10.07
C PRO B 468 -10.92 -22.75 11.52
N ILE B 469 -11.71 -22.13 12.35
CA ILE B 469 -11.45 -22.02 13.78
C ILE B 469 -12.32 -23.05 14.48
N ILE B 470 -11.70 -24.14 14.92
CA ILE B 470 -12.42 -25.19 15.67
C ILE B 470 -12.40 -24.75 17.14
N ALA B 471 -13.54 -24.31 17.63
CA ALA B 471 -13.68 -23.85 19.02
C ALA B 471 -14.20 -24.98 19.84
N VAL B 472 -13.34 -25.51 20.72
CA VAL B 472 -13.68 -26.69 21.53
C VAL B 472 -14.10 -26.17 22.90
N THR B 473 -15.32 -26.51 23.31
CA THR B 473 -15.86 -26.02 24.57
C THR B 473 -16.63 -27.14 25.24
N ARG B 474 -16.71 -27.10 26.56
CA ARG B 474 -17.63 -27.98 27.28
C ARG B 474 -18.97 -27.31 27.61
N ASN B 475 -19.09 -26.02 27.32
CA ASN B 475 -20.29 -25.23 27.59
C ASN B 475 -21.21 -25.30 26.36
N PRO B 476 -22.38 -25.95 26.49
CA PRO B 476 -23.29 -26.11 25.36
C PRO B 476 -23.79 -24.82 24.76
N GLN B 477 -24.00 -23.81 25.59
CA GLN B 477 -24.48 -22.52 25.13
C GLN B 477 -23.39 -21.77 24.31
N THR B 478 -22.15 -21.83 24.77
CA THR B 478 -21.03 -21.29 24.00
C THR B 478 -20.96 -21.93 22.61
N ALA B 479 -21.13 -23.25 22.58
CA ALA B 479 -21.07 -24.00 21.31
C ALA B 479 -22.16 -23.50 20.37
N ARG B 480 -23.35 -23.24 20.89
CA ARG B 480 -24.44 -22.69 20.05
C ARG B 480 -24.19 -21.24 19.60
N GLN B 481 -23.74 -20.39 20.52
CA GLN B 481 -23.61 -18.97 20.27
C GLN B 481 -22.45 -18.65 19.31
N ALA B 482 -21.47 -19.54 19.28
CA ALA B 482 -20.25 -19.39 18.47
C ALA B 482 -20.55 -19.26 16.97
N HIS B 483 -21.68 -19.83 16.53
CA HIS B 483 -22.13 -19.70 15.15
C HIS B 483 -22.30 -18.27 14.66
N LEU B 484 -22.40 -17.30 15.56
CA LEU B 484 -22.56 -15.92 15.15
C LEU B 484 -21.28 -15.35 14.48
N TYR B 485 -20.14 -16.02 14.68
CA TYR B 485 -18.83 -15.50 14.27
C TYR B 485 -18.26 -16.24 13.04
N ARG B 486 -17.94 -15.47 11.98
CA ARG B 486 -17.32 -16.00 10.78
C ARG B 486 -16.11 -16.89 11.12
N GLY B 487 -16.05 -18.07 10.54
CA GLY B 487 -14.88 -18.92 10.68
C GLY B 487 -14.98 -19.92 11.81
N ILE B 488 -15.83 -19.65 12.79
CA ILE B 488 -15.93 -20.55 13.96
C ILE B 488 -16.77 -21.78 13.67
N PHE B 489 -16.15 -22.96 13.87
CA PHE B 489 -16.79 -24.25 13.76
C PHE B 489 -16.80 -24.78 15.20
N PRO B 490 -17.95 -24.63 15.90
CA PRO B 490 -17.96 -25.00 17.31
C PRO B 490 -18.16 -26.50 17.55
N VAL B 491 -17.37 -27.07 18.44
CA VAL B 491 -17.51 -28.48 18.78
C VAL B 491 -17.68 -28.61 20.29
N LEU B 492 -18.67 -29.41 20.69
CA LEU B 492 -19.02 -29.61 22.11
C LEU B 492 -18.38 -30.90 22.64
N CYS B 493 -17.41 -30.74 23.54
CA CYS B 493 -16.71 -31.85 24.15
C CYS B 493 -17.53 -32.39 25.29
N LYS B 494 -17.86 -33.69 25.21
CA LYS B 494 -18.63 -34.41 26.24
C LYS B 494 -17.78 -35.46 26.94
N ASP B 495 -16.46 -35.40 26.78
CA ASP B 495 -15.57 -36.32 27.49
C ASP B 495 -15.55 -35.93 28.97
N PRO B 496 -15.41 -36.94 29.87
CA PRO B 496 -15.35 -36.60 31.29
C PRO B 496 -14.12 -35.78 31.60
N VAL B 497 -14.24 -34.89 32.56
CA VAL B 497 -13.14 -34.05 32.96
C VAL B 497 -12.07 -34.96 33.56
N GLN B 498 -10.82 -34.71 33.20
CA GLN B 498 -9.71 -35.50 33.73
C GLN B 498 -9.17 -34.78 34.95
N GLU B 499 -8.71 -35.55 35.94
CA GLU B 499 -8.20 -35.03 37.21
C GLU B 499 -6.98 -34.11 37.02
N ALA B 500 -6.03 -34.53 36.16
CA ALA B 500 -4.87 -33.71 35.83
C ALA B 500 -5.27 -32.72 34.72
N TRP B 501 -5.26 -31.43 35.04
CA TRP B 501 -5.74 -30.38 34.09
C TRP B 501 -5.00 -30.40 32.77
N ALA B 502 -3.69 -30.64 32.80
CA ALA B 502 -2.87 -30.74 31.57
C ALA B 502 -3.37 -31.85 30.65
N GLU B 503 -3.75 -32.99 31.24
CA GLU B 503 -4.33 -34.08 30.49
C GLU B 503 -5.72 -33.73 29.95
N ASP B 504 -6.47 -32.94 30.72
CA ASP B 504 -7.81 -32.53 30.30
C ASP B 504 -7.73 -31.58 29.11
N VAL B 505 -6.74 -30.69 29.15
CA VAL B 505 -6.47 -29.79 28.02
C VAL B 505 -6.10 -30.63 26.78
N ASP B 506 -5.15 -31.54 26.95
CA ASP B 506 -4.73 -32.41 25.84
C ASP B 506 -5.88 -33.21 25.25
N LEU B 507 -6.77 -33.70 26.11
CA LEU B 507 -7.91 -34.47 25.67
C LEU B 507 -8.79 -33.66 24.72
N ARG B 508 -9.04 -32.40 25.10
CA ARG B 508 -9.86 -31.49 24.30
C ARG B 508 -9.20 -31.08 22.96
N VAL B 509 -7.89 -30.80 22.99
CA VAL B 509 -7.16 -30.62 21.72
C VAL B 509 -7.29 -31.87 20.83
N ASN B 510 -7.14 -33.06 21.41
CA ASN B 510 -7.25 -34.28 20.62
C ASN B 510 -8.65 -34.49 20.05
N PHE B 511 -9.66 -34.02 20.77
CA PHE B 511 -11.05 -34.10 20.32
C PHE B 511 -11.14 -33.28 19.05
N ALA B 512 -10.61 -32.08 19.11
CA ALA B 512 -10.61 -31.22 17.92
C ALA B 512 -9.88 -31.85 16.75
N MET B 513 -8.77 -32.53 17.02
CA MET B 513 -8.01 -33.23 15.96
C MET B 513 -8.90 -34.27 15.31
N ASN B 514 -9.64 -35.03 16.13
CA ASN B 514 -10.53 -36.04 15.62
C ASN B 514 -11.68 -35.45 14.79
N VAL B 515 -12.25 -34.33 15.24
CA VAL B 515 -13.31 -33.64 14.49
C VAL B 515 -12.80 -33.22 13.12
N GLY B 516 -11.65 -32.55 13.12
CA GLY B 516 -11.03 -32.11 11.88
C GLY B 516 -10.69 -33.23 10.91
N LYS B 517 -10.15 -34.35 11.39
CA LYS B 517 -9.91 -35.51 10.50
C LYS B 517 -11.21 -36.09 9.97
N ALA B 518 -12.21 -36.24 10.83
CA ALA B 518 -13.52 -36.80 10.41
C ALA B 518 -14.23 -35.90 9.42
N ARG B 519 -14.08 -34.58 9.59
CA ARG B 519 -14.73 -33.63 8.69
C ARG B 519 -13.92 -33.29 7.45
N GLY B 520 -12.73 -33.87 7.30
CA GLY B 520 -11.85 -33.60 6.15
C GLY B 520 -11.18 -32.22 6.12
N PHE B 521 -11.06 -31.58 7.29
CA PHE B 521 -10.35 -30.31 7.37
C PHE B 521 -8.84 -30.51 7.16
N PHE B 522 -8.32 -31.63 7.63
CA PHE B 522 -6.89 -31.88 7.59
C PHE B 522 -6.65 -33.36 7.81
N LYS B 523 -5.41 -33.77 7.69
CA LYS B 523 -5.05 -35.18 7.85
C LYS B 523 -3.78 -35.30 8.69
N LYS B 524 -3.52 -36.51 9.19
CA LYS B 524 -2.29 -36.80 9.92
C LYS B 524 -1.06 -36.22 9.24
N GLY B 525 -0.20 -35.57 10.04
CA GLY B 525 1.02 -34.98 9.54
C GLY B 525 0.93 -33.54 9.10
N ASP B 526 -0.27 -33.08 8.74
CA ASP B 526 -0.51 -31.65 8.47
C ASP B 526 -0.23 -30.86 9.75
N VAL B 527 0.00 -29.56 9.61
CA VAL B 527 0.24 -28.71 10.78
C VAL B 527 -1.00 -27.86 11.02
N VAL B 528 -1.39 -27.74 12.29
CA VAL B 528 -2.46 -26.88 12.71
C VAL B 528 -2.00 -25.96 13.86
N ILE B 529 -2.74 -24.89 14.10
CA ILE B 529 -2.47 -23.94 15.20
C ILE B 529 -3.39 -24.30 16.36
N VAL B 530 -2.85 -24.24 17.60
CA VAL B 530 -3.63 -24.58 18.78
C VAL B 530 -3.45 -23.50 19.83
N LEU B 531 -4.58 -22.99 20.32
CA LEU B 531 -4.61 -21.98 21.36
C LEU B 531 -5.14 -22.55 22.68
N THR B 532 -4.35 -22.31 23.75
CA THR B 532 -4.67 -22.76 25.11
C THR B 532 -4.28 -21.63 26.09
N GLY B 533 -4.53 -21.86 27.39
CA GLY B 533 -4.25 -20.85 28.40
C GLY B 533 -3.38 -21.41 29.48
N TRP B 534 -2.99 -20.54 30.44
CA TRP B 534 -1.98 -20.92 31.45
C TRP B 534 -2.57 -21.48 32.74
N ARG B 535 -3.89 -21.39 32.89
CA ARG B 535 -4.63 -21.97 34.02
C ARG B 535 -6.12 -22.13 33.65
N PRO B 536 -6.88 -22.93 34.43
CA PRO B 536 -8.31 -23.07 34.22
C PRO B 536 -9.10 -21.79 34.39
N GLY B 537 -10.29 -21.77 33.83
CA GLY B 537 -11.12 -20.59 33.91
C GLY B 537 -10.97 -19.65 32.72
N SER B 538 -11.96 -18.80 32.53
CA SER B 538 -11.91 -17.84 31.40
C SER B 538 -10.87 -16.79 31.63
N GLY B 539 -10.25 -16.35 30.55
CA GLY B 539 -9.51 -15.13 30.52
C GLY B 539 -7.99 -15.27 30.44
N PHE B 540 -7.51 -16.50 30.30
CA PHE B 540 -6.09 -16.81 30.41
C PHE B 540 -5.47 -17.39 29.16
N THR B 541 -6.16 -17.26 28.00
CA THR B 541 -5.58 -17.75 26.74
C THR B 541 -4.33 -16.93 26.44
N ASN B 542 -3.20 -17.61 26.38
CA ASN B 542 -1.93 -16.98 26.16
C ASN B 542 -0.89 -17.84 25.46
N THR B 543 -1.29 -19.00 24.92
CA THR B 543 -0.37 -19.99 24.40
C THR B 543 -0.79 -20.40 22.97
N MET B 544 0.10 -20.18 22.02
CA MET B 544 -0.08 -20.56 20.66
C MET B 544 0.94 -21.62 20.29
N ARG B 545 0.47 -22.79 19.86
CA ARG B 545 1.38 -23.85 19.38
C ARG B 545 1.13 -24.24 17.92
N VAL B 546 2.20 -24.58 17.19
CA VAL B 546 2.09 -25.19 15.87
C VAL B 546 2.31 -26.69 16.07
N VAL B 547 1.27 -27.46 15.81
CA VAL B 547 1.23 -28.86 16.21
C VAL B 547 0.91 -29.74 15.00
N PRO B 548 1.64 -30.88 14.86
CA PRO B 548 1.29 -31.82 13.81
C PRO B 548 0.03 -32.60 14.16
N VAL B 549 -0.81 -32.88 13.18
CA VAL B 549 -2.01 -33.69 13.39
C VAL B 549 -1.57 -35.12 13.62
N PRO B 550 -2.04 -35.75 14.73
CA PRO B 550 -1.58 -37.11 14.99
C PRO B 550 -2.34 -38.13 14.13
N GLN C 33 17.29 -1.36 -17.65
CA GLN C 33 18.66 -1.34 -18.25
C GLN C 33 19.47 -0.10 -17.77
N THR C 34 18.82 1.06 -17.74
CA THR C 34 19.45 2.33 -17.30
C THR C 34 18.56 2.94 -16.23
N GLN C 35 19.08 3.96 -15.53
CA GLN C 35 18.31 4.77 -14.60
C GLN C 35 17.62 3.98 -13.49
N GLN C 36 18.17 2.80 -13.18
CA GLN C 36 17.60 1.88 -12.16
C GLN C 36 16.12 1.61 -12.43
N LEU C 37 15.76 1.46 -13.70
CA LEU C 37 14.34 1.32 -14.05
C LEU C 37 13.78 -0.04 -13.60
N HIS C 38 14.64 -1.05 -13.46
CA HIS C 38 14.21 -2.36 -12.89
C HIS C 38 13.81 -2.21 -11.41
N ALA C 39 14.63 -1.50 -10.62
CA ALA C 39 14.30 -1.22 -9.24
C ALA C 39 13.06 -0.34 -9.13
N ALA C 40 12.87 0.53 -10.14
CA ALA C 40 11.75 1.46 -10.15
C ALA C 40 10.41 0.72 -10.19
N MET C 41 10.42 -0.45 -10.82
CA MET C 41 9.19 -1.25 -11.00
C MET C 41 8.83 -2.15 -9.82
N ALA C 42 9.71 -2.27 -8.82
CA ALA C 42 9.40 -3.11 -7.64
C ALA C 42 8.12 -2.69 -6.92
N ASP C 43 7.36 -3.69 -6.45
CA ASP C 43 6.13 -3.44 -5.70
C ASP C 43 6.33 -3.22 -4.21
N THR C 44 7.56 -3.43 -3.69
CA THR C 44 7.88 -3.12 -2.30
C THR C 44 9.20 -2.34 -2.28
N PHE C 45 9.41 -1.55 -1.25
CA PHE C 45 10.67 -0.86 -1.04
C PHE C 45 11.83 -1.85 -0.84
N LEU C 46 11.59 -2.95 -0.10
CA LEU C 46 12.62 -3.99 0.03
C LEU C 46 13.07 -4.59 -1.31
N GLU C 47 12.14 -4.96 -2.18
CA GLU C 47 12.52 -5.45 -3.51
CA GLU C 47 12.48 -5.42 -3.53
C GLU C 47 13.20 -4.34 -4.36
N HIS C 48 12.79 -3.10 -4.17
CA HIS C 48 13.44 -1.98 -4.85
C HIS C 48 14.92 -1.92 -4.48
N MET C 49 15.21 -2.01 -3.18
CA MET C 49 16.62 -2.08 -2.71
C MET C 49 17.35 -3.28 -3.34
N CYS C 50 16.72 -4.47 -3.31
CA CYS C 50 17.31 -5.67 -3.86
C CYS C 50 17.68 -5.57 -5.33
N ARG C 51 16.99 -4.69 -6.09
CA ARG C 51 17.21 -4.55 -7.52
C ARG C 51 18.18 -3.42 -7.91
N LEU C 52 18.66 -2.63 -6.95
CA LEU C 52 19.63 -1.58 -7.27
C LEU C 52 20.85 -2.19 -7.92
N ASP C 53 21.25 -1.60 -9.04
CA ASP C 53 22.19 -2.21 -9.94
C ASP C 53 23.36 -1.29 -10.29
N ILE C 54 24.57 -1.67 -9.87
CA ILE C 54 25.76 -0.86 -10.17
C ILE C 54 26.10 -0.78 -11.66
N ASP C 55 25.51 -1.69 -12.45
CA ASP C 55 25.67 -1.70 -13.93
C ASP C 55 24.52 -1.04 -14.69
N SER C 56 23.61 -0.38 -13.98
CA SER C 56 22.51 0.39 -14.59
C SER C 56 22.90 1.86 -14.55
N PRO C 57 23.46 2.40 -15.66
CA PRO C 57 23.92 3.81 -15.57
C PRO C 57 22.80 4.85 -15.50
N PRO C 58 23.06 5.97 -14.82
CA PRO C 58 22.09 7.06 -14.69
C PRO C 58 21.97 7.88 -16.00
N ILE C 59 20.93 8.72 -16.07
CA ILE C 59 20.76 9.71 -17.14
C ILE C 59 21.85 10.77 -16.99
N THR C 60 22.02 11.61 -18.00
CA THR C 60 23.02 12.68 -17.94
C THR C 60 22.59 13.77 -16.95
N ALA C 61 21.28 14.00 -16.87
CA ALA C 61 20.75 15.07 -16.01
C ALA C 61 21.02 14.81 -14.51
N ARG C 62 21.41 15.86 -13.79
CA ARG C 62 21.56 15.84 -12.33
C ARG C 62 20.66 16.91 -11.73
N ASN C 63 19.72 16.47 -10.89
CA ASN C 63 18.57 17.26 -10.42
C ASN C 63 18.83 18.08 -9.13
N THR C 64 19.78 17.64 -8.32
CA THR C 64 20.00 18.21 -6.98
C THR C 64 20.97 19.36 -7.13
N GLY C 65 20.59 20.55 -6.67
CA GLY C 65 21.46 21.72 -6.78
C GLY C 65 22.69 21.56 -5.90
N ILE C 66 23.83 22.07 -6.38
CA ILE C 66 25.12 22.03 -5.66
C ILE C 66 25.48 23.48 -5.29
N ILE C 67 25.61 23.73 -3.99
CA ILE C 67 25.93 25.03 -3.47
C ILE C 67 27.40 24.96 -3.01
N CYS C 68 28.23 25.90 -3.47
CA CYS C 68 29.67 25.89 -3.20
C CYS C 68 30.07 27.15 -2.47
N THR C 69 30.73 26.97 -1.35
CA THR C 69 31.28 28.12 -0.62
C THR C 69 32.55 28.62 -1.32
N ILE C 70 32.62 29.94 -1.54
CA ILE C 70 33.72 30.53 -2.32
C ILE C 70 34.72 31.12 -1.31
N GLY C 71 35.98 30.83 -1.57
CA GLY C 71 37.07 31.39 -0.76
C GLY C 71 38.31 31.46 -1.60
N PRO C 72 39.49 31.57 -0.95
CA PRO C 72 40.74 31.68 -1.70
C PRO C 72 41.03 30.53 -2.73
N ALA C 73 40.52 29.32 -2.47
CA ALA C 73 40.70 28.16 -3.39
C ALA C 73 39.87 28.27 -4.65
N SER C 74 38.88 29.17 -4.67
CA SER C 74 37.83 29.10 -5.71
C SER C 74 37.28 30.44 -6.20
N ARG C 75 38.00 31.53 -5.94
CA ARG C 75 37.49 32.88 -6.14
C ARG C 75 37.90 33.56 -7.45
N SER C 76 39.02 33.14 -8.01
CA SER C 76 39.50 33.73 -9.26
C SER C 76 38.50 33.43 -10.35
N VAL C 77 38.37 34.36 -11.28
CA VAL C 77 37.48 34.13 -12.43
C VAL C 77 37.84 32.83 -13.15
N GLU C 78 39.12 32.58 -13.36
CA GLU C 78 39.63 31.35 -13.99
C GLU C 78 39.07 30.07 -13.30
N THR C 79 39.20 30.02 -11.98
CA THR C 79 38.76 28.86 -11.22
C THR C 79 37.23 28.80 -11.15
N LEU C 80 36.56 29.97 -11.08
CA LEU C 80 35.08 29.99 -11.06
C LEU C 80 34.48 29.43 -12.34
N LYS C 81 35.13 29.68 -13.49
CA LYS C 81 34.66 29.10 -14.75
C LYS C 81 34.67 27.54 -14.66
N GLU C 82 35.74 26.99 -14.08
CA GLU C 82 35.83 25.53 -13.88
C GLU C 82 34.82 25.03 -12.85
N MET C 83 34.55 25.82 -11.80
CA MET C 83 33.53 25.45 -10.80
C MET C 83 32.17 25.30 -11.48
N ILE C 84 31.85 26.24 -12.35
CA ILE C 84 30.60 26.21 -13.09
C ILE C 84 30.58 24.97 -14.00
N LYS C 85 31.67 24.74 -14.73
CA LYS C 85 31.73 23.57 -15.65
C LYS C 85 31.58 22.26 -14.89
N SER C 86 32.11 22.22 -13.66
CA SER C 86 32.11 21.04 -12.82
C SER C 86 30.73 20.77 -12.14
N GLY C 87 29.84 21.77 -12.10
CA GLY C 87 28.50 21.62 -11.57
C GLY C 87 27.97 22.62 -10.56
N MET C 88 28.77 23.62 -10.14
CA MET C 88 28.26 24.60 -9.19
C MET C 88 27.05 25.35 -9.73
N ASN C 89 26.01 25.42 -8.91
CA ASN C 89 24.79 26.15 -9.22
C ASN C 89 24.58 27.42 -8.41
N VAL C 90 25.09 27.45 -7.17
CA VAL C 90 24.94 28.56 -6.25
C VAL C 90 26.28 28.81 -5.61
N ALA C 91 26.76 30.05 -5.70
CA ALA C 91 27.95 30.48 -4.97
C ALA C 91 27.55 31.07 -3.64
N ARG C 92 28.06 30.49 -2.55
CA ARG C 92 27.76 30.93 -1.19
C ARG C 92 28.92 31.76 -0.65
N LEU C 93 28.60 32.96 -0.16
CA LEU C 93 29.56 33.83 0.50
C LEU C 93 29.29 33.89 2.00
N ASN C 94 30.28 33.50 2.79
CA ASN C 94 30.15 33.47 4.23
C ASN C 94 30.57 34.78 4.83
N PHE C 95 29.60 35.53 5.33
CA PHE C 95 29.89 36.85 5.90
C PHE C 95 30.41 36.80 7.36
N SER C 96 30.66 35.61 7.90
CA SER C 96 31.40 35.51 9.16
C SER C 96 32.80 36.09 8.98
N HIS C 97 33.27 36.16 7.74
CA HIS C 97 34.59 36.71 7.40
C HIS C 97 34.48 37.70 6.25
N GLY C 98 35.50 38.54 6.10
CA GLY C 98 35.63 39.38 4.91
C GLY C 98 34.95 40.74 4.99
N THR C 99 35.51 41.72 4.30
CA THR C 99 34.95 43.07 4.25
C THR C 99 33.96 43.15 3.09
N HIS C 100 33.10 44.16 3.09
CA HIS C 100 32.23 44.38 1.96
C HIS C 100 33.01 44.56 0.67
N GLU C 101 34.14 45.27 0.71
CA GLU C 101 34.94 45.44 -0.49
C GLU C 101 35.31 44.10 -1.10
N TYR C 102 35.77 43.20 -0.24
CA TYR C 102 36.22 41.87 -0.66
C TYR C 102 35.03 41.07 -1.24
N HIS C 103 33.89 41.13 -0.59
CA HIS C 103 32.72 40.33 -1.05
C HIS C 103 32.18 40.92 -2.36
N ALA C 104 32.18 42.25 -2.51
CA ALA C 104 31.78 42.83 -3.78
C ALA C 104 32.69 42.31 -4.89
N GLU C 105 34.00 42.15 -4.61
CA GLU C 105 34.91 41.57 -5.60
C GLU C 105 34.55 40.13 -5.92
N THR C 106 34.24 39.34 -4.89
CA THR C 106 33.88 37.95 -5.12
C THR C 106 32.67 37.87 -6.03
N ILE C 107 31.65 38.65 -5.72
CA ILE C 107 30.39 38.67 -6.48
C ILE C 107 30.67 39.08 -7.94
N LYS C 108 31.50 40.12 -8.14
CA LYS C 108 31.88 40.52 -9.49
C LYS C 108 32.55 39.39 -10.29
N ASN C 109 33.47 38.67 -9.64
CA ASN C 109 34.15 37.51 -10.27
C ASN C 109 33.17 36.37 -10.62
N VAL C 110 32.24 36.08 -9.72
CA VAL C 110 31.22 35.06 -10.00
C VAL C 110 30.45 35.45 -11.26
N ARG C 111 30.05 36.73 -11.35
CA ARG C 111 29.26 37.22 -12.50
C ARG C 111 30.10 37.26 -13.78
N THR C 112 31.36 37.68 -13.67
CA THR C 112 32.24 37.61 -14.82
C THR C 112 32.40 36.17 -15.38
N ALA C 113 32.67 35.21 -14.48
CA ALA C 113 32.79 33.81 -14.85
C ALA C 113 31.47 33.28 -15.46
N THR C 114 30.35 33.61 -14.83
CA THR C 114 29.03 33.11 -15.27
C THR C 114 28.72 33.67 -16.66
N GLU C 115 28.90 34.99 -16.84
CA GLU C 115 28.59 35.62 -18.12
C GLU C 115 29.56 35.32 -19.23
N SER C 116 30.70 34.71 -18.92
CA SER C 116 31.63 34.31 -19.97
C SER C 116 31.03 33.23 -20.90
N PHE C 117 30.04 32.51 -20.39
CA PHE C 117 29.34 31.47 -21.13
C PHE C 117 28.09 32.00 -21.85
N ALA C 118 27.79 33.31 -21.70
CA ALA C 118 26.55 33.87 -22.24
C ALA C 118 26.51 33.92 -23.78
N SER C 119 27.68 33.88 -24.43
CA SER C 119 27.74 34.01 -25.90
C SER C 119 27.15 32.81 -26.65
N ASP C 120 26.93 31.69 -25.94
CA ASP C 120 26.15 30.58 -26.48
C ASP C 120 25.00 30.29 -25.52
N PRO C 121 23.80 30.84 -25.83
CA PRO C 121 22.62 30.72 -24.97
C PRO C 121 22.20 29.26 -24.68
N ILE C 122 22.51 28.36 -25.59
CA ILE C 122 22.15 26.97 -25.42
C ILE C 122 22.95 26.36 -24.27
N LEU C 123 24.22 26.79 -24.13
CA LEU C 123 25.10 26.23 -23.11
C LEU C 123 25.25 27.10 -21.83
N TYR C 124 24.76 28.33 -21.86
CA TYR C 124 24.79 29.20 -20.66
C TYR C 124 24.04 28.55 -19.49
N ARG C 125 24.62 28.63 -18.30
CA ARG C 125 24.03 28.13 -17.08
C ARG C 125 23.92 29.25 -16.08
N PRO C 126 22.69 29.55 -15.64
CA PRO C 126 22.50 30.53 -14.57
C PRO C 126 23.24 30.09 -13.30
N VAL C 127 23.79 31.06 -12.57
CA VAL C 127 24.47 30.82 -11.28
C VAL C 127 23.94 31.82 -10.26
N ALA C 128 23.39 31.30 -9.16
CA ALA C 128 22.87 32.14 -8.09
C ALA C 128 23.97 32.57 -7.08
N VAL C 129 23.67 33.67 -6.39
CA VAL C 129 24.55 34.22 -5.35
C VAL C 129 23.81 34.23 -4.06
N ALA C 130 24.43 33.61 -3.04
CA ALA C 130 23.86 33.52 -1.72
C ALA C 130 24.72 34.20 -0.67
N LEU C 131 24.09 35.03 0.17
CA LEU C 131 24.73 35.68 1.31
C LEU C 131 24.40 34.93 2.58
N ASP C 132 25.43 34.43 3.27
CA ASP C 132 25.26 33.66 4.50
C ASP C 132 25.70 34.58 5.65
N THR C 133 24.75 34.89 6.52
CA THR C 133 25.02 35.86 7.59
C THR C 133 25.96 35.31 8.69
N LYS C 134 26.68 36.19 9.37
CA LYS C 134 27.41 35.79 10.56
C LYS C 134 26.41 35.42 11.67
N GLY C 135 25.47 36.32 11.95
CA GLY C 135 24.49 36.07 13.00
C GLY C 135 25.13 36.05 14.38
N PRO C 136 24.43 35.48 15.37
CA PRO C 136 24.88 35.51 16.77
C PRO C 136 25.99 34.48 17.06
N GLU C 137 27.18 34.73 16.51
CA GLU C 137 28.35 33.90 16.73
C GLU C 137 29.11 34.25 18.00
N ILE C 138 29.75 33.24 18.60
CA ILE C 138 30.70 33.45 19.69
C ILE C 138 32.05 32.98 19.19
N ARG C 139 33.05 33.87 19.29
CA ARG C 139 34.39 33.60 18.81
C ARG C 139 35.45 33.88 19.88
N THR C 140 36.53 33.09 19.87
CA THR C 140 37.70 33.36 20.71
C THR C 140 38.59 34.43 20.09
N GLY C 141 39.67 34.79 20.79
CA GLY C 141 40.62 35.80 20.33
C GLY C 141 41.83 35.20 19.62
N LEU C 142 42.90 35.99 19.50
CA LEU C 142 44.12 35.52 18.83
C LEU C 142 45.08 34.84 19.82
N ILE C 143 45.59 33.67 19.44
CA ILE C 143 46.67 33.01 20.18
C ILE C 143 47.97 33.83 19.98
N LYS C 144 48.44 34.44 21.06
CA LYS C 144 49.75 35.13 21.06
C LYS C 144 49.94 36.06 19.86
N GLY C 145 48.92 36.87 19.60
CA GLY C 145 48.99 37.89 18.57
C GLY C 145 49.10 37.38 17.14
N SER C 146 48.83 36.09 16.92
CA SER C 146 49.03 35.47 15.60
C SER C 146 47.72 34.85 15.10
N GLY C 147 47.50 34.91 13.79
CA GLY C 147 46.36 34.26 13.16
C GLY C 147 46.53 32.75 13.00
N THR C 148 47.77 32.26 12.99
CA THR C 148 48.05 30.84 12.75
C THR C 148 48.55 30.06 13.97
N ALA C 149 48.92 30.78 15.05
CA ALA C 149 49.55 30.14 16.21
C ALA C 149 48.57 29.20 16.91
N GLU C 150 49.11 28.14 17.50
CA GLU C 150 48.32 27.21 18.32
C GLU C 150 48.98 26.92 19.66
N VAL C 151 48.16 26.55 20.64
CA VAL C 151 48.61 26.06 21.95
C VAL C 151 47.93 24.73 22.23
N GLU C 152 48.60 23.85 22.98
CA GLU C 152 48.01 22.55 23.37
C GLU C 152 47.30 22.66 24.71
N LEU C 153 46.03 22.27 24.72
CA LEU C 153 45.27 22.19 25.96
C LEU C 153 45.28 20.74 26.40
N LYS C 154 45.68 20.49 27.64
CA LYS C 154 45.79 19.11 28.14
C LYS C 154 44.60 18.76 29.04
N LYS C 155 44.06 17.56 28.83
CA LYS C 155 42.93 17.06 29.63
C LYS C 155 43.23 17.23 31.11
N GLY C 156 42.28 17.79 31.86
CA GLY C 156 42.46 18.01 33.28
C GLY C 156 43.11 19.33 33.65
N ALA C 157 43.76 20.01 32.70
CA ALA C 157 44.38 21.32 32.96
C ALA C 157 43.33 22.41 33.26
N THR C 158 43.79 23.53 33.83
CA THR C 158 42.90 24.67 34.08
C THR C 158 43.01 25.66 32.94
N LEU C 159 41.89 26.28 32.62
CA LEU C 159 41.86 27.31 31.59
C LEU C 159 40.87 28.37 32.01
N LYS C 160 41.35 29.60 32.08
CA LYS C 160 40.56 30.74 32.48
C LYS C 160 39.99 31.47 31.25
N ILE C 161 38.65 31.62 31.21
CA ILE C 161 37.99 32.43 30.20
C ILE C 161 37.81 33.86 30.72
N THR C 162 38.31 34.83 29.96
CA THR C 162 38.22 36.24 30.32
C THR C 162 37.45 37.04 29.28
N LEU C 163 36.83 38.12 29.71
CA LEU C 163 36.17 39.08 28.83
C LEU C 163 36.93 40.41 28.76
N ASP C 164 38.10 40.46 29.42
CA ASP C 164 38.94 41.66 29.46
C ASP C 164 39.65 41.82 28.12
N ASN C 165 39.24 42.83 27.34
CA ASN C 165 39.75 43.04 25.99
C ASN C 165 41.27 43.22 25.87
N ALA C 166 41.94 43.51 26.99
CA ALA C 166 43.39 43.50 27.02
C ALA C 166 43.98 42.15 26.60
N TYR C 167 43.19 41.07 26.71
CA TYR C 167 43.66 39.73 26.30
C TYR C 167 43.12 39.25 24.94
N MET C 168 42.44 40.13 24.19
CA MET C 168 41.77 39.69 22.96
C MET C 168 42.75 39.24 21.87
N GLU C 169 44.01 39.67 21.98
CA GLU C 169 45.05 39.17 21.10
C GLU C 169 46.19 38.48 21.87
N LYS C 170 45.89 38.07 23.11
CA LYS C 170 46.87 37.43 23.96
C LYS C 170 46.31 36.14 24.59
N CYS C 171 45.53 35.37 23.82
CA CYS C 171 45.10 34.05 24.25
C CYS C 171 46.28 33.07 24.26
N ASP C 172 46.26 32.14 25.22
CA ASP C 172 47.25 31.06 25.30
C ASP C 172 46.65 29.89 26.10
N GLU C 173 47.50 28.93 26.51
CA GLU C 173 47.03 27.72 27.21
C GLU C 173 46.50 28.03 28.61
N ASN C 174 46.72 29.26 29.10
CA ASN C 174 46.30 29.67 30.43
C ASN C 174 45.05 30.56 30.47
N ILE C 175 44.96 31.51 29.54
CA ILE C 175 43.86 32.50 29.50
C ILE C 175 43.27 32.61 28.08
N LEU C 176 41.95 32.46 27.98
CA LEU C 176 41.24 32.50 26.69
C LEU C 176 40.16 33.60 26.70
N TRP C 177 40.33 34.61 25.84
CA TRP C 177 39.32 35.66 25.66
C TRP C 177 38.33 35.22 24.59
N LEU C 178 37.08 35.61 24.79
CA LEU C 178 36.06 35.48 23.78
C LEU C 178 35.15 36.71 23.77
N ASP C 179 34.36 36.83 22.70
CA ASP C 179 33.70 38.08 22.38
C ASP C 179 32.23 38.20 22.84
N TYR C 180 31.74 37.19 23.59
CA TYR C 180 30.39 37.20 24.15
C TYR C 180 30.44 37.75 25.58
N LYS C 181 30.19 39.07 25.69
CA LYS C 181 30.37 39.82 26.94
C LYS C 181 29.42 39.35 28.06
N ASN C 182 28.25 38.83 27.70
CA ASN C 182 27.28 38.35 28.69
C ASN C 182 27.39 36.86 29.06
N ILE C 183 28.50 36.22 28.73
CA ILE C 183 28.61 34.77 28.92
C ILE C 183 28.38 34.34 30.37
N CYS C 184 28.87 35.15 31.31
CA CYS C 184 28.83 34.78 32.74
C CYS C 184 27.39 34.67 33.26
N LYS C 185 26.51 35.50 32.70
CA LYS C 185 25.10 35.51 33.09
C LYS C 185 24.31 34.27 32.62
N VAL C 186 24.79 33.56 31.59
CA VAL C 186 24.01 32.44 31.01
C VAL C 186 24.61 31.04 31.23
N VAL C 187 25.72 30.96 31.95
CA VAL C 187 26.29 29.67 32.35
C VAL C 187 26.29 29.57 33.88
N GLU C 188 26.57 28.36 34.37
CA GLU C 188 26.71 28.10 35.79
C GLU C 188 27.82 27.08 35.98
N VAL C 189 28.28 26.91 37.22
CA VAL C 189 29.20 25.83 37.55
C VAL C 189 28.66 24.51 36.98
N GLY C 190 29.56 23.76 36.33
CA GLY C 190 29.19 22.49 35.71
C GLY C 190 28.80 22.62 34.25
N SER C 191 28.56 23.84 33.78
CA SER C 191 28.23 24.08 32.37
C SER C 191 29.38 23.60 31.52
N LYS C 192 29.05 23.08 30.34
CA LYS C 192 30.08 22.72 29.39
C LYS C 192 30.18 23.76 28.28
N ILE C 193 31.41 24.04 27.87
CA ILE C 193 31.72 25.01 26.82
C ILE C 193 32.51 24.29 25.74
N TYR C 194 32.11 24.47 24.49
CA TYR C 194 32.77 23.77 23.38
C TYR C 194 33.51 24.77 22.50
N VAL C 195 34.70 24.40 22.05
CA VAL C 195 35.52 25.29 21.18
C VAL C 195 36.06 24.53 19.97
N ASP C 196 36.01 25.21 18.81
CA ASP C 196 36.46 24.69 17.54
C ASP C 196 35.68 23.44 17.04
N ASP C 197 34.52 23.69 16.44
CA ASP C 197 33.66 22.61 15.90
C ASP C 197 33.43 21.57 16.95
N GLY C 198 33.33 22.01 18.19
CA GLY C 198 33.02 21.13 19.32
C GLY C 198 34.09 20.10 19.66
N LEU C 199 35.30 20.29 19.17
CA LEU C 199 36.38 19.31 19.35
C LEU C 199 37.11 19.45 20.69
N ILE C 200 37.17 20.68 21.21
CA ILE C 200 37.69 20.97 22.55
C ILE C 200 36.50 21.23 23.47
N SER C 201 36.50 20.63 24.66
CA SER C 201 35.41 20.81 25.60
C SER C 201 35.99 21.20 26.96
N LEU C 202 35.29 22.14 27.58
CA LEU C 202 35.66 22.67 28.88
C LEU C 202 34.48 22.50 29.83
N GLN C 203 34.74 22.40 31.13
CA GLN C 203 33.69 22.43 32.14
C GLN C 203 33.92 23.58 33.11
N VAL C 204 32.90 24.43 33.29
CA VAL C 204 32.99 25.53 34.23
C VAL C 204 33.11 24.97 35.64
N LYS C 205 34.16 25.38 36.35
CA LYS C 205 34.38 25.04 37.76
C LYS C 205 34.05 26.22 38.67
N GLN C 206 34.39 27.44 38.24
CA GLN C 206 34.11 28.64 39.04
C GLN C 206 33.59 29.77 38.15
N LYS C 207 32.53 30.41 38.60
CA LYS C 207 32.00 31.59 37.94
C LYS C 207 32.45 32.83 38.67
N GLY C 208 33.18 33.70 37.97
CA GLY C 208 33.45 35.04 38.46
C GLY C 208 32.38 35.98 37.92
N ALA C 209 32.54 37.27 38.20
CA ALA C 209 31.61 38.28 37.69
C ALA C 209 31.94 38.66 36.23
N ASP C 210 33.23 38.60 35.89
CA ASP C 210 33.73 38.90 34.54
C ASP C 210 34.66 37.81 33.99
N PHE C 211 34.59 36.60 34.57
CA PHE C 211 35.50 35.51 34.21
C PHE C 211 34.95 34.15 34.61
N LEU C 212 35.50 33.09 33.99
CA LEU C 212 35.18 31.72 34.35
C LEU C 212 36.48 30.94 34.49
N VAL C 213 36.53 30.02 35.45
CA VAL C 213 37.64 29.07 35.55
C VAL C 213 37.08 27.73 35.13
N THR C 214 37.75 27.06 34.20
CA THR C 214 37.26 25.84 33.61
C THR C 214 38.33 24.77 33.70
N GLU C 215 37.90 23.51 33.57
CA GLU C 215 38.80 22.35 33.42
C GLU C 215 38.68 21.83 32.00
N VAL C 216 39.80 21.49 31.39
CA VAL C 216 39.81 20.90 30.04
C VAL C 216 39.35 19.45 30.14
N GLU C 217 38.29 19.08 29.41
CA GLU C 217 37.82 17.69 29.35
C GLU C 217 38.44 17.03 28.13
N ASN C 218 38.12 17.54 26.96
CA ASN C 218 38.74 17.12 25.72
C ASN C 218 39.66 18.21 25.30
N GLY C 219 40.97 17.91 25.36
CA GLY C 219 42.01 18.82 24.93
C GLY C 219 42.33 18.62 23.45
N GLY C 220 43.43 19.23 23.04
CA GLY C 220 43.80 19.30 21.62
C GLY C 220 44.45 20.64 21.34
N SER C 221 44.69 20.91 20.06
CA SER C 221 45.33 22.15 19.62
C SER C 221 44.30 23.24 19.53
N LEU C 222 44.56 24.33 20.24
CA LEU C 222 43.66 25.48 20.25
C LEU C 222 44.27 26.57 19.39
N GLY C 223 43.55 27.00 18.35
CA GLY C 223 44.02 28.09 17.48
C GLY C 223 43.25 29.37 17.72
N SER C 224 43.40 30.32 16.81
CA SER C 224 42.84 31.67 16.92
C SER C 224 41.40 31.79 16.34
N LYS C 225 40.58 32.60 17.01
CA LYS C 225 39.25 33.01 16.51
C LYS C 225 38.38 31.80 16.17
N LYS C 226 38.25 30.90 17.13
CA LYS C 226 37.51 29.66 16.91
C LYS C 226 36.10 29.83 17.46
N GLY C 227 35.15 29.11 16.86
CA GLY C 227 33.75 29.15 17.28
C GLY C 227 33.53 28.47 18.62
N VAL C 228 32.62 29.04 19.40
CA VAL C 228 32.30 28.57 20.74
C VAL C 228 30.81 28.26 20.80
N ASN C 229 30.46 27.18 21.48
CA ASN C 229 29.07 26.78 21.67
C ASN C 229 28.82 26.55 23.15
N LEU C 230 27.62 26.93 23.59
CA LEU C 230 27.18 26.73 24.98
C LEU C 230 25.87 25.96 24.94
N PRO C 231 25.93 24.64 24.68
CA PRO C 231 24.69 23.88 24.45
C PRO C 231 23.67 23.94 25.58
N GLY C 232 24.11 24.05 26.82
CA GLY C 232 23.14 24.15 27.94
C GLY C 232 22.40 25.48 28.01
N ALA C 233 23.04 26.53 27.48
CA ALA C 233 22.71 27.90 27.81
C ALA C 233 21.74 28.53 26.84
N ALA C 234 21.00 29.51 27.34
CA ALA C 234 20.16 30.37 26.50
C ALA C 234 20.95 31.63 26.17
N VAL C 235 21.71 31.56 25.07
CA VAL C 235 22.51 32.68 24.57
C VAL C 235 21.59 33.82 24.19
N ASP C 236 21.96 35.03 24.62
CA ASP C 236 21.11 36.23 24.55
C ASP C 236 21.57 37.29 23.52
N LEU C 237 22.31 36.87 22.49
CA LEU C 237 22.78 37.78 21.44
C LEU C 237 21.64 38.10 20.47
N PRO C 238 21.69 39.26 19.79
CA PRO C 238 20.64 39.60 18.82
C PRO C 238 20.55 38.60 17.67
N ALA C 239 19.32 38.24 17.28
CA ALA C 239 19.09 37.44 16.09
C ALA C 239 19.70 38.15 14.88
N VAL C 240 19.50 39.46 14.82
CA VAL C 240 20.08 40.30 13.77
C VAL C 240 20.87 41.47 14.41
N SER C 241 22.20 41.34 14.38
CA SER C 241 23.11 42.37 14.93
C SER C 241 23.28 43.60 14.01
N GLU C 242 23.95 44.62 14.52
CA GLU C 242 24.26 45.81 13.68
C GLU C 242 25.01 45.38 12.43
N LYS C 243 25.99 44.50 12.62
CA LYS C 243 26.78 43.99 11.51
C LYS C 243 25.91 43.23 10.54
N ASP C 244 24.99 42.40 11.04
CA ASP C 244 24.10 41.64 10.12
C ASP C 244 23.23 42.60 9.28
N ILE C 245 22.73 43.67 9.92
CA ILE C 245 21.94 44.68 9.25
C ILE C 245 22.73 45.30 8.10
N GLN C 246 23.98 45.67 8.37
CA GLN C 246 24.88 46.21 7.32
C GLN C 246 25.09 45.23 6.17
N ASP C 247 25.30 43.97 6.52
CA ASP C 247 25.56 42.92 5.52
C ASP C 247 24.32 42.65 4.67
N LEU C 248 23.15 42.61 5.31
CA LEU C 248 21.89 42.38 4.57
C LEU C 248 21.56 43.53 3.58
N LYS C 249 21.79 44.74 4.02
CA LYS C 249 21.58 45.91 3.15
C LYS C 249 22.55 45.88 1.99
N PHE C 250 23.78 45.46 2.25
CA PHE C 250 24.78 45.24 1.19
C PHE C 250 24.32 44.16 0.20
N GLY C 251 23.75 43.07 0.71
CA GLY C 251 23.14 42.06 -0.14
C GLY C 251 22.09 42.61 -1.09
N VAL C 252 21.24 43.48 -0.61
CA VAL C 252 20.20 44.13 -1.45
C VAL C 252 20.88 44.95 -2.52
N GLU C 253 21.83 45.78 -2.09
CA GLU C 253 22.59 46.62 -3.05
C GLU C 253 23.27 45.78 -4.13
N GLN C 254 23.83 44.64 -3.75
CA GLN C 254 24.55 43.74 -4.65
C GLN C 254 23.65 42.75 -5.44
N ASP C 255 22.32 42.84 -5.25
CA ASP C 255 21.33 42.02 -6.01
C ASP C 255 21.51 40.51 -5.78
N VAL C 256 21.75 40.11 -4.54
CA VAL C 256 21.92 38.68 -4.24
C VAL C 256 20.57 37.98 -4.45
N ASP C 257 20.62 36.66 -4.65
CA ASP C 257 19.42 35.88 -4.94
C ASP C 257 18.76 35.37 -3.69
N MET C 258 19.53 35.18 -2.63
CA MET C 258 19.02 34.57 -1.39
C MET C 258 19.94 34.82 -0.22
N VAL C 259 19.38 34.74 0.98
CA VAL C 259 20.11 34.94 2.23
C VAL C 259 20.01 33.63 3.00
N PHE C 260 21.15 33.14 3.48
CA PHE C 260 21.14 32.02 4.42
C PHE C 260 21.32 32.66 5.79
N ALA C 261 20.23 32.70 6.57
CA ALA C 261 20.23 33.37 7.87
C ALA C 261 20.65 32.42 8.99
N SER C 262 21.78 32.72 9.60
CA SER C 262 22.38 31.85 10.60
C SER C 262 21.69 31.91 11.95
N PHE C 263 21.61 30.74 12.61
CA PHE C 263 21.12 30.60 14.01
C PHE C 263 19.66 31.01 14.26
N ILE C 264 18.79 30.82 13.28
CA ILE C 264 17.36 31.13 13.45
C ILE C 264 16.79 30.24 14.53
N ARG C 265 16.16 30.86 15.54
CA ARG C 265 15.60 30.18 16.73
C ARG C 265 14.07 30.16 16.74
N LYS C 266 13.45 31.07 15.99
CA LYS C 266 12.01 31.31 16.08
C LYS C 266 11.53 32.16 14.90
N ALA C 267 10.22 32.18 14.63
CA ALA C 267 9.69 32.97 13.50
C ALA C 267 10.07 34.44 13.57
N SER C 268 10.02 35.06 14.76
CA SER C 268 10.35 36.49 14.88
C SER C 268 11.79 36.80 14.38
N ASP C 269 12.70 35.83 14.47
CA ASP C 269 14.06 36.04 13.95
C ASP C 269 14.01 36.21 12.44
N VAL C 270 13.20 35.38 11.79
CA VAL C 270 13.02 35.42 10.34
C VAL C 270 12.40 36.75 9.97
N HIS C 271 11.40 37.17 10.75
CA HIS C 271 10.70 38.43 10.47
C HIS C 271 11.66 39.61 10.53
N GLU C 272 12.63 39.57 11.45
CA GLU C 272 13.64 40.64 11.56
C GLU C 272 14.55 40.69 10.35
N VAL C 273 14.94 39.53 9.82
CA VAL C 273 15.73 39.49 8.58
C VAL C 273 14.91 40.04 7.39
N ARG C 274 13.66 39.60 7.30
CA ARG C 274 12.77 40.01 6.21
C ARG C 274 12.56 41.53 6.25
N LYS C 275 12.51 42.08 7.46
CA LYS C 275 12.26 43.52 7.65
C LYS C 275 13.44 44.33 7.10
N VAL C 276 14.65 43.84 7.37
CA VAL C 276 15.87 44.53 6.95
C VAL C 276 15.98 44.52 5.42
N LEU C 277 15.72 43.37 4.81
CA LEU C 277 15.70 43.31 3.35
C LEU C 277 14.67 44.30 2.75
N GLY C 278 13.56 44.46 3.47
CA GLY C 278 12.52 45.43 3.11
C GLY C 278 11.86 45.25 1.78
N GLU C 279 11.17 46.30 1.32
CA GLU C 279 10.49 46.25 0.03
C GLU C 279 11.48 46.07 -1.10
N LYS C 280 12.62 46.77 -1.04
CA LYS C 280 13.61 46.67 -2.12
C LYS C 280 14.11 45.23 -2.29
N GLY C 281 14.26 44.51 -1.18
CA GLY C 281 14.72 43.11 -1.25
C GLY C 281 13.64 42.07 -1.06
N LYS C 282 12.39 42.40 -1.41
CA LYS C 282 11.25 41.53 -1.07
C LYS C 282 11.28 40.21 -1.84
N ASN C 283 11.94 40.20 -2.99
CA ASN C 283 12.04 39.00 -3.82
C ASN C 283 13.26 38.12 -3.50
N ILE C 284 14.12 38.59 -2.60
CA ILE C 284 15.26 37.81 -2.10
C ILE C 284 14.72 36.68 -1.22
N LYS C 285 15.14 35.45 -1.52
CA LYS C 285 14.68 34.30 -0.69
C LYS C 285 15.44 34.16 0.61
N ILE C 286 14.70 33.93 1.70
CA ILE C 286 15.28 33.80 3.01
C ILE C 286 15.25 32.30 3.39
N ILE C 287 16.44 31.72 3.53
CA ILE C 287 16.61 30.33 3.90
C ILE C 287 17.07 30.36 5.33
N SER C 288 16.28 29.79 6.24
CA SER C 288 16.62 29.85 7.62
C SER C 288 17.55 28.65 7.92
N LYS C 289 18.63 28.93 8.62
CA LYS C 289 19.56 27.89 9.00
C LYS C 289 19.18 27.38 10.37
N ILE C 290 18.96 26.06 10.50
CA ILE C 290 18.60 25.46 11.79
C ILE C 290 19.85 24.82 12.36
N GLU C 291 20.34 25.37 13.46
CA GLU C 291 21.62 24.91 13.99
C GLU C 291 21.66 24.90 15.51
N ASN C 292 20.48 24.90 16.13
CA ASN C 292 20.39 24.79 17.57
C ASN C 292 19.09 24.10 17.98
N HIS C 293 18.98 23.79 19.26
CA HIS C 293 17.85 23.00 19.74
C HIS C 293 16.54 23.77 19.58
N GLU C 294 16.55 25.07 19.91
CA GLU C 294 15.31 25.87 19.83
C GLU C 294 14.79 25.93 18.40
N GLY C 295 15.72 26.07 17.45
CA GLY C 295 15.36 26.02 16.02
C GLY C 295 14.63 24.75 15.61
N VAL C 296 15.10 23.60 16.10
CA VAL C 296 14.42 22.33 15.86
C VAL C 296 13.04 22.34 16.54
N ARG C 297 13.00 22.80 17.78
CA ARG C 297 11.75 22.82 18.56
C ARG C 297 10.70 23.69 17.86
N ARG C 298 11.14 24.82 17.36
CA ARG C 298 10.23 25.79 16.75
C ARG C 298 10.24 25.70 15.24
N PHE C 299 10.59 24.52 14.71
CA PHE C 299 10.75 24.39 13.28
C PHE C 299 9.52 24.79 12.46
N ASP C 300 8.33 24.39 12.88
CA ASP C 300 7.16 24.62 12.05
C ASP C 300 6.92 26.13 11.84
N GLU C 301 7.05 26.94 12.87
CA GLU C 301 6.76 28.39 12.76
C GLU C 301 7.88 29.04 11.94
N ILE C 302 9.10 28.53 12.11
CA ILE C 302 10.26 29.02 11.28
C ILE C 302 10.03 28.71 9.80
N LEU C 303 9.59 27.50 9.51
CA LEU C 303 9.36 27.11 8.13
C LEU C 303 8.25 27.95 7.46
N GLU C 304 7.18 28.21 8.20
CA GLU C 304 6.07 29.02 7.71
C GLU C 304 6.53 30.42 7.32
N ALA C 305 7.44 30.97 8.13
CA ALA C 305 7.96 32.34 7.95
C ALA C 305 9.10 32.46 6.91
N SER C 306 9.64 31.33 6.45
CA SER C 306 10.83 31.28 5.57
C SER C 306 10.46 30.83 4.16
N ASP C 307 11.41 31.02 3.22
CA ASP C 307 11.28 30.56 1.88
C ASP C 307 11.93 29.18 1.70
N GLY C 308 12.70 28.77 2.72
CA GLY C 308 13.32 27.47 2.69
C GLY C 308 14.19 27.32 3.91
N ILE C 309 14.89 26.17 3.98
CA ILE C 309 15.60 25.75 5.18
C ILE C 309 16.98 25.19 4.85
N MET C 310 17.96 25.45 5.70
CA MET C 310 19.21 24.75 5.65
C MET C 310 19.38 23.93 6.93
N VAL C 311 19.68 22.65 6.75
CA VAL C 311 20.08 21.79 7.82
C VAL C 311 21.58 22.02 8.06
N ALA C 312 21.88 22.90 9.02
CA ALA C 312 23.25 23.38 9.26
C ALA C 312 23.87 22.47 10.29
N ARG C 313 24.34 21.34 9.80
CA ARG C 313 24.67 20.19 10.67
C ARG C 313 25.90 20.39 11.53
N GLY C 314 26.76 21.33 11.15
CA GLY C 314 27.98 21.62 11.96
C GLY C 314 27.65 22.04 13.38
N ASP C 315 27.06 23.22 13.54
CA ASP C 315 26.65 23.67 14.86
C ASP C 315 25.55 22.79 15.46
N LEU C 316 24.64 22.29 14.62
CA LEU C 316 23.54 21.47 15.11
C LEU C 316 24.06 20.29 15.95
N GLY C 317 25.11 19.63 15.45
CA GLY C 317 25.71 18.45 16.08
C GLY C 317 26.63 18.74 17.26
N ILE C 318 26.78 20.03 17.58
CA ILE C 318 27.36 20.44 18.85
C ILE C 318 26.28 20.85 19.85
N GLU C 319 25.28 21.58 19.36
CA GLU C 319 24.15 22.04 20.18
C GLU C 319 23.27 20.91 20.69
N ILE C 320 23.13 19.85 19.88
CA ILE C 320 22.44 18.63 20.31
C ILE C 320 23.43 17.46 20.16
N PRO C 321 23.12 16.30 20.79
CA PRO C 321 24.03 15.17 20.67
C PRO C 321 24.22 14.76 19.23
N ALA C 322 25.47 14.48 18.85
CA ALA C 322 25.80 14.18 17.46
C ALA C 322 24.98 13.03 16.91
N GLU C 323 24.68 12.04 17.74
CA GLU C 323 23.93 10.86 17.30
C GLU C 323 22.49 11.16 16.93
N LYS C 324 22.00 12.35 17.27
CA LYS C 324 20.62 12.76 16.96
C LYS C 324 20.47 13.60 15.70
N VAL C 325 21.58 14.04 15.12
CA VAL C 325 21.50 14.91 13.98
C VAL C 325 20.74 14.29 12.80
N PHE C 326 20.92 12.99 12.50
CA PHE C 326 20.23 12.36 11.36
C PHE C 326 18.70 12.40 11.54
N LEU C 327 18.22 12.41 12.80
CA LEU C 327 16.78 12.53 13.10
C LEU C 327 16.28 13.92 12.71
N ALA C 328 17.00 14.94 13.15
CA ALA C 328 16.66 16.31 12.81
C ALA C 328 16.73 16.54 11.31
N GLN C 329 17.76 16.00 10.66
CA GLN C 329 17.90 16.11 9.20
C GLN C 329 16.71 15.50 8.44
N LYS C 330 16.36 14.27 8.79
CA LYS C 330 15.26 13.60 8.12
C LYS C 330 13.92 14.27 8.46
N MET C 331 13.73 14.70 9.70
CA MET C 331 12.52 15.41 10.06
C MET C 331 12.37 16.69 9.20
N MET C 332 13.42 17.47 9.14
CA MET C 332 13.35 18.76 8.44
C MET C 332 13.18 18.60 6.94
N ILE C 333 13.91 17.67 6.33
CA ILE C 333 13.74 17.37 4.92
C ILE C 333 12.30 16.90 4.63
N GLY C 334 11.81 15.94 5.39
CA GLY C 334 10.42 15.49 5.27
C GLY C 334 9.43 16.64 5.35
N ARG C 335 9.60 17.53 6.35
CA ARG C 335 8.64 18.62 6.57
C ARG C 335 8.74 19.62 5.45
N CYS C 336 9.96 19.87 4.97
CA CYS C 336 10.13 20.75 3.80
C CYS C 336 9.54 20.16 2.52
N ASN C 337 9.68 18.84 2.32
CA ASN C 337 9.12 18.20 1.15
C ASN C 337 7.56 18.28 1.18
N ARG C 338 7.01 18.06 2.37
CA ARG C 338 5.56 18.15 2.64
C ARG C 338 5.01 19.55 2.34
N ALA C 339 5.78 20.57 2.68
CA ALA C 339 5.39 22.00 2.49
C ALA C 339 5.75 22.56 1.11
N GLY C 340 6.51 21.80 0.34
CA GLY C 340 6.99 22.21 -0.97
C GLY C 340 8.00 23.35 -0.91
N LYS C 341 8.77 23.44 0.19
CA LYS C 341 9.77 24.51 0.35
C LYS C 341 11.16 23.93 0.25
N PRO C 342 12.08 24.60 -0.47
CA PRO C 342 13.45 24.10 -0.62
C PRO C 342 14.15 23.79 0.71
N VAL C 343 14.89 22.69 0.71
CA VAL C 343 15.70 22.30 1.84
C VAL C 343 17.11 21.92 1.36
N ILE C 344 18.10 22.43 2.12
CA ILE C 344 19.52 22.24 1.83
C ILE C 344 20.15 21.36 2.93
N CYS C 345 20.88 20.32 2.52
CA CYS C 345 21.70 19.53 3.45
C CYS C 345 23.11 20.12 3.36
N ALA C 346 23.68 20.46 4.52
CA ALA C 346 24.98 21.14 4.60
C ALA C 346 25.92 20.54 5.63
N THR C 347 27.20 20.68 5.31
CA THR C 347 28.33 20.65 6.27
C THR C 347 28.96 19.26 6.41
N GLN C 348 30.26 19.22 6.09
CA GLN C 348 31.11 18.03 6.19
C GLN C 348 30.69 16.88 5.28
N MET C 349 29.97 17.17 4.20
CA MET C 349 29.51 16.07 3.33
C MET C 349 30.67 15.34 2.63
N LEU C 350 31.72 16.08 2.27
CA LEU C 350 32.95 15.54 1.68
C LEU C 350 34.21 16.08 2.37
N GLU C 351 34.15 16.15 3.70
CA GLU C 351 35.14 16.83 4.54
C GLU C 351 36.58 16.42 4.28
N SER C 352 36.83 15.12 4.09
CA SER C 352 38.19 14.62 3.86
C SER C 352 38.81 15.16 2.56
N MET C 353 37.97 15.64 1.65
CA MET C 353 38.45 16.15 0.40
C MET C 353 39.07 17.55 0.53
N ILE C 354 39.05 18.13 1.72
CA ILE C 354 39.84 19.35 1.95
C ILE C 354 41.32 19.03 1.73
N LYS C 355 41.73 17.86 2.21
CA LYS C 355 43.14 17.41 2.13
C LYS C 355 43.42 16.29 1.10
N LYS C 356 42.40 15.52 0.72
CA LYS C 356 42.57 14.33 -0.13
C LYS C 356 41.77 14.43 -1.42
N PRO C 357 42.24 13.78 -2.50
CA PRO C 357 41.62 13.88 -3.80
C PRO C 357 40.37 13.02 -3.99
N ARG C 358 40.06 12.18 -3.00
CA ARG C 358 38.88 11.34 -3.04
C ARG C 358 38.26 11.29 -1.65
N PRO C 359 36.93 11.04 -1.57
CA PRO C 359 36.22 11.04 -0.30
C PRO C 359 36.25 9.70 0.41
N THR C 360 35.86 9.69 1.68
CA THR C 360 35.71 8.41 2.40
C THR C 360 34.38 7.74 2.00
N ARG C 361 34.23 6.47 2.36
CA ARG C 361 32.97 5.76 2.04
C ARG C 361 31.77 6.34 2.82
N ALA C 362 32.01 6.80 4.03
CA ALA C 362 30.96 7.47 4.80
C ALA C 362 30.49 8.76 4.12
N GLU C 363 31.42 9.49 3.51
CA GLU C 363 31.09 10.71 2.81
C GLU C 363 30.28 10.41 1.54
N GLY C 364 30.71 9.41 0.76
CA GLY C 364 29.91 8.97 -0.43
C GLY C 364 28.48 8.63 -0.01
N SER C 365 28.36 7.84 1.05
CA SER C 365 27.09 7.47 1.61
C SER C 365 26.25 8.68 2.04
N ASP C 366 26.87 9.61 2.75
CA ASP C 366 26.15 10.80 3.22
C ASP C 366 25.50 11.60 2.09
N VAL C 367 26.28 11.85 1.04
CA VAL C 367 25.78 12.61 -0.11
C VAL C 367 24.59 11.85 -0.74
N ALA C 368 24.75 10.54 -0.97
CA ALA C 368 23.69 9.73 -1.57
C ALA C 368 22.42 9.76 -0.74
N ASN C 369 22.57 9.55 0.58
CA ASN C 369 21.41 9.52 1.46
C ASN C 369 20.72 10.85 1.66
N ALA C 370 21.47 11.96 1.57
CA ALA C 370 20.84 13.30 1.54
C ALA C 370 19.85 13.44 0.40
N VAL C 371 20.23 12.90 -0.77
CA VAL C 371 19.40 12.94 -1.96
C VAL C 371 18.22 11.98 -1.78
N LEU C 372 18.47 10.79 -1.27
CA LEU C 372 17.37 9.85 -1.02
C LEU C 372 16.37 10.36 0.02
N ASP C 373 16.86 11.11 1.03
CA ASP C 373 16.04 11.72 2.01
C ASP C 373 15.06 12.71 1.39
N GLY C 374 15.51 13.43 0.35
CA GLY C 374 14.68 14.43 -0.35
C GLY C 374 15.27 15.83 -0.44
N ALA C 375 16.56 16.01 -0.12
CA ALA C 375 17.15 17.34 -0.13
C ALA C 375 17.12 17.94 -1.53
N ASP C 376 16.69 19.20 -1.60
CA ASP C 376 16.69 19.91 -2.88
C ASP C 376 18.10 20.21 -3.34
N CYS C 377 18.94 20.60 -2.39
CA CYS C 377 20.34 20.97 -2.64
C CYS C 377 21.27 20.31 -1.61
N ILE C 378 22.53 20.18 -2.03
CA ILE C 378 23.62 19.75 -1.17
C ILE C 378 24.68 20.85 -1.23
N MET C 379 25.55 20.89 -0.22
CA MET C 379 26.47 22.03 -0.09
C MET C 379 27.87 21.56 0.25
N LEU C 380 28.83 22.42 -0.14
CA LEU C 380 30.25 22.24 0.13
C LEU C 380 30.73 23.53 0.79
N SER C 381 31.51 23.37 1.85
CA SER C 381 31.99 24.49 2.64
C SER C 381 33.53 24.65 2.48
N GLY C 382 34.31 24.19 3.45
CA GLY C 382 35.78 24.17 3.29
C GLY C 382 36.30 23.42 2.08
N GLU C 383 35.56 22.38 1.64
CA GLU C 383 35.95 21.60 0.50
C GLU C 383 36.17 22.48 -0.72
N THR C 384 35.35 23.52 -0.88
CA THR C 384 35.51 24.43 -2.02
C THR C 384 36.12 25.77 -1.64
N ALA C 385 35.97 26.20 -0.38
CA ALA C 385 36.42 27.54 0.00
C ALA C 385 37.94 27.62 0.17
N LYS C 386 38.50 26.57 0.77
CA LYS C 386 39.88 26.58 1.26
CA LYS C 386 39.90 26.60 1.20
C LYS C 386 40.68 25.33 0.91
N GLY C 387 40.02 24.25 0.51
CA GLY C 387 40.74 23.00 0.31
C GLY C 387 41.60 22.88 -0.94
N ASP C 388 42.31 21.77 -1.01
CA ASP C 388 43.23 21.47 -2.10
C ASP C 388 42.58 20.92 -3.33
N TYR C 389 41.32 20.51 -3.22
CA TYR C 389 40.64 19.78 -4.30
C TYR C 389 39.21 20.31 -4.54
N PRO C 390 39.05 21.63 -4.73
CA PRO C 390 37.71 22.18 -4.90
C PRO C 390 36.97 21.63 -6.10
N LEU C 391 37.63 21.53 -7.26
CA LEU C 391 36.93 21.04 -8.45
C LEU C 391 36.53 19.57 -8.28
N GLU C 392 37.43 18.78 -7.70
CA GLU C 392 37.17 17.35 -7.51
C GLU C 392 35.97 17.16 -6.57
N ALA C 393 35.86 18.03 -5.54
CA ALA C 393 34.74 17.92 -4.59
C ALA C 393 33.40 18.24 -5.29
N VAL C 394 33.38 19.26 -6.14
CA VAL C 394 32.16 19.57 -6.90
C VAL C 394 31.81 18.40 -7.84
N ARG C 395 32.81 17.91 -8.56
CA ARG C 395 32.61 16.79 -9.48
C ARG C 395 32.04 15.56 -8.75
N MET C 396 32.54 15.28 -7.55
CA MET C 396 32.08 14.10 -6.79
C MET C 396 30.62 14.22 -6.37
N GLN C 397 30.24 15.38 -5.85
CA GLN C 397 28.84 15.63 -5.51
C GLN C 397 27.97 15.44 -6.74
N HIS C 398 28.42 15.92 -7.89
CA HIS C 398 27.68 15.77 -9.13
C HIS C 398 27.43 14.27 -9.39
N LEU C 399 28.52 13.48 -9.42
CA LEU C 399 28.45 12.05 -9.73
C LEU C 399 27.57 11.30 -8.74
N ILE C 400 27.71 11.58 -7.43
CA ILE C 400 26.90 10.85 -6.44
C ILE C 400 25.42 11.23 -6.57
N ALA C 401 25.12 12.53 -6.68
CA ALA C 401 23.72 12.96 -6.73
C ALA C 401 22.99 12.31 -7.91
N ARG C 402 23.65 12.25 -9.05
CA ARG C 402 23.03 11.64 -10.23
C ARG C 402 22.68 10.14 -10.03
N GLU C 403 23.58 9.42 -9.37
CA GLU C 403 23.33 8.01 -9.07
C GLU C 403 22.20 7.86 -8.06
N ALA C 404 22.17 8.72 -7.04
CA ALA C 404 21.18 8.63 -6.00
C ALA C 404 19.80 8.97 -6.53
N GLU C 405 19.74 9.96 -7.43
CA GLU C 405 18.48 10.38 -8.01
C GLU C 405 17.83 9.20 -8.79
N ALA C 406 18.62 8.42 -9.49
CA ALA C 406 18.11 7.24 -10.19
C ALA C 406 17.57 6.18 -9.21
N ALA C 407 18.15 6.12 -8.01
CA ALA C 407 17.81 5.10 -6.98
C ALA C 407 16.61 5.44 -6.10
N ILE C 408 16.01 6.61 -6.30
CA ILE C 408 14.81 7.00 -5.60
C ILE C 408 13.66 6.05 -5.98
N TYR C 409 12.84 5.70 -5.01
CA TYR C 409 11.61 4.89 -5.24
C TYR C 409 10.44 5.82 -5.52
N HIS C 410 10.38 6.30 -6.77
CA HIS C 410 9.39 7.30 -7.17
C HIS C 410 7.95 6.78 -6.99
N LEU C 411 7.77 5.48 -7.20
CA LEU C 411 6.42 4.87 -7.09
C LEU C 411 5.78 5.25 -5.78
N GLN C 412 6.49 4.98 -4.67
CA GLN C 412 5.96 5.31 -3.36
C GLN C 412 6.03 6.80 -3.06
N LEU C 413 7.12 7.45 -3.48
CA LEU C 413 7.29 8.87 -3.21
C LEU C 413 6.15 9.69 -3.82
N PHE C 414 5.87 9.44 -5.08
CA PHE C 414 4.82 10.16 -5.78
C PHE C 414 3.44 9.87 -5.17
N GLU C 415 3.17 8.60 -4.83
CA GLU C 415 1.91 8.26 -4.17
C GLU C 415 1.71 9.04 -2.87
N GLU C 416 2.77 9.15 -2.06
CA GLU C 416 2.65 9.84 -0.77
C GLU C 416 2.50 11.37 -0.90
N LEU C 417 3.24 11.95 -1.84
CA LEU C 417 3.20 13.39 -2.10
C LEU C 417 1.80 13.82 -2.56
N ARG C 418 1.20 13.01 -3.41
CA ARG C 418 -0.19 13.23 -3.86
C ARG C 418 -1.19 13.08 -2.70
N ARG C 419 -1.06 12.00 -1.94
CA ARG C 419 -1.96 11.74 -0.81
C ARG C 419 -1.90 12.86 0.21
N LEU C 420 -0.70 13.34 0.48
CA LEU C 420 -0.47 14.29 1.57
C LEU C 420 -0.64 15.74 1.12
N ALA C 421 -0.59 15.97 -0.20
CA ALA C 421 -0.88 17.28 -0.79
C ALA C 421 -2.38 17.54 -0.73
N PRO C 422 -2.79 18.80 -0.43
CA PRO C 422 -4.20 19.19 -0.56
C PRO C 422 -4.71 19.20 -2.00
N ILE C 423 -5.90 18.61 -2.23
CA ILE C 423 -6.65 18.79 -3.47
C ILE C 423 -7.38 20.14 -3.40
N THR C 424 -7.16 21.01 -4.38
CA THR C 424 -7.74 22.35 -4.36
C THR C 424 -8.19 22.78 -5.75
N SER C 425 -8.91 23.90 -5.80
CA SER C 425 -9.45 24.42 -7.05
C SER C 425 -8.43 25.18 -7.91
N ASP C 426 -7.14 25.09 -7.56
CA ASP C 426 -6.07 25.78 -8.28
C ASP C 426 -5.70 25.03 -9.57
N PRO C 427 -6.02 25.60 -10.74
CA PRO C 427 -5.74 24.95 -12.04
C PRO C 427 -4.27 24.62 -12.33
N THR C 428 -3.34 25.44 -11.80
CA THR C 428 -1.91 25.24 -12.04
C THR C 428 -1.39 24.03 -11.26
N GLU C 429 -1.88 23.89 -10.03
CA GLU C 429 -1.57 22.71 -9.22
C GLU C 429 -2.03 21.44 -9.94
N ALA C 430 -3.25 21.44 -10.47
CA ALA C 430 -3.81 20.25 -11.18
C ALA C 430 -3.02 20.01 -12.47
N THR C 431 -2.65 21.08 -13.19
CA THR C 431 -1.85 20.88 -14.37
C THR C 431 -0.48 20.28 -14.03
N ALA C 432 0.10 20.73 -12.92
CA ALA C 432 1.41 20.27 -12.46
C ALA C 432 1.42 18.78 -12.14
N VAL C 433 0.45 18.34 -11.32
CA VAL C 433 0.41 16.93 -10.94
CA VAL C 433 0.33 16.91 -10.94
C VAL C 433 0.08 16.06 -12.17
N GLY C 434 -0.78 16.56 -13.05
CA GLY C 434 -1.05 15.91 -14.32
C GLY C 434 0.18 15.73 -15.18
N ALA C 435 1.03 16.77 -15.24
CA ALA C 435 2.25 16.72 -15.99
C ALA C 435 3.22 15.70 -15.45
N VAL C 436 3.36 15.65 -14.12
CA VAL C 436 4.21 14.64 -13.48
C VAL C 436 3.68 13.22 -13.75
N GLU C 437 2.37 13.00 -13.57
CA GLU C 437 1.78 11.70 -13.89
C GLU C 437 2.06 11.32 -15.34
N ALA C 438 1.84 12.26 -16.27
CA ALA C 438 2.07 11.96 -17.68
C ALA C 438 3.56 11.61 -17.92
N SER C 439 4.49 12.31 -17.23
CA SER C 439 5.92 12.05 -17.43
C SER C 439 6.32 10.65 -17.00
N PHE C 440 5.67 10.11 -15.98
CA PHE C 440 5.95 8.75 -15.53
C PHE C 440 5.40 7.76 -16.59
N LYS C 441 4.24 8.07 -17.15
CA LYS C 441 3.52 7.16 -18.06
C LYS C 441 4.28 6.94 -19.34
N CYS C 442 4.85 8.01 -19.92
CA CYS C 442 5.61 7.90 -21.16
C CYS C 442 7.11 7.98 -20.92
N CYS C 443 7.53 7.92 -19.65
CA CYS C 443 8.95 7.98 -19.27
C CYS C 443 9.65 9.13 -20.03
N SER C 444 9.10 10.34 -19.89
CA SER C 444 9.50 11.45 -20.74
C SER C 444 10.95 11.89 -20.48
N GLY C 445 11.56 12.48 -21.49
CA GLY C 445 12.95 12.95 -21.37
C GLY C 445 13.08 14.23 -20.57
N ALA C 446 11.97 14.94 -20.42
CA ALA C 446 11.91 16.20 -19.65
C ALA C 446 10.45 16.65 -19.48
N ILE C 447 10.22 17.52 -18.50
CA ILE C 447 9.04 18.36 -18.39
C ILE C 447 9.54 19.81 -18.63
N ILE C 448 9.16 20.38 -19.76
CA ILE C 448 9.53 21.76 -20.14
C ILE C 448 8.47 22.69 -19.65
N VAL C 449 8.85 23.74 -18.93
CA VAL C 449 7.89 24.59 -18.29
C VAL C 449 8.25 26.03 -18.62
N LEU C 450 7.37 26.74 -19.33
CA LEU C 450 7.61 28.17 -19.59
C LEU C 450 7.07 28.92 -18.41
N THR C 451 7.93 29.72 -17.76
CA THR C 451 7.56 30.38 -16.51
C THR C 451 8.25 31.75 -16.33
N LYS C 452 7.47 32.74 -15.93
CA LYS C 452 7.99 34.07 -15.64
C LYS C 452 8.53 34.18 -14.20
N SER C 453 7.72 33.75 -13.23
CA SER C 453 8.06 33.86 -11.79
C SER C 453 8.75 32.62 -11.21
N GLY C 454 8.77 31.53 -11.98
CA GLY C 454 9.25 30.22 -11.53
C GLY C 454 8.17 29.36 -10.89
N ARG C 455 7.05 29.95 -10.47
CA ARG C 455 6.06 29.22 -9.65
C ARG C 455 5.61 27.90 -10.30
N SER C 456 5.30 27.93 -11.60
CA SER C 456 4.83 26.73 -12.27
C SER C 456 5.85 25.61 -12.19
N ALA C 457 7.12 25.95 -12.35
CA ALA C 457 8.18 24.96 -12.28
C ALA C 457 8.33 24.45 -10.83
N HIS C 458 8.18 25.33 -9.86
CA HIS C 458 8.30 24.94 -8.44
C HIS C 458 7.20 23.93 -8.11
N GLN C 459 6.01 24.22 -8.63
CA GLN C 459 4.83 23.35 -8.40
C GLN C 459 5.02 21.97 -8.98
N VAL C 460 5.70 21.86 -10.12
CA VAL C 460 6.04 20.56 -10.72
C VAL C 460 7.11 19.82 -9.87
N ALA C 461 8.09 20.59 -9.40
CA ALA C 461 9.19 20.04 -8.64
C ALA C 461 8.73 19.40 -7.35
N ARG C 462 7.72 19.97 -6.72
CA ARG C 462 7.27 19.44 -5.44
C ARG C 462 6.72 18.01 -5.53
N TYR C 463 6.36 17.55 -6.71
CA TYR C 463 5.88 16.16 -6.90
C TYR C 463 6.96 15.18 -7.30
N ARG C 464 8.19 15.69 -7.38
CA ARG C 464 9.36 14.86 -7.58
C ARG C 464 9.32 13.93 -8.78
N PRO C 465 9.11 14.50 -9.98
CA PRO C 465 9.26 13.68 -11.16
C PRO C 465 10.69 13.14 -11.37
N ARG C 466 10.82 12.02 -12.07
CA ARG C 466 12.14 11.51 -12.46
CA ARG C 466 12.11 11.50 -12.47
C ARG C 466 12.74 12.38 -13.57
N ALA C 467 11.89 12.79 -14.51
CA ALA C 467 12.34 13.62 -15.63
C ALA C 467 12.80 15.00 -15.13
N PRO C 468 13.90 15.49 -15.72
CA PRO C 468 14.34 16.85 -15.45
C PRO C 468 13.30 17.88 -15.90
N ILE C 469 13.23 18.98 -15.14
CA ILE C 469 12.30 20.07 -15.38
C ILE C 469 13.11 21.20 -15.99
N ILE C 470 12.98 21.39 -17.30
CA ILE C 470 13.67 22.51 -17.98
C ILE C 470 12.75 23.73 -17.87
N ALA C 471 13.14 24.69 -17.05
CA ALA C 471 12.33 25.86 -16.79
C ALA C 471 12.87 26.92 -17.68
N VAL C 472 12.07 27.32 -18.69
CA VAL C 472 12.44 28.40 -19.62
C VAL C 472 11.82 29.71 -19.13
N THR C 473 12.69 30.69 -18.89
CA THR C 473 12.28 32.00 -18.38
C THR C 473 13.12 33.10 -19.06
N ARG C 474 12.50 34.27 -19.24
CA ARG C 474 13.21 35.48 -19.60
C ARG C 474 13.67 36.29 -18.38
N ASN C 475 13.29 35.88 -17.17
CA ASN C 475 13.57 36.65 -15.94
C ASN C 475 14.84 36.10 -15.29
N PRO C 476 15.93 36.89 -15.28
CA PRO C 476 17.23 36.37 -14.79
C PRO C 476 17.21 35.88 -13.33
N GLN C 477 16.50 36.59 -12.47
CA GLN C 477 16.43 36.22 -11.06
C GLN C 477 15.64 34.94 -10.90
N THR C 478 14.56 34.80 -11.66
CA THR C 478 13.85 33.50 -11.70
C THR C 478 14.81 32.34 -12.02
N ALA C 479 15.55 32.48 -13.11
CA ALA C 479 16.48 31.45 -13.53
C ALA C 479 17.48 31.12 -12.43
N ARG C 480 17.98 32.14 -11.71
CA ARG C 480 18.97 31.88 -10.67
C ARG C 480 18.39 31.21 -9.45
N GLN C 481 17.23 31.68 -9.00
CA GLN C 481 16.59 31.19 -7.79
C GLN C 481 16.03 29.79 -8.00
N ALA C 482 15.83 29.40 -9.27
CA ALA C 482 15.26 28.07 -9.56
C ALA C 482 16.13 26.92 -9.12
N HIS C 483 17.43 27.17 -8.95
CA HIS C 483 18.35 26.15 -8.48
C HIS C 483 18.03 25.60 -7.09
N LEU C 484 17.20 26.31 -6.33
CA LEU C 484 16.81 25.90 -4.97
C LEU C 484 15.87 24.66 -4.98
N TYR C 485 15.28 24.36 -6.13
CA TYR C 485 14.29 23.28 -6.28
C TYR C 485 14.84 22.05 -6.98
N ARG C 486 14.79 20.87 -6.32
CA ARG C 486 15.13 19.64 -6.94
C ARG C 486 14.50 19.50 -8.32
N GLY C 487 15.35 19.14 -9.28
CA GLY C 487 14.90 18.82 -10.64
C GLY C 487 14.84 19.99 -11.59
N ILE C 488 14.84 21.22 -11.10
CA ILE C 488 14.74 22.38 -12.06
C ILE C 488 16.12 22.61 -12.67
N PHE C 489 16.17 22.51 -14.01
CA PHE C 489 17.29 22.95 -14.83
C PHE C 489 16.88 24.28 -15.50
N PRO C 490 17.28 25.45 -14.93
CA PRO C 490 16.82 26.71 -15.47
C PRO C 490 17.58 27.16 -16.72
N VAL C 491 16.84 27.65 -17.71
CA VAL C 491 17.48 28.19 -18.92
C VAL C 491 16.91 29.58 -19.15
N LEU C 492 17.80 30.52 -19.45
CA LEU C 492 17.41 31.91 -19.61
C LEU C 492 17.33 32.28 -21.09
N CYS C 493 16.11 32.62 -21.51
CA CYS C 493 15.86 33.00 -22.89
C CYS C 493 16.10 34.50 -23.02
N LYS C 494 16.96 34.85 -23.98
CA LYS C 494 17.33 36.25 -24.22
C LYS C 494 16.68 36.82 -25.48
N ASP C 495 16.00 35.98 -26.28
CA ASP C 495 15.36 36.42 -27.54
C ASP C 495 14.24 37.43 -27.25
N PRO C 496 14.05 38.41 -28.16
CA PRO C 496 12.93 39.31 -27.93
C PRO C 496 11.61 38.60 -28.04
N VAL C 497 10.57 39.20 -27.46
CA VAL C 497 9.25 38.62 -27.50
C VAL C 497 8.71 38.75 -28.93
N GLN C 498 8.31 37.61 -29.49
CA GLN C 498 7.83 37.57 -30.87
C GLN C 498 6.44 38.18 -30.97
N GLU C 499 6.08 38.63 -32.18
CA GLU C 499 4.80 39.28 -32.40
C GLU C 499 3.63 38.34 -32.12
N ALA C 500 3.65 37.16 -32.71
CA ALA C 500 2.57 36.20 -32.52
C ALA C 500 2.90 35.36 -31.31
N TRP C 501 1.93 35.22 -30.43
CA TRP C 501 2.14 34.50 -29.16
C TRP C 501 2.47 33.01 -29.36
N ALA C 502 1.79 32.35 -30.28
CA ALA C 502 2.13 30.95 -30.62
C ALA C 502 3.58 30.80 -31.10
N GLU C 503 4.09 31.77 -31.84
CA GLU C 503 5.44 31.72 -32.33
C GLU C 503 6.45 31.96 -31.21
N ASP C 504 6.07 32.80 -30.25
CA ASP C 504 6.93 33.11 -29.10
C ASP C 504 7.01 31.91 -28.15
N VAL C 505 5.89 31.21 -27.96
CA VAL C 505 5.87 29.93 -27.25
C VAL C 505 6.76 28.90 -27.95
N ASP C 506 6.59 28.75 -29.26
CA ASP C 506 7.36 27.77 -29.99
C ASP C 506 8.86 28.08 -29.93
N LEU C 507 9.20 29.35 -29.97
CA LEU C 507 10.57 29.79 -29.86
C LEU C 507 11.16 29.31 -28.54
N ARG C 508 10.42 29.48 -27.46
CA ARG C 508 10.91 29.11 -26.13
C ARG C 508 10.95 27.60 -25.92
N VAL C 509 9.92 26.91 -26.40
CA VAL C 509 9.94 25.44 -26.34
C VAL C 509 11.10 24.87 -27.16
N ASN C 510 11.32 25.37 -28.39
CA ASN C 510 12.41 24.86 -29.19
C ASN C 510 13.79 25.14 -28.59
N PHE C 511 13.89 26.25 -27.86
CA PHE C 511 15.10 26.61 -27.11
C PHE C 511 15.35 25.51 -26.06
N ALA C 512 14.33 25.15 -25.29
CA ALA C 512 14.45 24.04 -24.32
C ALA C 512 14.83 22.73 -25.03
N MET C 513 14.26 22.49 -26.19
CA MET C 513 14.59 21.29 -26.97
C MET C 513 16.08 21.28 -27.34
N ASN C 514 16.60 22.43 -27.77
CA ASN C 514 17.99 22.51 -28.20
C ASN C 514 18.94 22.35 -27.02
N VAL C 515 18.58 22.91 -25.87
CA VAL C 515 19.38 22.74 -24.64
C VAL C 515 19.40 21.26 -24.25
N GLY C 516 18.23 20.63 -24.18
CA GLY C 516 18.11 19.23 -23.77
C GLY C 516 18.91 18.30 -24.66
N LYS C 517 18.87 18.54 -25.97
CA LYS C 517 19.66 17.75 -26.92
C LYS C 517 21.18 17.99 -26.77
N ALA C 518 21.59 19.24 -26.57
CA ALA C 518 23.01 19.57 -26.41
C ALA C 518 23.57 18.99 -25.11
N ARG C 519 22.75 18.92 -24.06
CA ARG C 519 23.18 18.39 -22.77
C ARG C 519 23.03 16.87 -22.65
N GLY C 520 22.49 16.22 -23.68
CA GLY C 520 22.29 14.80 -23.68
C GLY C 520 21.13 14.30 -22.85
N PHE C 521 20.18 15.18 -22.53
CA PHE C 521 19.00 14.78 -21.76
C PHE C 521 18.05 13.92 -22.58
N PHE C 522 18.04 14.17 -23.89
CA PHE C 522 17.16 13.47 -24.81
C PHE C 522 17.60 13.72 -26.26
N LYS C 523 16.92 13.07 -27.20
CA LYS C 523 17.28 13.15 -28.61
C LYS C 523 16.02 13.13 -29.48
N LYS C 524 16.22 13.44 -30.75
CA LYS C 524 15.16 13.43 -31.76
C LYS C 524 14.32 12.18 -31.64
N GLY C 525 12.99 12.35 -31.56
CA GLY C 525 12.09 11.19 -31.51
C GLY C 525 11.68 10.76 -30.11
N ASP C 526 12.37 11.25 -29.07
CA ASP C 526 11.91 11.04 -27.68
C ASP C 526 10.63 11.84 -27.43
N VAL C 527 9.94 11.55 -26.35
CA VAL C 527 8.74 12.31 -25.97
C VAL C 527 9.00 13.19 -24.73
N VAL C 528 8.53 14.44 -24.79
CA VAL C 528 8.64 15.39 -23.65
C VAL C 528 7.27 15.98 -23.31
N ILE C 529 7.11 16.40 -22.07
CA ILE C 529 5.95 17.10 -21.62
C ILE C 529 6.24 18.61 -21.64
N VAL C 530 5.28 19.39 -22.13
CA VAL C 530 5.44 20.85 -22.25
C VAL C 530 4.29 21.53 -21.56
N LEU C 531 4.63 22.45 -20.64
CA LEU C 531 3.66 23.20 -19.90
C LEU C 531 3.77 24.67 -20.28
N THR C 532 2.63 25.24 -20.68
CA THR C 532 2.55 26.63 -21.09
C THR C 532 1.18 27.14 -20.62
N GLY C 533 0.89 28.42 -20.88
CA GLY C 533 -0.47 28.93 -20.78
C GLY C 533 -1.18 28.57 -22.08
N TRP C 534 -2.50 28.71 -22.13
CA TRP C 534 -3.28 28.42 -23.37
C TRP C 534 -3.41 29.65 -24.27
N ARG C 535 -3.63 30.81 -23.64
CA ARG C 535 -3.68 32.09 -24.32
C ARG C 535 -2.75 33.06 -23.58
N PRO C 536 -2.39 34.21 -24.21
CA PRO C 536 -1.40 35.18 -23.68
C PRO C 536 -1.55 35.57 -22.21
N PHE C 540 -0.96 32.15 -15.68
CA PHE C 540 -1.82 30.97 -15.56
C PHE C 540 -1.34 29.79 -16.45
N THR C 541 -0.47 28.94 -15.91
CA THR C 541 0.02 27.76 -16.64
C THR C 541 -1.02 26.67 -16.52
N ASN C 542 -1.72 26.39 -17.61
CA ASN C 542 -2.83 25.43 -17.55
C ASN C 542 -2.90 24.48 -18.73
N THR C 543 -1.86 24.42 -19.55
CA THR C 543 -1.84 23.64 -20.79
C THR C 543 -0.67 22.68 -20.81
N MET C 544 -0.97 21.39 -20.90
CA MET C 544 0.04 20.36 -20.96
C MET C 544 -0.01 19.68 -22.31
N ARG C 545 1.10 19.70 -23.02
CA ARG C 545 1.21 18.97 -24.30
C ARG C 545 2.26 17.89 -24.25
N VAL C 546 1.93 16.77 -24.90
CA VAL C 546 2.85 15.68 -25.05
C VAL C 546 3.35 15.75 -26.46
N VAL C 547 4.64 16.06 -26.60
CA VAL C 547 5.21 16.37 -27.90
C VAL C 547 6.52 15.62 -28.14
N PRO C 548 6.78 15.26 -29.41
CA PRO C 548 8.05 14.61 -29.72
C PRO C 548 9.18 15.60 -29.90
N VAL C 549 10.40 15.16 -29.60
CA VAL C 549 11.57 15.99 -29.75
C VAL C 549 11.91 16.04 -31.24
N PRO C 550 11.98 17.25 -31.83
CA PRO C 550 12.33 17.35 -33.25
C PRO C 550 13.83 17.26 -33.52
N GLN D 33 5.47 9.31 23.25
CA GLN D 33 6.71 10.10 23.56
C GLN D 33 8.00 9.30 23.23
N THR D 34 8.31 8.23 23.97
CA THR D 34 9.64 7.58 23.82
C THR D 34 9.76 6.74 22.56
N GLN D 35 11.01 6.36 22.23
CA GLN D 35 11.36 5.44 21.13
C GLN D 35 10.72 5.74 19.74
N GLN D 36 10.49 7.03 19.46
CA GLN D 36 9.86 7.44 18.21
C GLN D 36 8.53 6.74 17.93
N LEU D 37 7.76 6.49 18.99
CA LEU D 37 6.48 5.80 18.81
C LEU D 37 5.42 6.68 18.12
N HIS D 38 5.55 8.01 18.18
CA HIS D 38 4.68 8.89 17.36
C HIS D 38 4.97 8.65 15.87
N ALA D 39 6.25 8.67 15.51
CA ALA D 39 6.66 8.40 14.15
C ALA D 39 6.26 6.97 13.71
N ALA D 40 6.33 6.02 14.66
CA ALA D 40 5.97 4.62 14.37
C ALA D 40 4.54 4.46 13.83
N MET D 41 3.64 5.35 14.27
CA MET D 41 2.19 5.28 13.97
C MET D 41 1.78 5.95 12.66
N ALA D 42 2.72 6.62 12.00
CA ALA D 42 2.41 7.29 10.74
C ALA D 42 1.97 6.33 9.65
N ASP D 43 0.97 6.75 8.86
CA ASP D 43 0.41 5.95 7.78
C ASP D 43 1.23 6.01 6.50
N THR D 44 2.18 6.94 6.42
CA THR D 44 3.07 7.03 5.28
C THR D 44 4.51 7.15 5.77
N PHE D 45 5.46 6.78 4.90
CA PHE D 45 6.90 6.98 5.20
C PHE D 45 7.21 8.49 5.35
N LEU D 46 6.69 9.31 4.45
CA LEU D 46 6.92 10.75 4.54
C LEU D 46 6.48 11.31 5.88
N GLU D 47 5.28 10.96 6.35
CA GLU D 47 4.86 11.43 7.65
C GLU D 47 5.68 10.82 8.79
N HIS D 48 6.12 9.57 8.63
CA HIS D 48 7.06 8.96 9.58
C HIS D 48 8.31 9.83 9.74
N MET D 49 8.91 10.23 8.62
CA MET D 49 10.09 11.17 8.65
C MET D 49 9.75 12.48 9.39
N CYS D 50 8.60 13.08 9.03
CA CYS D 50 8.16 14.34 9.65
C CYS D 50 8.01 14.31 11.16
N ARG D 51 7.75 13.11 11.73
CA ARG D 51 7.52 12.97 13.14
C ARG D 51 8.77 12.56 13.94
N LEU D 52 9.86 12.23 13.27
CA LEU D 52 11.12 11.88 13.95
C LEU D 52 11.51 13.03 14.88
N ASP D 53 11.76 12.69 16.13
CA ASP D 53 11.82 13.67 17.20
C ASP D 53 13.09 13.50 18.02
N ILE D 54 13.98 14.50 17.96
CA ILE D 54 15.23 14.44 18.70
C ILE D 54 15.01 14.43 20.23
N ASP D 55 13.79 14.77 20.67
CA ASP D 55 13.44 14.75 22.10
C ASP D 55 12.60 13.54 22.51
N SER D 56 12.51 12.56 21.61
CA SER D 56 11.94 11.25 21.93
C SER D 56 13.11 10.28 22.22
N PRO D 57 13.41 10.03 23.51
CA PRO D 57 14.56 9.16 23.85
C PRO D 57 14.36 7.70 23.50
N PRO D 58 15.43 7.00 23.07
CA PRO D 58 15.27 5.58 22.78
C PRO D 58 15.22 4.72 24.04
N ILE D 59 14.87 3.44 23.86
CA ILE D 59 14.99 2.40 24.90
C ILE D 59 16.46 2.12 25.22
N THR D 60 16.70 1.30 26.24
CA THR D 60 18.07 0.89 26.62
C THR D 60 18.69 -0.01 25.60
N ALA D 61 17.91 -0.98 25.10
CA ALA D 61 18.44 -2.04 24.24
C ALA D 61 18.96 -1.49 22.91
N ARG D 62 20.16 -1.92 22.53
CA ARG D 62 20.74 -1.60 21.24
C ARG D 62 20.90 -2.90 20.48
N ASN D 63 20.23 -3.00 19.34
CA ASN D 63 20.04 -4.24 18.57
C ASN D 63 21.17 -4.60 17.58
N THR D 64 21.85 -3.58 17.06
CA THR D 64 22.85 -3.77 16.03
C THR D 64 24.20 -4.16 16.63
N GLY D 65 24.75 -5.28 16.19
CA GLY D 65 26.04 -5.72 16.69
C GLY D 65 27.17 -4.79 16.24
N ILE D 66 28.17 -4.61 17.11
CA ILE D 66 29.33 -3.78 16.83
C ILE D 66 30.54 -4.66 16.83
N ILE D 67 31.22 -4.68 15.68
CA ILE D 67 32.42 -5.44 15.46
C ILE D 67 33.61 -4.49 15.53
N CYS D 68 34.57 -4.78 16.41
CA CYS D 68 35.73 -3.89 16.63
C CYS D 68 37.02 -4.60 16.25
N THR D 69 37.78 -3.99 15.35
CA THR D 69 39.10 -4.49 14.99
C THR D 69 40.09 -4.21 16.13
N ILE D 70 40.75 -5.27 16.59
CA ILE D 70 41.66 -5.15 17.70
C ILE D 70 43.12 -5.01 17.20
N GLY D 71 43.84 -4.08 17.82
CA GLY D 71 45.24 -3.83 17.48
C GLY D 71 45.94 -3.10 18.61
N PRO D 72 47.01 -2.36 18.28
CA PRO D 72 47.81 -1.69 19.31
C PRO D 72 47.02 -0.78 20.25
N ALA D 73 46.00 -0.07 19.74
CA ALA D 73 45.21 0.82 20.61
C ALA D 73 44.26 0.11 21.58
N SER D 74 43.96 -1.16 21.33
CA SER D 74 42.82 -1.83 22.00
C SER D 74 43.04 -3.26 22.50
N ARG D 75 44.31 -3.68 22.53
N ARG D 75 44.28 -3.77 22.47
CA ARG D 75 44.73 -5.07 22.68
CA ARG D 75 44.51 -5.20 22.74
C ARG D 75 44.98 -5.46 24.14
C ARG D 75 44.95 -5.50 24.17
N SER D 76 45.15 -4.47 24.98
CA SER D 76 45.42 -4.69 26.41
C SER D 76 44.17 -5.24 27.11
N VAL D 77 44.36 -6.07 28.12
CA VAL D 77 43.23 -6.64 28.85
C VAL D 77 42.39 -5.50 29.44
N GLU D 78 43.07 -4.48 29.96
CA GLU D 78 42.36 -3.38 30.61
C GLU D 78 41.53 -2.57 29.61
N THR D 79 42.08 -2.29 28.43
CA THR D 79 41.31 -1.56 27.41
C THR D 79 40.16 -2.44 26.87
N LEU D 80 40.44 -3.73 26.64
CA LEU D 80 39.39 -4.68 26.21
C LEU D 80 38.19 -4.73 27.17
N LYS D 81 38.43 -4.63 28.49
CA LYS D 81 37.31 -4.57 29.44
C LYS D 81 36.43 -3.33 29.19
N GLU D 82 37.06 -2.18 28.98
CA GLU D 82 36.30 -0.98 28.63
C GLU D 82 35.64 -1.07 27.24
N MET D 83 36.28 -1.76 26.31
CA MET D 83 35.70 -1.95 24.97
C MET D 83 34.37 -2.71 25.10
N ILE D 84 34.37 -3.76 25.93
CA ILE D 84 33.18 -4.54 26.20
C ILE D 84 32.12 -3.70 26.88
N LYS D 85 32.53 -2.93 27.88
CA LYS D 85 31.61 -2.02 28.60
C LYS D 85 31.03 -0.96 27.68
N SER D 86 31.83 -0.48 26.73
CA SER D 86 31.40 0.54 25.76
C SER D 86 30.48 -0.01 24.66
N GLY D 87 30.42 -1.34 24.49
CA GLY D 87 29.49 -1.96 23.51
C GLY D 87 30.02 -2.98 22.50
N MET D 88 31.32 -3.29 22.52
CA MET D 88 31.88 -4.26 21.57
C MET D 88 31.22 -5.63 21.75
N ASN D 89 30.74 -6.21 20.66
CA ASN D 89 30.16 -7.55 20.67
C ASN D 89 31.08 -8.59 20.00
N VAL D 90 31.90 -8.18 19.03
CA VAL D 90 32.74 -9.07 18.25
C VAL D 90 34.13 -8.40 18.16
N ALA D 91 35.17 -9.13 18.56
CA ALA D 91 36.53 -8.73 18.37
C ALA D 91 37.05 -9.30 17.05
N ARG D 92 37.38 -8.41 16.12
CA ARG D 92 37.89 -8.79 14.82
C ARG D 92 39.43 -8.70 14.80
N LEU D 93 40.05 -9.78 14.33
CA LEU D 93 41.50 -9.86 14.15
C LEU D 93 41.83 -9.91 12.65
N ASN D 94 42.58 -8.91 12.20
CA ASN D 94 42.93 -8.77 10.80
C ASN D 94 44.26 -9.47 10.56
N PHE D 95 44.19 -10.60 9.87
CA PHE D 95 45.38 -11.40 9.61
C PHE D 95 46.17 -10.94 8.37
N SER D 96 45.83 -9.77 7.80
CA SER D 96 46.66 -9.18 6.74
C SER D 96 48.05 -8.89 7.31
N HIS D 97 48.13 -8.65 8.62
CA HIS D 97 49.39 -8.41 9.31
C HIS D 97 49.41 -9.20 10.61
N GLY D 98 50.60 -9.45 11.15
CA GLY D 98 50.74 -10.06 12.48
C GLY D 98 50.99 -11.55 12.45
N THR D 99 51.83 -12.02 13.36
CA THR D 99 52.19 -13.43 13.45
C THR D 99 51.10 -14.17 14.18
N HIS D 100 51.09 -15.49 14.09
CA HIS D 100 50.17 -16.31 14.89
C HIS D 100 50.37 -16.12 16.38
N GLU D 101 51.61 -15.98 16.85
CA GLU D 101 51.85 -15.78 18.28
C GLU D 101 51.25 -14.43 18.76
N TYR D 102 51.35 -13.43 17.89
CA TYR D 102 50.80 -12.11 18.17
C TYR D 102 49.28 -12.21 18.33
N HIS D 103 48.62 -12.84 17.37
CA HIS D 103 47.16 -12.95 17.38
C HIS D 103 46.68 -13.86 18.49
N ALA D 104 47.44 -14.92 18.77
CA ALA D 104 47.11 -15.79 19.89
C ALA D 104 47.05 -15.02 21.19
N GLU D 105 48.02 -14.11 21.40
CA GLU D 105 48.04 -13.25 22.61
C GLU D 105 46.84 -12.27 22.63
N THR D 106 46.51 -11.70 21.49
CA THR D 106 45.30 -10.84 21.41
C THR D 106 44.02 -11.61 21.81
N ILE D 107 43.86 -12.80 21.23
CA ILE D 107 42.72 -13.66 21.54
C ILE D 107 42.72 -13.96 23.04
N LYS D 108 43.88 -14.30 23.59
CA LYS D 108 43.98 -14.59 25.01
C LYS D 108 43.53 -13.40 25.86
N ASN D 109 43.97 -12.19 25.51
CA ASN D 109 43.54 -11.00 26.25
C ASN D 109 42.03 -10.76 26.09
N VAL D 110 41.48 -11.06 24.92
CA VAL D 110 40.02 -10.87 24.68
C VAL D 110 39.26 -11.73 25.65
N ARG D 111 39.68 -12.99 25.74
CA ARG D 111 39.03 -13.96 26.60
C ARG D 111 39.26 -13.63 28.08
N THR D 112 40.44 -13.12 28.44
CA THR D 112 40.67 -12.67 29.81
C THR D 112 39.71 -11.53 30.17
N ALA D 113 39.62 -10.53 29.30
CA ALA D 113 38.72 -9.41 29.55
C ALA D 113 37.24 -9.87 29.63
N THR D 114 36.84 -10.72 28.71
CA THR D 114 35.45 -11.21 28.61
C THR D 114 35.05 -12.02 29.82
N GLU D 115 35.92 -12.95 30.22
CA GLU D 115 35.62 -13.77 31.40
C GLU D 115 35.77 -13.07 32.76
N SER D 116 36.32 -11.86 32.81
CA SER D 116 36.33 -11.06 34.06
C SER D 116 34.92 -10.66 34.54
N PHE D 117 33.95 -10.73 33.63
CA PHE D 117 32.54 -10.50 33.95
C PHE D 117 31.71 -11.79 34.17
N ALA D 118 32.35 -12.96 34.09
CA ALA D 118 31.63 -14.25 34.11
C ALA D 118 30.97 -14.61 35.46
N SER D 119 31.41 -13.99 36.54
CA SER D 119 30.95 -14.38 37.88
C SER D 119 29.45 -14.17 38.04
N ASP D 120 28.93 -13.11 37.40
CA ASP D 120 27.50 -12.84 37.35
C ASP D 120 26.98 -13.17 35.97
N PRO D 121 26.38 -14.36 35.80
CA PRO D 121 25.85 -14.78 34.50
C PRO D 121 24.69 -13.92 34.00
N ILE D 122 24.01 -13.25 34.91
CA ILE D 122 22.90 -12.34 34.56
C ILE D 122 23.44 -11.16 33.74
N LEU D 123 24.58 -10.63 34.16
CA LEU D 123 25.18 -9.46 33.51
C LEU D 123 26.26 -9.77 32.49
N TYR D 124 26.77 -10.99 32.46
CA TYR D 124 27.79 -11.42 31.51
C TYR D 124 27.35 -11.22 30.08
N ARG D 125 28.19 -10.56 29.30
CA ARG D 125 27.97 -10.41 27.86
C ARG D 125 28.93 -11.28 27.06
N PRO D 126 28.42 -12.24 26.28
CA PRO D 126 29.30 -13.00 25.40
C PRO D 126 30.02 -12.06 24.42
N VAL D 127 31.26 -12.39 24.09
CA VAL D 127 32.02 -11.65 23.06
C VAL D 127 32.57 -12.62 22.05
N ALA D 128 32.23 -12.43 20.77
CA ALA D 128 32.72 -13.29 19.71
C ALA D 128 34.13 -12.91 19.21
N VAL D 129 34.79 -13.90 18.60
CA VAL D 129 36.11 -13.72 17.98
C VAL D 129 36.01 -14.02 16.51
N ALA D 130 36.40 -13.04 15.69
CA ALA D 130 36.37 -13.16 14.24
C ALA D 130 37.77 -13.09 13.64
N LEU D 131 38.04 -13.98 12.70
CA LEU D 131 39.31 -14.02 11.97
C LEU D 131 39.06 -13.53 10.55
N ASP D 132 39.73 -12.44 10.18
CA ASP D 132 39.56 -11.79 8.89
C ASP D 132 40.82 -12.08 8.06
N THR D 133 40.63 -12.80 6.97
CA THR D 133 41.77 -13.32 6.22
C THR D 133 42.47 -12.24 5.36
N LYS D 134 43.76 -12.45 5.12
CA LYS D 134 44.49 -11.59 4.18
C LYS D 134 43.92 -11.73 2.76
N GLY D 135 43.72 -12.97 2.33
CA GLY D 135 43.13 -13.24 1.03
C GLY D 135 44.12 -13.11 -0.13
N PRO D 136 43.65 -13.38 -1.35
CA PRO D 136 44.48 -13.20 -2.53
C PRO D 136 44.86 -11.72 -2.76
N GLU D 137 46.09 -11.50 -3.23
CA GLU D 137 46.61 -10.17 -3.48
C GLU D 137 47.44 -10.13 -4.75
N ILE D 138 47.40 -8.98 -5.42
CA ILE D 138 48.37 -8.67 -6.49
C ILE D 138 49.27 -7.57 -5.97
N ARG D 139 50.58 -7.77 -6.08
CA ARG D 139 51.56 -6.80 -5.61
C ARG D 139 52.57 -6.46 -6.70
N THR D 140 53.07 -5.22 -6.66
CA THR D 140 54.18 -4.78 -7.50
C THR D 140 55.50 -5.08 -6.79
N GLY D 141 56.61 -5.06 -7.56
CA GLY D 141 57.95 -5.33 -7.01
C GLY D 141 58.61 -4.13 -6.36
N LEU D 142 59.93 -4.20 -6.17
CA LEU D 142 60.69 -3.10 -5.55
C LEU D 142 61.22 -2.10 -6.62
N ILE D 143 61.10 -0.80 -6.31
CA ILE D 143 61.48 0.27 -7.22
C ILE D 143 62.99 0.31 -7.36
N VAL D 151 59.47 6.98 -7.58
CA VAL D 151 59.41 7.45 -8.97
C VAL D 151 58.03 8.06 -9.33
N GLU D 152 58.03 9.00 -10.27
CA GLU D 152 56.81 9.72 -10.62
C GLU D 152 56.26 9.21 -11.94
N LEU D 153 55.05 8.65 -11.89
CA LEU D 153 54.32 8.27 -13.10
C LEU D 153 53.52 9.48 -13.58
N LYS D 154 53.78 9.90 -14.81
CA LYS D 154 53.13 11.07 -15.40
C LYS D 154 51.95 10.63 -16.26
N LYS D 155 50.84 11.34 -16.15
CA LYS D 155 49.68 11.12 -17.02
C LYS D 155 50.12 11.21 -18.48
N GLY D 156 49.64 10.27 -19.29
CA GLY D 156 49.97 10.22 -20.72
C GLY D 156 51.16 9.35 -21.06
N ALA D 157 52.04 9.08 -20.08
CA ALA D 157 53.23 8.26 -20.31
C ALA D 157 52.85 6.79 -20.50
N THR D 158 53.74 6.02 -21.11
CA THR D 158 53.51 4.59 -21.32
C THR D 158 54.36 3.82 -20.33
N LEU D 159 53.79 2.71 -19.83
CA LEU D 159 54.44 1.88 -18.83
C LEU D 159 54.20 0.43 -19.25
N LYS D 160 55.28 -0.34 -19.35
CA LYS D 160 55.15 -1.77 -19.59
C LYS D 160 55.03 -2.47 -18.25
N ILE D 161 54.02 -3.35 -18.15
CA ILE D 161 53.89 -4.28 -17.04
C ILE D 161 54.52 -5.59 -17.48
N THR D 162 55.55 -6.04 -16.75
CA THR D 162 56.26 -7.30 -17.05
C THR D 162 55.99 -8.36 -15.98
N LEU D 163 55.81 -9.60 -16.42
CA LEU D 163 55.72 -10.76 -15.54
C LEU D 163 57.10 -11.46 -15.44
N ASP D 164 58.10 -10.93 -16.14
CA ASP D 164 59.47 -11.49 -16.15
C ASP D 164 60.21 -11.24 -14.83
N ASN D 165 60.39 -12.31 -14.04
CA ASN D 165 60.97 -12.23 -12.69
C ASN D 165 62.32 -11.48 -12.60
N ALA D 166 62.95 -11.28 -13.76
CA ALA D 166 64.17 -10.48 -13.89
C ALA D 166 64.06 -9.03 -13.36
N TYR D 167 62.85 -8.45 -13.40
CA TYR D 167 62.65 -7.03 -13.01
C TYR D 167 61.97 -6.84 -11.64
N MET D 168 61.94 -7.88 -10.81
CA MET D 168 61.15 -7.84 -9.59
C MET D 168 61.69 -6.87 -8.53
N GLU D 169 63.01 -6.77 -8.41
CA GLU D 169 63.61 -5.76 -7.53
C GLU D 169 64.07 -4.50 -8.31
N LYS D 170 63.70 -4.42 -9.59
CA LYS D 170 64.13 -3.33 -10.50
C LYS D 170 62.95 -2.65 -11.22
N CYS D 171 61.98 -2.15 -10.46
CA CYS D 171 60.79 -1.45 -11.02
C CYS D 171 61.07 0.04 -11.17
N ASP D 172 60.48 0.65 -12.21
CA ASP D 172 60.67 2.08 -12.45
C ASP D 172 59.60 2.64 -13.39
N GLU D 173 59.75 3.92 -13.74
CA GLU D 173 58.84 4.64 -14.63
C GLU D 173 58.48 3.92 -15.95
N ASN D 174 59.33 2.98 -16.39
CA ASN D 174 59.16 2.31 -17.71
C ASN D 174 58.78 0.84 -17.67
N ILE D 175 59.30 0.10 -16.69
CA ILE D 175 58.99 -1.33 -16.52
C ILE D 175 58.54 -1.59 -15.06
N LEU D 176 57.34 -2.17 -14.92
CA LEU D 176 56.74 -2.46 -13.62
C LEU D 176 56.44 -3.96 -13.55
N TRP D 177 57.13 -4.64 -12.64
CA TRP D 177 56.89 -6.04 -12.37
C TRP D 177 55.70 -6.21 -11.40
N LEU D 178 54.85 -7.20 -11.69
CA LEU D 178 53.76 -7.63 -10.80
C LEU D 178 53.88 -9.12 -10.56
N ASP D 179 53.37 -9.59 -9.41
CA ASP D 179 53.47 -11.00 -9.05
C ASP D 179 52.30 -11.90 -9.47
N TYR D 180 51.37 -11.40 -10.29
CA TYR D 180 50.19 -12.18 -10.72
C TYR D 180 50.40 -12.76 -12.11
N LYS D 181 50.91 -13.99 -12.15
CA LYS D 181 51.35 -14.64 -13.39
C LYS D 181 50.31 -14.64 -14.52
N ASN D 182 49.01 -14.70 -14.18
CA ASN D 182 47.97 -14.82 -15.20
C ASN D 182 47.30 -13.52 -15.61
N ILE D 183 47.91 -12.40 -15.28
CA ILE D 183 47.27 -11.09 -15.48
C ILE D 183 46.81 -10.93 -16.93
N CYS D 184 47.65 -11.34 -17.87
CA CYS D 184 47.36 -11.17 -19.30
C CYS D 184 46.12 -11.92 -19.77
N LYS D 185 45.80 -13.01 -19.10
CA LYS D 185 44.64 -13.84 -19.42
C LYS D 185 43.29 -13.21 -19.01
N VAL D 186 43.32 -12.36 -17.98
CA VAL D 186 42.08 -11.81 -17.40
C VAL D 186 41.77 -10.36 -17.82
N VAL D 187 42.73 -9.70 -18.46
CA VAL D 187 42.56 -8.32 -18.95
C VAL D 187 42.55 -8.26 -20.48
N GLU D 188 42.00 -7.18 -21.02
CA GLU D 188 41.91 -6.97 -22.47
C GLU D 188 42.39 -5.55 -22.80
N VAL D 189 42.82 -5.32 -24.05
CA VAL D 189 43.07 -3.96 -24.52
C VAL D 189 41.87 -3.12 -24.11
N GLY D 190 42.12 -1.98 -23.46
CA GLY D 190 41.03 -1.15 -22.94
C GLY D 190 40.77 -1.30 -21.44
N SER D 191 41.16 -2.45 -20.87
CA SER D 191 41.05 -2.70 -19.41
C SER D 191 41.85 -1.71 -18.59
N LYS D 192 41.28 -1.30 -17.46
CA LYS D 192 41.95 -0.43 -16.51
C LYS D 192 42.68 -1.26 -15.44
N ILE D 193 43.83 -0.76 -14.98
CA ILE D 193 44.60 -1.37 -13.89
C ILE D 193 44.90 -0.29 -12.87
N TYR D 194 44.48 -0.52 -11.63
CA TYR D 194 44.75 0.40 -10.53
C TYR D 194 45.92 -0.12 -9.71
N VAL D 195 46.68 0.83 -9.18
CA VAL D 195 47.90 0.54 -8.44
C VAL D 195 47.92 1.42 -7.17
N ASP D 196 48.30 0.81 -6.05
CA ASP D 196 48.39 1.47 -4.75
C ASP D 196 47.05 2.01 -4.25
N ASP D 197 46.11 1.11 -3.95
CA ASP D 197 44.81 1.52 -3.43
C ASP D 197 44.10 2.52 -4.32
N GLY D 198 44.22 2.32 -5.62
CA GLY D 198 43.55 3.18 -6.59
C GLY D 198 44.15 4.56 -6.82
N LEU D 199 45.29 4.86 -6.18
CA LEU D 199 45.96 6.16 -6.36
C LEU D 199 46.36 6.39 -7.81
N ILE D 200 46.89 5.35 -8.45
CA ILE D 200 47.38 5.41 -9.83
C ILE D 200 46.52 4.55 -10.73
N SER D 201 46.22 5.05 -11.93
CA SER D 201 45.40 4.32 -12.89
C SER D 201 46.11 4.18 -14.24
N LEU D 202 46.11 2.95 -14.78
CA LEU D 202 46.68 2.65 -16.09
C LEU D 202 45.60 2.03 -16.98
N GLN D 203 45.70 2.25 -18.30
CA GLN D 203 44.85 1.58 -19.26
C GLN D 203 45.65 0.70 -20.19
N VAL D 204 45.18 -0.52 -20.45
CA VAL D 204 45.90 -1.46 -21.31
C VAL D 204 45.77 -1.07 -22.79
N LYS D 205 46.92 -0.96 -23.47
CA LYS D 205 46.94 -0.58 -24.91
C LYS D 205 47.40 -1.71 -25.84
N GLN D 206 48.30 -2.56 -25.37
CA GLN D 206 48.66 -3.80 -26.09
C GLN D 206 48.79 -4.94 -25.08
N LYS D 207 48.30 -6.13 -25.46
CA LYS D 207 48.36 -7.33 -24.61
C LYS D 207 49.05 -8.48 -25.35
N ASP D 210 53.70 -12.40 -22.00
CA ASP D 210 54.40 -12.16 -20.73
C ASP D 210 54.46 -10.66 -20.35
N PHE D 211 53.55 -9.86 -20.91
CA PHE D 211 53.69 -8.40 -20.87
C PHE D 211 52.39 -7.66 -21.24
N LEU D 212 52.28 -6.42 -20.81
CA LEU D 212 51.17 -5.55 -21.18
C LEU D 212 51.68 -4.10 -21.32
N VAL D 213 51.40 -3.47 -22.47
CA VAL D 213 51.82 -2.09 -22.68
C VAL D 213 50.64 -1.20 -22.32
N THR D 214 50.85 -0.32 -21.33
CA THR D 214 49.77 0.51 -20.80
C THR D 214 50.05 2.03 -20.95
N GLU D 215 49.00 2.83 -20.82
CA GLU D 215 49.10 4.29 -20.77
C GLU D 215 48.63 4.74 -19.39
N VAL D 216 49.40 5.62 -18.75
CA VAL D 216 49.04 6.14 -17.41
C VAL D 216 47.87 7.13 -17.51
N GLU D 217 46.71 6.76 -16.97
CA GLU D 217 45.50 7.60 -17.00
C GLU D 217 45.47 8.60 -15.83
N ASN D 218 45.76 8.10 -14.61
CA ASN D 218 45.91 8.92 -13.40
C ASN D 218 47.27 8.65 -12.78
N GLY D 219 48.12 9.68 -12.72
CA GLY D 219 49.52 9.52 -12.35
C GLY D 219 49.78 9.81 -10.88
N GLY D 220 51.01 9.54 -10.45
CA GLY D 220 51.42 9.82 -9.06
C GLY D 220 52.70 9.11 -8.69
N SER D 221 53.15 9.32 -7.45
CA SER D 221 54.38 8.71 -6.95
C SER D 221 54.18 7.23 -6.69
N LEU D 222 54.87 6.40 -7.48
CA LEU D 222 54.84 4.95 -7.34
C LEU D 222 55.97 4.49 -6.43
N GLY D 223 55.65 3.56 -5.53
CA GLY D 223 56.62 2.99 -4.60
C GLY D 223 56.75 1.49 -4.79
N SER D 224 57.28 0.83 -3.76
CA SER D 224 57.57 -0.61 -3.81
C SER D 224 56.44 -1.43 -3.19
N LYS D 225 56.20 -2.63 -3.73
CA LYS D 225 55.27 -3.60 -3.15
C LYS D 225 53.86 -3.01 -2.90
N LYS D 226 53.30 -2.40 -3.93
CA LYS D 226 51.99 -1.74 -3.83
C LYS D 226 50.86 -2.62 -4.36
N GLY D 227 49.68 -2.45 -3.77
CA GLY D 227 48.52 -3.26 -4.12
C GLY D 227 47.91 -2.92 -5.49
N VAL D 228 47.50 -3.95 -6.21
CA VAL D 228 46.97 -3.81 -7.57
C VAL D 228 45.54 -4.36 -7.63
N ASN D 229 44.67 -3.59 -8.29
CA ASN D 229 43.27 -3.99 -8.52
C ASN D 229 42.92 -3.97 -10.01
N LEU D 230 42.10 -4.92 -10.45
CA LEU D 230 41.69 -5.03 -11.85
C LEU D 230 40.19 -4.94 -12.00
N PRO D 231 39.64 -3.70 -12.08
CA PRO D 231 38.19 -3.48 -12.19
C PRO D 231 37.53 -4.24 -13.32
N GLY D 232 36.46 -4.95 -13.01
CA GLY D 232 35.67 -5.67 -14.02
C GLY D 232 36.24 -7.03 -14.45
N ALA D 233 37.46 -7.33 -14.01
CA ALA D 233 38.14 -8.57 -14.38
C ALA D 233 37.64 -9.74 -13.52
N ALA D 234 37.54 -10.91 -14.14
CA ALA D 234 37.34 -12.18 -13.45
C ALA D 234 38.72 -12.71 -13.02
N VAL D 235 39.15 -12.30 -11.82
CA VAL D 235 40.46 -12.65 -11.28
C VAL D 235 40.42 -14.12 -10.85
N ASP D 236 41.41 -14.89 -11.28
CA ASP D 236 41.42 -16.32 -11.07
C ASP D 236 42.42 -16.80 -10.00
N LEU D 237 43.03 -15.86 -9.27
CA LEU D 237 43.74 -16.19 -8.03
C LEU D 237 42.92 -17.22 -7.21
N PRO D 238 43.62 -18.10 -6.47
CA PRO D 238 42.96 -19.11 -5.62
C PRO D 238 41.99 -18.49 -4.60
N ALA D 239 40.94 -19.23 -4.26
CA ALA D 239 39.94 -18.77 -3.29
C ALA D 239 40.61 -18.43 -1.97
N VAL D 240 41.64 -19.20 -1.63
CA VAL D 240 42.44 -18.99 -0.44
C VAL D 240 43.89 -19.12 -0.84
N SER D 241 44.73 -18.21 -0.34
CA SER D 241 46.18 -18.32 -0.52
C SER D 241 46.76 -19.40 0.39
N GLU D 242 48.03 -19.74 0.16
CA GLU D 242 48.75 -20.67 1.03
C GLU D 242 48.80 -20.11 2.47
N LYS D 243 49.02 -18.81 2.61
CA LYS D 243 48.98 -18.15 3.94
C LYS D 243 47.57 -18.27 4.56
N ASP D 244 46.52 -18.00 3.78
CA ASP D 244 45.13 -18.15 4.27
C ASP D 244 44.87 -19.55 4.84
N ILE D 245 45.31 -20.58 4.14
CA ILE D 245 45.12 -21.95 4.65
C ILE D 245 45.74 -22.14 6.05
N GLN D 246 46.96 -21.66 6.22
CA GLN D 246 47.61 -21.69 7.51
C GLN D 246 46.82 -20.92 8.57
N ASP D 247 46.31 -19.75 8.20
CA ASP D 247 45.59 -18.87 9.14
C ASP D 247 44.23 -19.44 9.51
N LEU D 248 43.54 -20.04 8.54
CA LEU D 248 42.24 -20.67 8.80
C LEU D 248 42.41 -21.85 9.75
N LYS D 249 43.38 -22.73 9.47
CA LYS D 249 43.68 -23.85 10.39
C LYS D 249 43.98 -23.39 11.81
N PHE D 250 44.77 -22.30 11.95
CA PHE D 250 45.03 -21.63 13.24
C PHE D 250 43.73 -21.13 13.90
N GLY D 251 42.84 -20.60 13.07
CA GLY D 251 41.52 -20.17 13.55
C GLY D 251 40.74 -21.32 14.19
N VAL D 252 40.81 -22.50 13.58
CA VAL D 252 40.19 -23.69 14.18
C VAL D 252 40.87 -24.04 15.54
N GLU D 253 42.21 -24.07 15.58
CA GLU D 253 42.95 -24.30 16.85
C GLU D 253 42.46 -23.40 17.93
N GLN D 254 42.32 -22.12 17.56
CA GLN D 254 42.02 -21.04 18.49
C GLN D 254 40.51 -20.89 18.81
N ASP D 255 39.69 -21.71 18.17
CA ASP D 255 38.27 -21.82 18.47
C ASP D 255 37.55 -20.50 18.15
N VAL D 256 37.84 -19.95 16.98
CA VAL D 256 37.18 -18.70 16.56
C VAL D 256 35.72 -19.01 16.20
N ASP D 257 34.89 -17.97 16.25
CA ASP D 257 33.45 -18.09 16.05
C ASP D 257 33.05 -17.94 14.61
N MET D 258 33.87 -17.23 13.84
CA MET D 258 33.53 -16.87 12.48
C MET D 258 34.78 -16.42 11.75
N VAL D 259 34.76 -16.59 10.43
CA VAL D 259 35.79 -16.17 9.53
C VAL D 259 35.17 -15.15 8.56
N PHE D 260 35.85 -14.02 8.38
CA PHE D 260 35.54 -13.06 7.35
C PHE D 260 36.50 -13.32 6.20
N ALA D 261 35.98 -13.93 5.14
CA ALA D 261 36.78 -14.46 4.04
C ALA D 261 36.92 -13.38 2.99
N SER D 262 38.16 -12.95 2.75
CA SER D 262 38.44 -11.83 1.83
C SER D 262 38.30 -12.20 0.37
N PHE D 263 37.87 -11.21 -0.43
CA PHE D 263 37.90 -11.28 -1.90
C PHE D 263 37.13 -12.47 -2.48
N ILE D 264 35.92 -12.70 -1.97
CA ILE D 264 35.06 -13.80 -2.45
C ILE D 264 34.37 -13.36 -3.74
N ARG D 265 34.53 -14.14 -4.80
CA ARG D 265 34.06 -13.79 -6.14
C ARG D 265 32.94 -14.69 -6.67
N LYS D 266 32.72 -15.83 -6.01
CA LYS D 266 31.87 -16.90 -6.53
C LYS D 266 31.61 -17.94 -5.44
N ALA D 267 30.54 -18.72 -5.59
CA ALA D 267 30.18 -19.73 -4.58
C ALA D 267 31.34 -20.71 -4.32
N SER D 268 32.06 -21.09 -5.38
CA SER D 268 33.15 -22.04 -5.26
C SER D 268 34.25 -21.55 -4.32
N ASP D 269 34.45 -20.24 -4.23
CA ASP D 269 35.40 -19.67 -3.28
C ASP D 269 34.97 -19.97 -1.84
N VAL D 270 33.68 -19.83 -1.56
CA VAL D 270 33.14 -20.08 -0.23
C VAL D 270 33.27 -21.57 0.11
N HIS D 271 33.02 -22.43 -0.87
CA HIS D 271 33.10 -23.88 -0.66
C HIS D 271 34.55 -24.30 -0.28
N GLU D 272 35.54 -23.62 -0.85
CA GLU D 272 36.96 -23.89 -0.54
C GLU D 272 37.33 -23.47 0.87
N VAL D 273 36.85 -22.31 1.32
CA VAL D 273 37.07 -21.89 2.70
C VAL D 273 36.44 -22.90 3.69
N ARG D 274 35.24 -23.33 3.36
CA ARG D 274 34.49 -24.31 4.14
C ARG D 274 35.27 -25.62 4.22
N LYS D 275 35.83 -26.04 3.09
CA LYS D 275 36.66 -27.27 3.02
C LYS D 275 37.88 -27.17 3.94
N VAL D 276 38.57 -26.04 3.92
CA VAL D 276 39.76 -25.84 4.74
C VAL D 276 39.44 -25.91 6.24
N LEU D 277 38.34 -25.27 6.64
CA LEU D 277 37.90 -25.32 8.04
C LEU D 277 37.52 -26.75 8.42
N GLY D 278 36.99 -27.49 7.45
CA GLY D 278 36.76 -28.93 7.57
C GLY D 278 35.75 -29.35 8.64
N GLU D 279 35.80 -30.64 9.00
CA GLU D 279 34.89 -31.19 9.98
C GLU D 279 35.08 -30.50 11.31
N LYS D 280 36.33 -30.28 11.72
CA LYS D 280 36.60 -29.66 13.01
C LYS D 280 36.04 -28.24 13.04
N GLY D 281 36.09 -27.54 11.91
CA GLY D 281 35.59 -26.16 11.85
C GLY D 281 34.20 -26.02 11.28
N LYS D 282 33.41 -27.09 11.26
CA LYS D 282 32.13 -27.10 10.56
C LYS D 282 31.10 -26.12 11.14
N ASN D 283 31.23 -25.73 12.42
CA ASN D 283 30.25 -24.81 13.05
C ASN D 283 30.72 -23.36 13.07
N ILE D 284 31.92 -23.11 12.55
CA ILE D 284 32.42 -21.75 12.42
C ILE D 284 31.69 -21.09 11.25
N LYS D 285 31.15 -19.91 11.50
CA LYS D 285 30.39 -19.19 10.46
C LYS D 285 31.30 -18.55 9.46
N ILE D 286 30.93 -18.62 8.20
CA ILE D 286 31.74 -18.04 7.11
C ILE D 286 30.97 -16.85 6.55
N ILE D 287 31.56 -15.66 6.69
CA ILE D 287 30.99 -14.40 6.25
C ILE D 287 31.81 -13.99 5.05
N SER D 288 31.18 -13.95 3.88
CA SER D 288 31.91 -13.67 2.65
C SER D 288 32.06 -12.15 2.45
N LYS D 289 33.28 -11.71 2.21
CA LYS D 289 33.58 -10.30 1.95
C LYS D 289 33.48 -10.02 0.47
N ILE D 290 32.52 -9.15 0.11
CA ILE D 290 32.27 -8.75 -1.29
C ILE D 290 33.09 -7.47 -1.55
N GLU D 291 34.04 -7.55 -2.47
CA GLU D 291 35.09 -6.55 -2.62
C GLU D 291 35.30 -6.09 -4.05
N ASN D 292 34.61 -6.70 -5.01
CA ASN D 292 34.81 -6.37 -6.43
C ASN D 292 33.57 -6.61 -7.29
N HIS D 293 33.68 -6.27 -8.58
CA HIS D 293 32.55 -6.37 -9.49
C HIS D 293 32.00 -7.80 -9.61
N GLU D 294 32.88 -8.77 -9.78
CA GLU D 294 32.45 -10.15 -9.95
C GLU D 294 31.65 -10.60 -8.70
N GLY D 295 32.12 -10.26 -7.52
CA GLY D 295 31.39 -10.58 -6.29
C GLY D 295 29.98 -9.96 -6.24
N VAL D 296 29.86 -8.71 -6.68
CA VAL D 296 28.53 -8.11 -6.73
C VAL D 296 27.65 -8.84 -7.76
N ARG D 297 28.21 -9.12 -8.94
CA ARG D 297 27.45 -9.73 -10.04
C ARG D 297 26.98 -11.14 -9.66
N ARG D 298 27.85 -11.87 -8.97
CA ARG D 298 27.55 -13.23 -8.52
C ARG D 298 27.08 -13.30 -7.06
N PHE D 299 26.50 -12.21 -6.55
CA PHE D 299 26.10 -12.11 -5.16
C PHE D 299 25.14 -13.22 -4.70
N ASP D 300 24.12 -13.51 -5.51
CA ASP D 300 23.11 -14.49 -5.07
C ASP D 300 23.71 -15.86 -4.78
N GLU D 301 24.61 -16.34 -5.63
CA GLU D 301 25.23 -17.67 -5.41
C GLU D 301 26.16 -17.65 -4.19
N ILE D 302 26.77 -16.49 -3.95
CA ILE D 302 27.68 -16.34 -2.83
C ILE D 302 26.88 -16.37 -1.54
N LEU D 303 25.78 -15.66 -1.53
CA LEU D 303 24.95 -15.55 -0.35
C LEU D 303 24.40 -16.89 0.03
N GLU D 304 23.92 -17.63 -0.98
CA GLU D 304 23.36 -18.95 -0.77
C GLU D 304 24.38 -19.86 -0.05
N ALA D 305 25.65 -19.77 -0.44
CA ALA D 305 26.69 -20.67 0.09
C ALA D 305 27.27 -20.20 1.43
N SER D 306 27.02 -18.93 1.81
CA SER D 306 27.66 -18.34 3.00
C SER D 306 26.70 -18.36 4.17
N ASP D 307 27.25 -18.08 5.34
CA ASP D 307 26.46 -17.82 6.52
C ASP D 307 26.02 -16.36 6.62
N GLY D 308 26.73 -15.47 5.95
CA GLY D 308 26.50 -14.04 6.01
C GLY D 308 27.45 -13.31 5.08
N ILE D 309 27.34 -11.98 5.06
CA ILE D 309 28.03 -11.15 4.08
C ILE D 309 28.63 -9.94 4.78
N MET D 310 29.82 -9.52 4.33
CA MET D 310 30.35 -8.18 4.66
C MET D 310 30.44 -7.34 3.38
N VAL D 311 29.86 -6.15 3.42
CA VAL D 311 30.00 -5.18 2.38
C VAL D 311 31.35 -4.51 2.67
N ALA D 312 32.37 -4.91 1.91
CA ALA D 312 33.74 -4.47 2.19
C ALA D 312 33.99 -3.22 1.35
N ARG D 313 33.54 -2.08 1.87
CA ARG D 313 33.37 -0.87 1.04
C ARG D 313 34.69 -0.24 0.59
N GLY D 314 35.73 -0.38 1.40
CA GLY D 314 37.10 0.07 1.05
C GLY D 314 37.55 -0.36 -0.33
N ASP D 315 37.79 -1.66 -0.48
CA ASP D 315 38.22 -2.20 -1.76
C ASP D 315 37.13 -2.17 -2.84
N LEU D 316 35.86 -2.30 -2.45
CA LEU D 316 34.76 -2.21 -3.42
C LEU D 316 34.80 -0.87 -4.17
N GLY D 317 35.12 0.21 -3.46
CA GLY D 317 35.19 1.55 -4.06
C GLY D 317 36.50 1.85 -4.79
N ILE D 318 37.46 0.94 -4.73
CA ILE D 318 38.60 0.95 -5.67
C ILE D 318 38.17 0.21 -6.95
N GLU D 319 37.51 -0.94 -6.79
CA GLU D 319 37.14 -1.81 -7.90
C GLU D 319 36.00 -1.29 -8.76
N ILE D 320 35.05 -0.59 -8.13
CA ILE D 320 33.94 0.07 -8.84
C ILE D 320 33.97 1.56 -8.52
N PRO D 321 33.33 2.40 -9.36
CA PRO D 321 33.31 3.84 -9.06
C PRO D 321 32.78 4.12 -7.65
N ALA D 322 33.48 4.98 -6.92
CA ALA D 322 33.13 5.30 -5.54
C ALA D 322 31.66 5.71 -5.39
N GLU D 323 31.13 6.47 -6.36
CA GLU D 323 29.76 6.98 -6.32
C GLU D 323 28.71 5.91 -6.45
N LYS D 324 29.13 4.69 -6.79
CA LYS D 324 28.20 3.56 -6.90
C LYS D 324 28.20 2.66 -5.69
N VAL D 325 29.12 2.86 -4.76
CA VAL D 325 29.21 1.93 -3.61
C VAL D 325 27.89 1.87 -2.81
N PHE D 326 27.20 3.01 -2.61
CA PHE D 326 25.95 3.01 -1.82
C PHE D 326 24.86 2.10 -2.45
N LEU D 327 24.88 1.97 -3.79
CA LEU D 327 23.94 1.10 -4.50
C LEU D 327 24.27 -0.36 -4.19
N ALA D 328 25.55 -0.70 -4.25
CA ALA D 328 26.01 -2.07 -3.92
C ALA D 328 25.66 -2.39 -2.47
N GLN D 329 25.86 -1.44 -1.54
CA GLN D 329 25.55 -1.65 -0.10
C GLN D 329 24.06 -1.89 0.09
N LYS D 330 23.24 -1.04 -0.52
CA LYS D 330 21.79 -1.15 -0.32
C LYS D 330 21.25 -2.44 -0.95
N MET D 331 21.76 -2.82 -2.13
CA MET D 331 21.37 -4.08 -2.77
C MET D 331 21.72 -5.27 -1.88
N MET D 332 22.95 -5.31 -1.40
CA MET D 332 23.38 -6.48 -0.58
C MET D 332 22.66 -6.56 0.77
N ILE D 333 22.44 -5.42 1.43
CA ILE D 333 21.68 -5.39 2.67
C ILE D 333 20.24 -5.83 2.45
N GLY D 334 19.59 -5.30 1.43
CA GLY D 334 18.25 -5.74 1.08
C GLY D 334 18.20 -7.23 0.83
N ARG D 335 19.11 -7.75 0.01
CA ARG D 335 19.08 -9.20 -0.32
C ARG D 335 19.37 -10.11 0.88
N CYS D 336 20.23 -9.67 1.78
CA CYS D 336 20.50 -10.42 3.01
C CYS D 336 19.27 -10.39 3.93
N ASN D 337 18.61 -9.24 4.02
CA ASN D 337 17.39 -9.09 4.78
C ASN D 337 16.29 -10.05 4.23
N ARG D 338 16.22 -10.16 2.91
CA ARG D 338 15.23 -11.03 2.25
C ARG D 338 15.58 -12.51 2.50
N ALA D 339 16.86 -12.84 2.64
CA ALA D 339 17.26 -14.23 2.93
C ALA D 339 17.37 -14.56 4.45
N GLY D 340 17.26 -13.57 5.32
CA GLY D 340 17.44 -13.81 6.75
C GLY D 340 18.88 -14.14 7.13
N LYS D 341 19.85 -13.70 6.32
CA LYS D 341 21.24 -13.93 6.64
C LYS D 341 21.91 -12.61 7.07
N PRO D 342 22.82 -12.69 8.04
CA PRO D 342 23.47 -11.49 8.59
C PRO D 342 24.33 -10.74 7.54
N VAL D 343 24.26 -9.41 7.60
CA VAL D 343 25.04 -8.55 6.77
C VAL D 343 25.75 -7.49 7.63
N ILE D 344 27.03 -7.28 7.35
CA ILE D 344 27.91 -6.33 8.04
C ILE D 344 28.27 -5.17 7.10
N CYS D 345 28.12 -3.95 7.58
CA CYS D 345 28.60 -2.76 6.88
C CYS D 345 29.99 -2.43 7.44
N ALA D 346 30.97 -2.28 6.54
CA ALA D 346 32.34 -2.06 6.94
C ALA D 346 32.99 -0.88 6.21
N THR D 347 33.98 -0.32 6.90
CA THR D 347 35.05 0.54 6.38
C THR D 347 34.73 2.03 6.46
N GLN D 348 35.61 2.78 7.14
CA GLN D 348 35.52 4.26 7.23
C GLN D 348 34.24 4.86 7.84
N MET D 349 33.50 4.07 8.61
CA MET D 349 32.24 4.56 9.16
C MET D 349 32.41 5.77 10.08
N LEU D 350 33.47 5.75 10.88
CA LEU D 350 33.78 6.84 11.80
C LEU D 350 35.25 7.27 11.63
N GLU D 351 35.72 7.28 10.38
CA GLU D 351 37.15 7.34 10.07
C GLU D 351 37.88 8.48 10.78
N SER D 352 37.27 9.65 10.83
CA SER D 352 37.96 10.85 11.37
C SER D 352 38.26 10.67 12.87
N MET D 353 37.57 9.72 13.54
CA MET D 353 37.74 9.48 14.97
C MET D 353 39.05 8.73 15.28
N ILE D 354 39.79 8.35 14.25
CA ILE D 354 41.20 7.88 14.43
C ILE D 354 42.00 9.00 15.10
N LYS D 355 41.74 10.24 14.68
CA LYS D 355 42.50 11.41 15.16
C LYS D 355 41.71 12.43 16.02
N LYS D 356 40.38 12.40 15.93
CA LYS D 356 39.52 13.37 16.63
C LYS D 356 38.47 12.69 17.53
N PRO D 357 38.08 13.35 18.65
CA PRO D 357 37.20 12.72 19.66
C PRO D 357 35.72 12.68 19.30
N ARG D 358 35.36 13.36 18.21
CA ARG D 358 33.99 13.41 17.73
C ARG D 358 34.03 13.16 16.24
N PRO D 359 32.98 12.53 15.68
CA PRO D 359 33.03 12.22 14.25
C PRO D 359 32.52 13.37 13.39
N THR D 360 32.67 13.25 12.08
CA THR D 360 32.09 14.26 11.19
C THR D 360 30.59 14.02 11.07
N ARG D 361 29.90 14.98 10.48
CA ARG D 361 28.46 14.85 10.29
C ARG D 361 28.15 13.77 9.27
N ALA D 362 29.04 13.58 8.30
CA ALA D 362 28.84 12.52 7.30
C ALA D 362 28.95 11.14 7.94
N GLU D 363 29.91 11.02 8.86
CA GLU D 363 30.11 9.78 9.61
C GLU D 363 28.90 9.40 10.48
N GLY D 364 28.35 10.35 11.21
CA GLY D 364 27.14 10.08 12.00
C GLY D 364 26.00 9.60 11.09
N SER D 365 25.85 10.25 9.96
CA SER D 365 24.83 9.92 8.99
C SER D 365 25.05 8.51 8.40
N ASP D 366 26.30 8.20 8.06
CA ASP D 366 26.66 6.87 7.50
C ASP D 366 26.27 5.72 8.46
N VAL D 367 26.62 5.84 9.71
CA VAL D 367 26.25 4.82 10.69
C VAL D 367 24.71 4.66 10.81
N ALA D 368 23.98 5.78 10.96
CA ALA D 368 22.52 5.76 11.12
C ALA D 368 21.88 5.14 9.89
N ASN D 369 22.33 5.54 8.71
CA ASN D 369 21.79 4.98 7.47
C ASN D 369 22.10 3.51 7.23
N ALA D 370 23.25 3.01 7.74
CA ALA D 370 23.54 1.59 7.60
C ALA D 370 22.49 0.78 8.40
N VAL D 371 22.16 1.29 9.58
CA VAL D 371 21.11 0.68 10.45
C VAL D 371 19.73 0.81 9.78
N LEU D 372 19.41 1.97 9.25
CA LEU D 372 18.13 2.13 8.59
C LEU D 372 17.98 1.26 7.32
N ASP D 373 19.07 1.04 6.60
CA ASP D 373 19.15 0.17 5.45
C ASP D 373 18.81 -1.27 5.85
N GLY D 374 19.23 -1.66 7.05
CA GLY D 374 18.96 -3.01 7.56
C GLY D 374 20.18 -3.84 7.96
N ALA D 375 21.34 -3.20 8.09
CA ALA D 375 22.58 -3.91 8.45
C ALA D 375 22.45 -4.58 9.83
N ASP D 376 22.81 -5.86 9.91
CA ASP D 376 22.77 -6.59 11.18
C ASP D 376 23.87 -6.10 12.11
N CYS D 377 25.03 -5.83 11.51
CA CYS D 377 26.21 -5.35 12.25
C CYS D 377 26.87 -4.15 11.56
N ILE D 378 27.56 -3.36 12.37
CA ILE D 378 28.40 -2.26 11.87
C ILE D 378 29.80 -2.49 12.42
N MET D 379 30.82 -1.93 11.75
CA MET D 379 32.21 -2.33 12.01
C MET D 379 33.10 -1.09 12.14
N LEU D 380 34.16 -1.27 12.95
CA LEU D 380 35.21 -0.27 13.15
C LEU D 380 36.53 -0.96 12.84
N SER D 381 37.38 -0.25 12.10
CA SER D 381 38.67 -0.80 11.66
C SER D 381 39.78 0.02 12.39
N GLY D 382 40.46 0.92 11.69
CA GLY D 382 41.46 1.79 12.36
C GLY D 382 40.97 2.53 13.58
N GLU D 383 39.68 2.91 13.59
CA GLU D 383 39.14 3.63 14.70
C GLU D 383 39.35 2.94 16.06
N THR D 384 39.32 1.60 16.07
CA THR D 384 39.57 0.83 17.28
C THR D 384 40.94 0.13 17.28
N ALA D 385 41.49 -0.17 16.11
CA ALA D 385 42.76 -0.94 16.00
C ALA D 385 43.94 -0.07 16.44
N LYS D 386 43.95 1.17 15.99
CA LYS D 386 45.16 2.00 16.09
C LYS D 386 44.94 3.46 16.48
N GLY D 387 43.68 3.90 16.50
CA GLY D 387 43.39 5.29 16.71
C GLY D 387 43.58 5.79 18.12
N ASP D 388 43.47 7.10 18.27
CA ASP D 388 43.59 7.71 19.58
C ASP D 388 42.34 7.69 20.44
N TYR D 389 41.19 7.28 19.87
CA TYR D 389 39.93 7.38 20.57
C TYR D 389 39.09 6.11 20.37
N PRO D 390 39.68 4.92 20.68
CA PRO D 390 38.94 3.68 20.41
C PRO D 390 37.61 3.53 21.20
N LEU D 391 37.62 3.88 22.49
CA LEU D 391 36.42 3.76 23.32
C LEU D 391 35.33 4.75 22.84
N GLU D 392 35.73 5.97 22.50
CA GLU D 392 34.77 6.96 21.98
C GLU D 392 34.09 6.50 20.69
N ALA D 393 34.86 5.82 19.83
CA ALA D 393 34.38 5.32 18.52
C ALA D 393 33.35 4.25 18.75
N VAL D 394 33.66 3.30 19.65
CA VAL D 394 32.65 2.27 20.08
C VAL D 394 31.38 2.89 20.68
N ARG D 395 31.56 3.83 21.61
CA ARG D 395 30.44 4.47 22.26
C ARG D 395 29.57 5.19 21.24
N MET D 396 30.20 5.83 20.25
CA MET D 396 29.43 6.59 19.24
C MET D 396 28.60 5.63 18.35
N GLN D 397 29.18 4.52 17.94
CA GLN D 397 28.45 3.54 17.16
C GLN D 397 27.23 3.03 17.97
N HIS D 398 27.44 2.76 19.27
CA HIS D 398 26.36 2.36 20.16
C HIS D 398 25.22 3.41 20.18
N LEU D 399 25.57 4.68 20.39
CA LEU D 399 24.57 5.73 20.54
C LEU D 399 23.79 5.93 19.26
N ILE D 400 24.50 5.99 18.12
CA ILE D 400 23.82 6.21 16.82
C ILE D 400 22.91 5.02 16.49
N ALA D 401 23.43 3.80 16.67
CA ALA D 401 22.64 2.60 16.36
C ALA D 401 21.33 2.54 17.15
N ARG D 402 21.38 2.88 18.43
CA ARG D 402 20.19 2.85 19.25
C ARG D 402 19.19 3.89 18.80
N GLU D 403 19.69 5.07 18.42
CA GLU D 403 18.77 6.09 17.90
C GLU D 403 18.13 5.67 16.59
N ALA D 404 18.94 5.07 15.71
CA ALA D 404 18.50 4.72 14.36
C ALA D 404 17.53 3.53 14.42
N GLU D 405 17.73 2.64 15.38
CA GLU D 405 16.83 1.50 15.55
C GLU D 405 15.39 1.94 15.88
N ALA D 406 15.26 2.97 16.73
CA ALA D 406 13.94 3.51 17.11
C ALA D 406 13.25 4.20 15.92
N ALA D 407 14.07 4.76 15.02
CA ALA D 407 13.61 5.50 13.85
C ALA D 407 13.20 4.62 12.66
N ILE D 408 13.37 3.31 12.77
CA ILE D 408 12.92 2.36 11.76
C ILE D 408 11.38 2.47 11.64
N TYR D 409 10.90 2.40 10.40
CA TYR D 409 9.45 2.35 10.09
C TYR D 409 8.97 0.92 10.08
N HIS D 410 8.79 0.36 11.28
CA HIS D 410 8.52 -1.08 11.36
C HIS D 410 7.19 -1.44 10.70
N LEU D 411 6.24 -0.51 10.70
CA LEU D 411 4.92 -0.77 10.08
C LEU D 411 5.08 -1.28 8.66
N GLN D 412 5.81 -0.54 7.82
CA GLN D 412 6.09 -0.99 6.49
C GLN D 412 7.07 -2.14 6.40
N LEU D 413 8.13 -2.07 7.21
CA LEU D 413 9.18 -3.08 7.15
C LEU D 413 8.61 -4.51 7.40
N PHE D 414 7.89 -4.65 8.49
CA PHE D 414 7.29 -5.96 8.84
C PHE D 414 6.24 -6.38 7.80
N GLU D 415 5.41 -5.45 7.34
CA GLU D 415 4.46 -5.76 6.23
C GLU D 415 5.17 -6.35 5.03
N GLU D 416 6.29 -5.75 4.62
CA GLU D 416 7.01 -6.23 3.44
C GLU D 416 7.74 -7.55 3.65
N LEU D 417 8.39 -7.70 4.80
CA LEU D 417 9.12 -8.93 5.12
C LEU D 417 8.18 -10.15 5.02
N ARG D 418 6.97 -10.00 5.55
CA ARG D 418 5.92 -11.03 5.44
C ARG D 418 5.51 -11.37 4.00
N ARG D 419 5.17 -10.35 3.22
CA ARG D 419 4.75 -10.56 1.82
C ARG D 419 5.80 -11.31 1.04
N LEU D 420 7.06 -10.99 1.32
CA LEU D 420 8.16 -11.58 0.63
C LEU D 420 8.59 -12.91 1.29
N ALA D 421 8.02 -13.21 2.48
CA ALA D 421 8.31 -14.45 3.23
C ALA D 421 7.45 -15.62 2.73
N PRO D 422 8.09 -16.61 2.09
CA PRO D 422 7.40 -17.82 1.59
C PRO D 422 6.52 -18.52 2.63
N ILE D 423 5.39 -19.04 2.16
CA ILE D 423 4.62 -19.97 2.96
C ILE D 423 5.40 -21.30 2.95
N THR D 424 5.73 -21.81 4.13
CA THR D 424 6.36 -23.14 4.26
C THR D 424 5.65 -23.88 5.36
N SER D 425 5.87 -25.18 5.44
CA SER D 425 5.30 -25.98 6.52
C SER D 425 6.18 -26.01 7.80
N ASP D 426 7.29 -25.23 7.84
CA ASP D 426 8.14 -25.22 9.02
C ASP D 426 7.47 -24.59 10.23
N PRO D 427 7.31 -25.37 11.32
CA PRO D 427 6.69 -24.83 12.53
C PRO D 427 7.48 -23.74 13.21
N THR D 428 8.83 -23.82 13.20
CA THR D 428 9.61 -22.79 13.88
C THR D 428 9.40 -21.45 13.17
N GLU D 429 9.36 -21.47 11.83
CA GLU D 429 9.16 -20.24 11.04
C GLU D 429 7.81 -19.63 11.34
N ALA D 430 6.77 -20.45 11.38
CA ALA D 430 5.42 -19.92 11.68
C ALA D 430 5.33 -19.42 13.13
N THR D 431 5.97 -20.14 14.07
CA THR D 431 6.01 -19.69 15.46
C THR D 431 6.75 -18.37 15.56
N ALA D 432 7.85 -18.23 14.81
CA ALA D 432 8.66 -16.99 14.84
C ALA D 432 7.88 -15.76 14.32
N VAL D 433 7.24 -15.92 13.17
CA VAL D 433 6.45 -14.79 12.65
C VAL D 433 5.26 -14.45 13.54
N GLY D 434 4.60 -15.48 14.11
CA GLY D 434 3.55 -15.29 15.10
C GLY D 434 4.05 -14.48 16.28
N ALA D 435 5.25 -14.82 16.77
CA ALA D 435 5.88 -14.12 17.91
C ALA D 435 6.16 -12.64 17.63
N VAL D 436 6.64 -12.36 16.43
CA VAL D 436 6.93 -10.98 16.06
C VAL D 436 5.63 -10.18 15.89
N GLU D 437 4.64 -10.75 15.22
CA GLU D 437 3.34 -10.11 15.15
C GLU D 437 2.77 -9.85 16.54
N ALA D 438 2.78 -10.85 17.42
CA ALA D 438 2.31 -10.63 18.79
C ALA D 438 3.11 -9.54 19.51
N SER D 439 4.43 -9.48 19.26
CA SER D 439 5.26 -8.47 19.90
C SER D 439 4.88 -7.03 19.50
N PHE D 440 4.48 -6.84 18.25
CA PHE D 440 3.96 -5.55 17.83
C PHE D 440 2.61 -5.22 18.42
N LYS D 441 1.73 -6.22 18.49
CA LYS D 441 0.36 -6.01 18.97
C LYS D 441 0.35 -5.50 20.43
N CYS D 442 1.25 -6.01 21.28
CA CYS D 442 1.23 -5.65 22.72
C CYS D 442 2.45 -4.83 23.16
N CYS D 443 3.20 -4.32 22.17
CA CYS D 443 4.41 -3.51 22.40
C CYS D 443 5.23 -4.15 23.52
N SER D 444 5.63 -5.40 23.26
CA SER D 444 6.25 -6.24 24.28
C SER D 444 7.65 -5.74 24.60
N GLY D 445 8.10 -6.01 25.82
CA GLY D 445 9.41 -5.58 26.28
C GLY D 445 10.55 -6.40 25.69
N ALA D 446 10.23 -7.60 25.21
CA ALA D 446 11.21 -8.55 24.68
C ALA D 446 10.54 -9.76 24.06
N ILE D 447 11.29 -10.44 23.19
CA ILE D 447 10.96 -11.77 22.76
C ILE D 447 12.07 -12.68 23.30
N ILE D 448 11.70 -13.59 24.18
CA ILE D 448 12.63 -14.54 24.82
C ILE D 448 12.57 -15.84 24.02
N VAL D 449 13.72 -16.36 23.61
CA VAL D 449 13.77 -17.54 22.76
C VAL D 449 14.81 -18.50 23.33
N LEU D 450 14.40 -19.72 23.64
CA LEU D 450 15.38 -20.76 23.98
C LEU D 450 15.91 -21.33 22.70
N THR D 451 17.22 -21.55 22.65
CA THR D 451 17.86 -22.05 21.45
C THR D 451 19.18 -22.75 21.75
N LYS D 452 19.38 -23.90 21.08
CA LYS D 452 20.64 -24.66 21.18
C LYS D 452 21.64 -24.14 20.18
N SER D 453 21.19 -24.03 18.93
CA SER D 453 22.06 -23.72 17.78
C SER D 453 22.05 -22.24 17.42
N GLY D 454 21.05 -21.52 17.92
CA GLY D 454 20.79 -20.12 17.54
C GLY D 454 19.64 -19.98 16.55
N ARG D 455 19.30 -21.06 15.86
CA ARG D 455 18.43 -20.95 14.70
C ARG D 455 17.07 -20.37 15.02
N SER D 456 16.46 -20.78 16.13
CA SER D 456 15.13 -20.27 16.45
C SER D 456 15.16 -18.75 16.66
N ALA D 457 16.23 -18.26 17.29
CA ALA D 457 16.40 -16.80 17.53
C ALA D 457 16.66 -16.07 16.19
N HIS D 458 17.44 -16.70 15.31
CA HIS D 458 17.72 -16.14 13.98
C HIS D 458 16.42 -15.98 13.19
N GLN D 459 15.53 -16.95 13.33
CA GLN D 459 14.27 -16.90 12.60
C GLN D 459 13.37 -15.76 13.05
N VAL D 460 13.43 -15.39 14.33
CA VAL D 460 12.69 -14.24 14.88
C VAL D 460 13.35 -12.98 14.34
N ALA D 461 14.68 -12.92 14.42
CA ALA D 461 15.44 -11.71 14.00
C ALA D 461 15.16 -11.29 12.57
N ARG D 462 15.00 -12.24 11.66
CA ARG D 462 14.71 -11.88 10.26
C ARG D 462 13.43 -11.06 10.02
N TYR D 463 12.49 -11.07 10.96
CA TYR D 463 11.24 -10.31 10.83
C TYR D 463 11.34 -8.94 11.51
N ARG D 464 12.52 -8.62 12.05
CA ARG D 464 12.83 -7.29 12.50
C ARG D 464 11.86 -6.70 13.51
N PRO D 465 11.67 -7.40 14.64
CA PRO D 465 10.87 -6.81 15.71
C PRO D 465 11.53 -5.57 16.32
N ARG D 466 10.71 -4.69 16.88
N ARG D 466 10.71 -4.70 16.89
CA ARG D 466 11.22 -3.58 17.68
CA ARG D 466 11.19 -3.57 17.68
C ARG D 466 11.81 -4.11 18.98
C ARG D 466 11.78 -4.10 19.00
N ALA D 467 11.11 -5.09 19.56
CA ALA D 467 11.49 -5.65 20.86
C ALA D 467 12.83 -6.41 20.77
N PRO D 468 13.69 -6.26 21.80
CA PRO D 468 14.91 -7.07 21.83
C PRO D 468 14.63 -8.58 21.91
N ILE D 469 15.50 -9.38 21.32
CA ILE D 469 15.37 -10.83 21.28
C ILE D 469 16.38 -11.37 22.28
N ILE D 470 15.91 -11.81 23.44
CA ILE D 470 16.83 -12.42 24.42
C ILE D 470 16.94 -13.91 24.14
N ALA D 471 18.08 -14.34 23.59
CA ALA D 471 18.27 -15.73 23.18
C ALA D 471 19.02 -16.44 24.29
N VAL D 472 18.37 -17.40 24.93
CA VAL D 472 18.93 -18.09 26.10
C VAL D 472 19.41 -19.42 25.62
N THR D 473 20.71 -19.68 25.85
CA THR D 473 21.39 -20.89 25.37
C THR D 473 22.36 -21.38 26.45
N ARG D 474 22.60 -22.69 26.44
CA ARG D 474 23.69 -23.29 27.23
C ARG D 474 24.93 -23.52 26.34
N ASN D 475 24.84 -23.24 25.05
CA ASN D 475 25.97 -23.46 24.15
C ASN D 475 26.76 -22.14 24.05
N PRO D 476 28.01 -22.11 24.53
CA PRO D 476 28.76 -20.85 24.52
C PRO D 476 29.03 -20.31 23.12
N GLN D 477 29.29 -21.19 22.15
CA GLN D 477 29.54 -20.74 20.77
C GLN D 477 28.27 -20.12 20.16
N THR D 478 27.12 -20.77 20.36
CA THR D 478 25.85 -20.16 19.97
C THR D 478 25.69 -18.73 20.51
N ALA D 479 25.96 -18.55 21.79
CA ALA D 479 25.86 -17.26 22.46
C ALA D 479 26.74 -16.17 21.83
N ARG D 480 27.95 -16.55 21.46
CA ARG D 480 28.88 -15.63 20.78
C ARG D 480 28.46 -15.30 19.34
N GLN D 481 28.11 -16.35 18.58
CA GLN D 481 27.76 -16.21 17.16
C GLN D 481 26.45 -15.44 16.95
N ALA D 482 25.57 -15.48 17.95
CA ALA D 482 24.24 -14.79 17.88
C ALA D 482 24.38 -13.27 17.63
N HIS D 483 25.53 -12.70 18.01
CA HIS D 483 25.79 -11.26 17.80
C HIS D 483 25.73 -10.83 16.34
N LEU D 484 25.83 -11.78 15.42
CA LEU D 484 25.74 -11.49 13.99
C LEU D 484 24.34 -11.01 13.56
N TYR D 485 23.33 -11.24 14.38
CA TYR D 485 21.93 -10.99 13.98
C TYR D 485 21.28 -9.79 14.70
N ARG D 486 20.72 -8.87 13.91
CA ARG D 486 20.08 -7.70 14.48
C ARG D 486 19.07 -8.10 15.53
N GLY D 487 19.12 -7.44 16.67
CA GLY D 487 18.12 -7.64 17.72
C GLY D 487 18.41 -8.73 18.71
N ILE D 488 19.36 -9.61 18.45
CA ILE D 488 19.62 -10.71 19.39
C ILE D 488 20.57 -10.24 20.50
N PHE D 489 20.13 -10.44 21.73
CA PHE D 489 20.94 -10.21 22.91
CA PHE D 489 20.95 -10.21 22.93
C PHE D 489 21.16 -11.60 23.52
N PRO D 490 22.33 -12.19 23.25
CA PRO D 490 22.53 -13.59 23.68
C PRO D 490 22.94 -13.68 25.14
N VAL D 491 22.35 -14.64 25.84
CA VAL D 491 22.67 -14.86 27.24
C VAL D 491 23.02 -16.34 27.43
N LEU D 492 24.08 -16.58 28.21
CA LEU D 492 24.61 -17.92 28.40
C LEU D 492 24.19 -18.42 29.79
N CYS D 493 23.28 -19.38 29.80
CA CYS D 493 22.78 -19.95 31.06
C CYS D 493 23.76 -21.04 31.49
N LYS D 494 24.23 -20.94 32.73
CA LYS D 494 25.16 -21.92 33.29
C LYS D 494 24.55 -22.77 34.43
N ASP D 495 23.25 -22.61 34.67
CA ASP D 495 22.54 -23.40 35.66
C ASP D 495 22.54 -24.88 35.29
N PRO D 496 22.56 -25.77 36.31
CA PRO D 496 22.44 -27.17 36.06
C PRO D 496 21.12 -27.53 35.41
N VAL D 497 21.12 -28.64 34.68
CA VAL D 497 19.92 -29.12 34.05
C VAL D 497 18.98 -29.64 35.14
N GLN D 498 17.74 -29.16 35.14
CA GLN D 498 16.74 -29.60 36.12
C GLN D 498 16.22 -30.97 35.77
N GLU D 499 15.75 -31.68 36.78
CA GLU D 499 15.45 -33.12 36.61
C GLU D 499 14.16 -33.38 35.83
N ALA D 500 13.20 -32.45 35.89
CA ALA D 500 12.02 -32.46 35.05
C ALA D 500 12.29 -31.49 33.88
N TRP D 501 12.26 -31.99 32.65
CA TRP D 501 12.62 -31.15 31.48
C TRP D 501 11.79 -29.83 31.41
N ALA D 502 10.49 -29.91 31.72
CA ALA D 502 9.63 -28.72 31.69
C ALA D 502 10.07 -27.71 32.72
N GLU D 503 10.56 -28.17 33.87
CA GLU D 503 11.14 -27.25 34.85
C GLU D 503 12.48 -26.63 34.39
N ASP D 504 13.26 -27.39 33.63
CA ASP D 504 14.48 -26.87 33.04
C ASP D 504 14.16 -25.80 31.98
N VAL D 505 13.09 -26.00 31.21
CA VAL D 505 12.64 -24.94 30.27
C VAL D 505 12.28 -23.70 31.03
N ASP D 506 11.52 -23.86 32.11
CA ASP D 506 11.02 -22.73 32.87
C ASP D 506 12.17 -21.99 33.55
N LEU D 507 13.17 -22.74 34.02
CA LEU D 507 14.35 -22.10 34.63
C LEU D 507 15.05 -21.11 33.67
N ARG D 508 15.21 -21.53 32.41
CA ARG D 508 15.88 -20.72 31.37
C ARG D 508 15.06 -19.53 30.99
N VAL D 509 13.74 -19.70 30.95
CA VAL D 509 12.85 -18.56 30.71
C VAL D 509 12.99 -17.56 31.86
N ASN D 510 13.00 -18.07 33.08
CA ASN D 510 13.18 -17.19 34.25
C ASN D 510 14.54 -16.48 34.26
N PHE D 511 15.59 -17.16 33.83
CA PHE D 511 16.92 -16.52 33.66
C PHE D 511 16.85 -15.28 32.75
N ALA D 512 16.12 -15.43 31.65
CA ALA D 512 15.96 -14.34 30.67
C ALA D 512 15.17 -13.19 31.27
N MET D 513 14.18 -13.52 32.09
CA MET D 513 13.44 -12.46 32.82
C MET D 513 14.38 -11.69 33.72
N ASN D 514 15.25 -12.41 34.43
CA ASN D 514 16.20 -11.72 35.31
C ASN D 514 17.18 -10.86 34.53
N VAL D 515 17.65 -11.35 33.38
CA VAL D 515 18.56 -10.57 32.53
C VAL D 515 17.85 -9.28 32.07
N GLY D 516 16.64 -9.41 31.56
CA GLY D 516 15.89 -8.22 31.11
C GLY D 516 15.63 -7.18 32.19
N LYS D 517 15.24 -7.62 33.38
CA LYS D 517 15.04 -6.71 34.53
C LYS D 517 16.39 -6.10 34.92
N ALA D 518 17.42 -6.93 35.04
CA ALA D 518 18.72 -6.40 35.48
C ALA D 518 19.30 -5.37 34.49
N ARG D 519 19.05 -5.56 33.19
CA ARG D 519 19.60 -4.70 32.16
CA ARG D 519 19.61 -4.70 32.16
C ARG D 519 18.66 -3.57 31.78
N GLY D 520 17.51 -3.52 32.45
CA GLY D 520 16.51 -2.48 32.24
C GLY D 520 15.85 -2.50 30.88
N PHE D 521 15.71 -3.70 30.31
CA PHE D 521 14.94 -3.87 29.08
C PHE D 521 13.45 -3.80 29.38
N PHE D 522 13.08 -4.27 30.58
CA PHE D 522 11.70 -4.30 31.01
C PHE D 522 11.64 -4.44 32.53
N LYS D 523 10.45 -4.36 33.09
CA LYS D 523 10.25 -4.45 34.53
C LYS D 523 9.08 -5.31 34.82
N LYS D 524 8.99 -5.76 36.06
CA LYS D 524 7.89 -6.54 36.58
C LYS D 524 6.58 -5.95 36.07
N GLY D 525 5.71 -6.80 35.53
CA GLY D 525 4.41 -6.34 35.02
C GLY D 525 4.35 -6.11 33.53
N ASP D 526 5.48 -5.79 32.91
CA ASP D 526 5.53 -5.69 31.46
C ASP D 526 5.16 -7.02 30.82
N VAL D 527 4.79 -6.95 29.54
CA VAL D 527 4.41 -8.15 28.80
C VAL D 527 5.56 -8.52 27.89
N VAL D 528 5.90 -9.81 27.87
CA VAL D 528 6.92 -10.34 26.98
C VAL D 528 6.41 -11.57 26.23
N ILE D 529 7.03 -11.85 25.09
CA ILE D 529 6.73 -13.03 24.31
C ILE D 529 7.81 -14.05 24.62
N VAL D 530 7.40 -15.32 24.82
CA VAL D 530 8.34 -16.40 25.10
C VAL D 530 8.18 -17.54 24.10
N LEU D 531 9.30 -17.96 23.51
CA LEU D 531 9.35 -19.03 22.56
C LEU D 531 10.10 -20.26 23.06
N THR D 532 9.42 -21.39 23.03
CA THR D 532 9.96 -22.66 23.46
C THR D 532 9.51 -23.77 22.55
N GLY D 533 9.99 -25.00 22.82
CA GLY D 533 9.60 -26.14 22.01
C GLY D 533 8.99 -27.26 22.80
N TRP D 534 8.53 -28.28 22.09
CA TRP D 534 7.70 -29.32 22.71
C TRP D 534 8.48 -30.53 23.23
N ARG D 535 9.73 -30.62 22.85
CA ARG D 535 10.59 -31.70 23.30
C ARG D 535 12.02 -31.16 23.21
N PRO D 536 12.98 -31.81 23.88
CA PRO D 536 14.38 -31.38 23.81
C PRO D 536 15.02 -31.63 22.47
N GLY D 537 16.13 -30.95 22.23
CA GLY D 537 16.84 -31.08 20.98
C GLY D 537 16.48 -29.98 20.03
N SER D 538 17.36 -29.70 19.07
CA SER D 538 17.10 -28.64 18.06
C SER D 538 15.98 -29.03 17.13
N GLY D 539 15.24 -28.03 16.67
CA GLY D 539 14.32 -28.17 15.54
C GLY D 539 12.86 -28.33 15.92
N PHE D 540 12.55 -28.15 17.20
CA PHE D 540 11.22 -28.38 17.73
C PHE D 540 10.55 -27.15 18.35
N THR D 541 11.12 -25.97 18.14
CA THR D 541 10.47 -24.73 18.57
C THR D 541 9.08 -24.60 17.92
N ASN D 542 8.06 -24.48 18.75
CA ASN D 542 6.66 -24.50 18.27
C ASN D 542 5.67 -23.81 19.18
N THR D 543 6.14 -23.16 20.24
CA THR D 543 5.31 -22.64 21.33
C THR D 543 5.57 -21.15 21.61
N MET D 544 4.54 -20.33 21.45
CA MET D 544 4.59 -18.88 21.73
C MET D 544 3.63 -18.57 22.82
N ARG D 545 4.13 -17.96 23.91
CA ARG D 545 3.33 -17.54 25.03
C ARG D 545 3.53 -16.06 25.28
N VAL D 546 2.45 -15.39 25.67
CA VAL D 546 2.48 -14.01 26.05
C VAL D 546 2.40 -14.03 27.57
N VAL D 547 3.46 -13.55 28.22
CA VAL D 547 3.62 -13.75 29.69
C VAL D 547 4.00 -12.44 30.40
N PRO D 548 3.56 -12.28 31.64
CA PRO D 548 4.01 -11.15 32.45
C PRO D 548 5.43 -11.38 32.98
N VAL D 549 6.24 -10.33 32.98
CA VAL D 549 7.53 -10.36 33.67
C VAL D 549 7.22 -10.46 35.18
N PRO D 550 7.77 -11.50 35.87
CA PRO D 550 7.53 -11.64 37.31
C PRO D 550 8.36 -10.66 38.14
P1 FBP E . -11.02 16.87 -36.04
O1P FBP E . -10.97 18.39 -36.19
O2P FBP E . -12.40 16.41 -35.54
O3P FBP E . -10.66 16.13 -37.31
O1 FBP E . -9.93 16.46 -34.92
C1 FBP E . -9.97 17.08 -33.65
C2 FBP E . -9.25 16.17 -32.66
O2 FBP E . -9.23 16.77 -31.33
C3 FBP E . -7.84 15.86 -33.16
O3 FBP E . -6.88 16.85 -32.84
C4 FBP E . -7.60 14.51 -32.50
O4 FBP E . -6.54 13.75 -33.04
C5 FBP E . -8.97 13.86 -32.71
O5 FBP E . -9.92 14.90 -32.57
C6 FBP E . -9.22 12.74 -31.72
O6 FBP E . -10.03 11.76 -32.34
P2 FBP E . -9.81 10.26 -31.90
O4P FBP E . -8.35 9.95 -32.04
O5P FBP E . -10.63 9.45 -32.90
O6P FBP E . -10.29 10.18 -30.44
O1 TLA F . -31.62 -12.66 -23.21
O11 TLA F . -30.22 -13.53 -24.68
C1 TLA F . -30.68 -13.44 -23.52
C2 TLA F . -30.07 -14.35 -22.50
O2 TLA F . -30.93 -14.45 -21.36
C3 TLA F . -28.67 -13.85 -22.11
O3 TLA F . -28.64 -12.42 -22.04
C4 TLA F . -28.31 -14.47 -20.75
O4 TLA F . -28.38 -15.72 -20.65
O41 TLA F . -27.93 -13.74 -19.79
CAY DYY G . -12.30 -6.35 1.89
CAY DYY G . -12.06 -2.23 -7.03
CAZ DYY G . -12.75 -5.98 3.16
CAZ DYY G . -11.81 -2.65 -8.34
OBA DYY G . -13.97 -6.43 3.57
OBA DYY G . -12.85 -2.86 -9.20
CBB DYY G . -14.03 -6.67 4.99
CBB DYY G . -12.52 -2.50 -10.56
CAO DYY G . -13.54 -5.43 5.75
CAO DYY G . -11.31 -3.33 -10.96
OAN DYY G . -12.34 -4.78 5.22
OAN DYY G . -10.19 -3.25 -10.02
CAM DYY G . -11.95 -5.17 3.97
CAM DYY G . -10.49 -2.85 -8.76
CAL DYY G . -10.71 -4.76 3.50
CAL DYY G . -9.44 -2.63 -7.87
CAK DYY G . -10.28 -5.12 2.23
CAK DYY G . -9.70 -2.21 -6.56
CAX DYY G . -11.06 -5.91 1.43
CAX DYY G . -11.01 -2.03 -6.13
SAW DYY G . -10.50 -6.40 -0.17
SAW DYY G . -11.33 -1.49 -4.50
OBD DYY G . -11.11 -7.73 -0.50
OBD DYY G . -12.63 -0.72 -4.51
OAJ DYY G . -9.02 -6.58 -0.10
OAJ DYY G . -10.22 -0.56 -4.15
NAV DYY G . -10.89 -5.34 -1.44
NAV DYY G . -11.37 -2.71 -3.24
CAU DYY G . -10.00 -4.14 -1.48
CAU DYY G . -10.00 -3.13 -2.84
CAT DYY G . -10.23 -3.36 -2.80
CAT DYY G . -10.10 -3.84 -1.48
CAI DYY G . -12.31 -4.91 -1.52
CAI DYY G . -12.21 -3.94 -3.42
CAH DYY G . -12.52 -4.12 -2.83
CAH DYY G . -12.25 -4.77 -2.08
NAG DYY G . -11.64 -2.93 -2.82
NAG DYY G . -10.86 -5.10 -1.67
SAF DYY G . -12.02 -1.80 -4.01
SAF DYY G . -10.57 -6.21 -0.37
OAS DYY G . -11.32 -0.52 -3.67
OAS DYY G . -9.10 -6.20 -0.07
OAB DYY G . -13.51 -1.58 -4.01
OAB DYY G . -10.97 -7.59 -0.78
CAE DYY G . -11.57 -2.23 -5.66
CAE DYY G . -11.34 -5.86 1.18
CAD DYY G . -12.49 -2.87 -6.49
CAD DYY G . -12.69 -6.06 1.43
FAA DYY G . -13.72 -3.19 -6.01
FAA DYY G . -13.51 -6.51 0.45
CAC DYY G . -12.13 -3.21 -7.80
CAC DYY G . -13.21 -5.77 2.69
CAP DYY G . -10.87 -2.89 -8.29
CAP DYY G . -12.38 -5.31 3.70
CAQ DYY G . -9.95 -2.24 -7.46
CAQ DYY G . -11.03 -5.12 3.47
CAR DYY G . -10.31 -1.90 -6.16
CAR DYY G . -10.52 -5.41 2.21
FBC DYY G . -9.43 -1.27 -5.37
FBC DYY G . -9.21 -5.24 1.96
UNK UNX H . -30.73 -13.80 -27.57
UNK UNX I . -30.41 9.68 -17.22
UNK UNX J . -29.31 -13.69 -34.93
UNK UNX K . -13.94 -2.48 -18.72
UNK UNX L . -38.02 5.46 -41.42
UNK UNX M . -8.22 -18.35 -24.07
PB ADP N . -35.05 -14.62 -23.16
O1B ADP N . -36.26 -15.00 -22.34
O2B ADP N . -33.77 -14.62 -22.36
O3B ADP N . -34.88 -15.32 -24.49
PA ADP N . -34.89 -11.68 -22.95
O1A ADP N . -34.17 -10.80 -23.92
O2A ADP N . -34.18 -12.06 -21.68
O3A ADP N . -35.36 -13.09 -23.64
O5' ADP N . -36.24 -10.83 -22.97
C5' ADP N . -36.72 -10.89 -24.36
C4' ADP N . -37.81 -9.95 -24.86
O4' ADP N . -37.44 -9.38 -26.13
C3' ADP N . -39.13 -10.65 -25.17
O3' ADP N . -40.03 -10.74 -24.05
C2' ADP N . -39.72 -9.82 -26.29
O2' ADP N . -40.45 -8.73 -25.78
C1' ADP N . -38.55 -9.20 -27.01
N9 ADP N . -38.34 -9.84 -28.35
P1 FBP O . -10.90 -24.77 31.42
O1P FBP O . -10.10 -26.04 31.67
O2P FBP O . -12.00 -25.09 30.40
O3P FBP O . -11.42 -24.09 32.70
O1 FBP O . -9.90 -23.70 30.76
C1 FBP O . -9.15 -24.03 29.63
C2 FBP O . -8.83 -22.72 28.90
O2 FBP O . -7.92 -23.02 27.82
C3 FBP O . -8.16 -21.71 29.84
O3 FBP O . -6.76 -21.90 29.95
C4 FBP O . -8.49 -20.39 29.18
O4 FBP O . -8.35 -19.23 29.98
C5 FBP O . -9.94 -20.65 28.74
O5 FBP O . -9.99 -22.02 28.39
C6 FBP O . -10.42 -19.77 27.58
O6 FBP O . -11.79 -19.45 27.76
P2 FBP O . -12.35 -17.99 27.37
O4P FBP O . -11.51 -16.88 27.90
O5P FBP O . -13.78 -17.95 27.87
O6P FBP O . -12.29 -17.97 25.79
O1 TLA P . -37.87 -10.30 9.38
O11 TLA P . -38.13 -9.14 11.24
C1 TLA P . -37.66 -9.27 10.09
C2 TLA P . -36.79 -8.19 9.49
O2 TLA P . -36.52 -7.10 10.41
C3 TLA P . -37.51 -7.67 8.25
O3 TLA P . -38.87 -7.29 8.52
C4 TLA P . -36.73 -6.52 7.70
O4 TLA P . -35.62 -6.75 7.20
O41 TLA P . -37.24 -5.38 7.77
UNK UNX Q . -46.81 -24.80 11.14
UNK UNX R . -39.93 -9.88 13.96
UNK UNX S . -24.69 -26.39 12.88
UNK UNX T . -19.44 -19.62 11.99
UNK UNX U . -12.32 -15.39 7.99
UNK UNX V . -13.97 -18.00 35.04
O1 TLA W . -33.58 9.92 11.59
O11 TLA W . -31.66 10.52 12.48
C1 TLA W . -32.91 10.44 12.50
C2 TLA W . -33.63 11.02 13.68
O2 TLA W . -35.05 10.92 13.50
C3 TLA W . -33.31 12.52 13.77
O3 TLA W . -33.77 13.12 12.55
C4 TLA W . -33.98 13.17 14.98
O4 TLA W . -33.63 12.79 16.12
O41 TLA W . -34.85 14.03 14.80
C6 FBP X . 4.35 32.18 -16.52
O6 FBP X . 3.74 31.52 -15.42
P2 FBP X . 4.28 31.51 -13.89
O4P FBP X . 3.05 31.53 -12.97
O5P FBP X . 5.11 32.75 -13.59
O6P FBP X . 5.05 30.23 -13.54
O1 TLA Y . 26.65 23.78 9.55
O11 TLA Y . 26.92 24.89 11.40
C1 TLA Y . 26.81 24.86 10.15
C2 TLA Y . 26.89 26.18 9.38
O2 TLA Y . 26.60 26.00 7.98
C3 TLA Y . 28.33 26.69 9.48
O3 TLA Y . 29.19 25.63 9.05
C4 TLA Y . 28.51 27.84 8.54
O4 TLA Y . 28.01 28.97 8.79
O41 TLA Y . 29.16 27.62 7.49
UNK UNX Z . 9.50 34.07 -19.41
UNK UNX AA . 29.62 44.59 8.33
O1 TLA BA . 35.41 29.89 4.16
O11 TLA BA . 34.36 31.81 4.02
C1 TLA BA . 35.37 31.12 3.83
C2 TLA BA . 36.60 31.81 3.25
O2 TLA BA . 37.53 30.82 2.77
C3 TLA BA . 37.20 32.76 4.34
O3 TLA BA . 37.42 32.08 5.58
C4 TLA BA . 38.50 33.36 3.94
O4 TLA BA . 39.53 32.97 4.60
O41 TLA BA . 38.49 34.20 2.98
CAY DYY CA . 13.01 -0.06 4.93
CAY DYY CA . 11.06 8.42 0.42
CAZ DYY CA . 13.60 -1.28 4.61
CAZ DYY CA . 10.74 9.72 0.81
OBA DYY CA . 14.92 -1.47 4.86
OBA DYY CA . 11.74 10.65 0.83
CBB DYY CA . 15.24 -2.83 5.18
CBB DYY CA . 11.29 11.97 0.48
CAO DYY CA . 14.79 -3.65 4.01
CAO DYY CA . 10.19 12.34 1.45
OAN DYY CA . 13.37 -3.51 3.71
OAN DYY CA . 9.11 11.34 1.52
CAM DYY CA . 12.82 -2.29 4.03
CAM DYY CA . 9.45 10.06 1.14
CAL DYY CA . 11.47 -2.06 3.79
CAL DYY CA . 8.44 9.07 1.09
CAK DYY CA . 10.89 -0.84 4.11
CAK DYY CA . 8.75 7.77 0.71
CAX DYY CA . 11.66 0.17 4.67
CAX DYY CA . 10.06 7.42 0.38
SAW DYY CA . 10.90 1.70 5.09
SAW DYY CA . 10.47 5.76 -0.12
OBD DYY CA . 11.48 2.22 6.37
OBD DYY CA . 11.50 5.86 -1.20
OAJ DYY CA . 9.44 1.41 5.28
OAJ DYY CA . 9.25 5.13 -0.67
NAV DYY CA . 11.02 2.96 3.91
NAV DYY CA . 11.00 4.67 1.14
CAU DYY CA . 10.11 2.78 2.76
CAU DYY CA . 9.83 4.03 1.77
CAT DYY CA . 10.09 4.09 1.94
CAT DYY CA . 10.29 2.82 2.61
CAI DYY CA . 12.40 3.24 3.42
CAI DYY CA . 11.93 5.15 2.19
CAH DYY CA . 12.37 4.53 2.57
CAH DYY CA . 12.33 3.95 3.12
NAG DYY CA . 11.46 4.32 1.43
NAG DYY CA . 11.10 3.35 3.71
SAF DYY CA . 11.56 5.45 0.18
SAF DYY CA . 11.32 2.24 5.00
OAS DYY CA . 10.82 4.95 -1.01
OAS DYY CA . 9.97 1.93 5.57
OAB DYY CA . 13.00 5.65 -0.17
OAB DYY CA . 12.18 2.84 6.06
CAE DYY CA . 10.89 7.05 0.56
CAE DYY CA . 12.02 0.66 4.55
CAD DYY CA . 11.75 8.07 1.01
CAD DYY CA . 13.40 0.41 4.56
FAA DYY CA . 13.08 7.86 1.18
FAA DYY CA . 14.30 1.38 4.87
CAC DYY CA . 11.21 9.32 1.31
CAC DYY CA . 13.85 -0.87 4.21
CAP DYY CA . 9.84 9.56 1.14
CAP DYY CA . 12.96 -1.89 3.89
CAQ DYY CA . 9.00 8.55 0.69
CAQ DYY CA . 11.58 -1.64 3.91
CAR DYY CA . 9.52 7.29 0.39
CAR DYY CA . 11.13 -0.37 4.24
FBC DYY CA . 8.70 6.32 -0.04
FBC DYY CA . 9.82 -0.10 4.26
P1 FBP DA . 16.82 -28.33 25.13
O1P FBP DA . 16.25 -28.63 26.53
O2P FBP DA . 17.81 -27.17 25.21
O3P FBP DA . 17.37 -29.57 24.42
O1 FBP DA . 15.58 -27.84 24.24
C1 FBP DA . 14.95 -26.59 24.46
C2 FBP DA . 14.33 -26.09 23.15
O2 FBP DA . 13.47 -24.99 23.53
C3 FBP DA . 13.61 -27.18 22.32
O3 FBP DA . 12.30 -27.49 22.75
C4 FBP DA . 13.72 -26.62 20.90
O4 FBP DA . 13.54 -27.50 19.80
C5 FBP DA . 15.16 -26.06 20.96
O5 FBP DA . 15.38 -25.63 22.33
C6 FBP DA . 15.39 -24.95 19.95
O6 FBP DA . 16.75 -24.96 19.56
P2 FBP DA . 17.20 -24.59 18.02
O4P FBP DA . 16.34 -25.36 17.11
O5P FBP DA . 18.67 -24.98 17.91
O6P FBP DA . 16.96 -23.10 17.94
O1 TLA EA . 39.95 -6.08 5.40
O11 TLA EA . 39.57 -4.16 6.46
C1 TLA EA . 39.32 -4.99 5.54
C2 TLA EA . 38.23 -4.63 4.56
O2 TLA EA . 37.99 -5.67 3.61
C3 TLA EA . 38.66 -3.35 3.81
O3 TLA EA . 39.97 -3.54 3.27
C4 TLA EA . 37.66 -3.02 2.73
O4 TLA EA . 36.55 -2.58 3.06
O41 TLA EA . 37.96 -3.21 1.55
UNK UNX FA . 35.56 -17.58 22.51
UNK UNX GA . 35.23 -18.13 20.55
UNK UNX HA . 41.81 -8.28 5.97
UNK UNX IA . 40.16 6.10 17.17
O1 TLA JA . 32.96 -8.55 -13.22
O11 TLA JA . 31.11 -9.71 -13.44
C1 TLA JA . 32.34 -9.57 -13.60
C2 TLA JA . 33.16 -10.68 -14.26
O2 TLA JA . 34.56 -10.37 -14.23
C3 TLA JA . 32.71 -10.92 -15.71
O3 TLA JA . 32.73 -9.71 -16.47
C4 TLA JA . 33.61 -11.95 -16.33
O4 TLA JA . 33.36 -13.17 -16.10
O41 TLA JA . 34.57 -11.58 -17.05
#